data_1RTD
#
_entry.id   1RTD
#
_cell.length_a   78.840
_cell.length_b   150.700
_cell.length_c   280.880
_cell.angle_alpha   90.00
_cell.angle_beta   90.00
_cell.angle_gamma   90.00
#
_symmetry.space_group_name_H-M   'P 21 21 21'
#
loop_
_entity.id
_entity.type
_entity.pdbx_description
1 polymer 'DNA TEMPLATE FOR REVERSE TRANSCRIPTASE'
2 polymer 'DNA PRIMER FOR REVERSE TRANSCRIPTASE'
3 polymer 'PROTEIN (REVERSE TRANSCRIPTASE)'
4 polymer 'PROTEIN (REVERSE TRANSCRIPTASE)'
5 non-polymer 'MAGNESIUM ION'
6 non-polymer "THYMIDINE-5'-TRIPHOSPHATE"
#
loop_
_entity_poly.entity_id
_entity_poly.type
_entity_poly.pdbx_seq_one_letter_code
_entity_poly.pdbx_strand_id
1 'polydeoxyribonucleotide'
;(DA)(DT)(DG)(DC)(DA)(DC)(DC)(DG)(DG)(DC)(DG)(DC)(DT)(DC)(DG)(DA)(DA)(DC)(DA)(DG)
(DG)(DG)(DA)(DC)(DT)(DG)(DT)
;
E,G
2 'polydeoxyribonucleotide'
;(DC)(DA)(DG)(DT)(DC)(DC)(DC)(DT)(DG)(DT)(DT)(DC)(DG)(DA)(DG)(DC)(DG)(DC)(DC)(DG)
(DG)
;
F,H
3 'polypeptide(L)'
;KISPIETVPVKLKPGMDGPKVKQWPLTEEKIKALVEICTEMEKEGKISKIGPENPYNTPVFAIKKKDSTKWRKLVDFREL
NKRTQDFWEVQLGIPHPAGLKKKKSVTVLDVGDAYFSVPLDEDFRKYTAFTIPSINNETPGIRYQYNVLPQGWKGSPAIF
QSSMTKILEPFRKQNPDIVIYQYMDDLYVGSDLEIGQHRTKIEELRQHLLRWGLTTPDKKHQKEPPFLWMGYELHPDKWT
VQPIVLPEKDSWTVNDICKLVGKLNWASQIYPGIKVRQLCKLLRGTKALTEVIPLTEEAELELAENREILKEPVHGVYYD
PSKDLIAEIQKQGQGQWTYQIYQEPFKNLKTGKYARMRGAHTNDVKQLTEAVQKITTESIVIWGKTPKFKLPIQKETWET
WWTEYWQATWIPEWEFVNTPPLVKLWYQLEKEPIVGAETFYVDGAANRETKLGKAGYVTNKGRQKVVPLTDTTNQKTQLQ
AIYLALQDSGLEVNIVTDSQYALGIIQAQPDESESELVNQIIEQLIKKEKVYLAWVPAHKGIGGNEQVDKLVSA
;
A,C
4 'polypeptide(L)'
;PISPIETVPVKLKPGMDGPKVKQWPLTEEKIKALVEICTEMEKEGKISKIGPENPYNTPVFAIKKKDSTKWRKLVDFREL
NKRTQDFWEVQLGIPHPAGLKKKKSVTVLDVGDAYFSVPLDEDFRKYTAFTIPSINNETPGIRYQYNVLPQGWKGSPAIF
QSSMTKILEPFRKQNPDIVIYQYMDDLYVGSDLEIGQHRTKIEELRQHLLRWGLTTPDKKHQKEPPFLWMGYELHPDKWT
VQPIVLPEKDSWTVNDIQKLVGKLNWASQIYPGIKVRQLCKLLRGTKALTEVIPLTEEAELELAENREILKEPVHGVYYD
PSKDLIAEIQKQGQGQWTYQIYQEPFKNLKTGKYARMRGAHTNDVKQLTEAVQKITTESIVIWGKTPKFKLPIQKETWET
WWTEYWQATWIPEWEFVNTPPLVKLWYQLEKEPIVGAETF
;
B,D
#
loop_
_chem_comp.id
_chem_comp.type
_chem_comp.name
_chem_comp.formula
DA DNA linking 2'-DEOXYADENOSINE-5'-MONOPHOSPHATE 'C10 H14 N5 O6 P'
DC DNA linking 2'-DEOXYCYTIDINE-5'-MONOPHOSPHATE 'C9 H14 N3 O7 P'
DG DNA linking 2'-DEOXYGUANOSINE-5'-MONOPHOSPHATE 'C10 H14 N5 O7 P'
DT DNA linking THYMIDINE-5'-MONOPHOSPHATE 'C10 H15 N2 O8 P'
MG non-polymer 'MAGNESIUM ION' 'Mg 2'
TTP non-polymer THYMIDINE-5'-TRIPHOSPHATE 'C10 H17 N2 O14 P3'
#
# COMPACT_ATOMS: atom_id res chain seq x y z
N LYS E 1 46.02 66.14 -26.50
CA LYS E 1 47.01 65.07 -26.80
C LYS E 1 46.33 63.76 -27.26
N ILE E 2 46.75 63.31 -28.43
CA ILE E 2 46.32 62.06 -29.07
C ILE E 2 47.63 61.27 -29.22
N SER E 3 47.55 59.95 -29.03
CA SER E 3 48.71 59.08 -29.11
C SER E 3 49.42 59.03 -30.45
N PRO E 4 50.77 59.02 -30.43
CA PRO E 4 51.48 58.96 -31.70
C PRO E 4 51.73 57.52 -32.12
N ILE E 5 51.07 56.58 -31.43
CA ILE E 5 51.18 55.14 -31.70
C ILE E 5 50.60 54.86 -33.10
N GLU E 6 51.19 53.89 -33.80
CA GLU E 6 50.77 53.49 -35.15
C GLU E 6 49.36 52.93 -35.07
N THR E 7 48.60 53.14 -36.12
CA THR E 7 47.22 52.67 -36.16
C THR E 7 47.10 51.20 -36.48
N VAL E 8 46.03 50.59 -35.99
CA VAL E 8 45.73 49.19 -36.29
C VAL E 8 44.98 49.29 -37.62
N PRO E 9 45.47 48.60 -38.69
CA PRO E 9 44.80 48.65 -39.98
C PRO E 9 43.46 47.91 -39.96
N VAL E 10 42.41 48.66 -40.23
CA VAL E 10 41.07 48.11 -40.23
C VAL E 10 40.52 48.03 -41.65
N LYS E 11 39.71 47.00 -41.87
CA LYS E 11 39.08 46.70 -43.15
C LYS E 11 37.59 46.49 -42.89
N LEU E 12 36.78 46.60 -43.95
CA LEU E 12 35.34 46.34 -43.88
C LEU E 12 35.15 45.00 -44.53
N LYS E 13 34.14 44.24 -44.09
CA LYS E 13 33.85 42.94 -44.68
C LYS E 13 33.71 43.08 -46.20
N PRO E 14 34.42 42.22 -46.96
CA PRO E 14 34.41 42.21 -48.43
C PRO E 14 33.06 42.41 -49.14
N GLY E 15 33.04 43.40 -50.04
CA GLY E 15 31.86 43.73 -50.81
C GLY E 15 30.83 44.67 -50.20
N MET E 16 31.01 44.99 -48.93
CA MET E 16 30.10 45.88 -48.21
C MET E 16 30.66 47.27 -48.06
N ASP E 17 29.74 48.24 -48.13
CA ASP E 17 30.02 49.66 -48.02
C ASP E 17 29.70 50.09 -46.59
N GLY E 18 30.07 51.31 -46.25
CA GLY E 18 29.81 51.85 -44.93
C GLY E 18 28.35 52.26 -44.74
N PRO E 19 27.94 52.62 -43.50
CA PRO E 19 26.57 53.03 -43.13
C PRO E 19 26.05 54.38 -43.64
N LYS E 20 24.80 54.37 -44.09
CA LYS E 20 24.15 55.58 -44.59
C LYS E 20 22.84 55.75 -43.80
N VAL E 21 22.90 55.50 -42.48
CA VAL E 21 21.73 55.63 -41.60
C VAL E 21 21.57 57.05 -41.01
N LYS E 22 20.33 57.54 -40.98
CA LYS E 22 19.94 58.88 -40.50
C LYS E 22 20.01 59.01 -38.97
N GLN E 23 20.15 60.26 -38.50
CA GLN E 23 20.23 60.60 -37.09
C GLN E 23 18.82 60.80 -36.55
N TRP E 24 18.48 60.15 -35.43
CA TRP E 24 17.15 60.26 -34.81
C TRP E 24 17.03 61.53 -33.96
N PRO E 25 15.81 62.14 -33.88
CA PRO E 25 15.68 63.36 -33.06
C PRO E 25 15.95 63.08 -31.56
N LEU E 26 16.74 63.97 -30.97
CA LEU E 26 17.13 63.84 -29.56
C LEU E 26 16.48 64.89 -28.66
N THR E 27 16.81 64.82 -27.37
CA THR E 27 16.34 65.75 -26.32
C THR E 27 17.19 67.01 -26.44
N GLU E 28 16.59 68.17 -26.10
CA GLU E 28 17.28 69.46 -26.15
C GLU E 28 18.41 69.53 -25.10
N GLU E 29 18.22 68.86 -23.97
CA GLU E 29 19.20 68.81 -22.88
C GLU E 29 20.49 68.16 -23.39
N LYS E 30 20.32 66.98 -23.98
CA LYS E 30 21.37 66.14 -24.58
C LYS E 30 22.12 66.78 -25.76
N ILE E 31 21.40 67.36 -26.73
CA ILE E 31 21.98 68.03 -27.91
C ILE E 31 22.87 69.20 -27.46
N LYS E 32 22.37 69.98 -26.49
CA LYS E 32 23.08 71.15 -25.94
C LYS E 32 24.36 70.66 -25.23
N ALA E 33 24.21 69.53 -24.55
CA ALA E 33 25.29 68.87 -23.79
C ALA E 33 26.28 68.09 -24.67
N LEU E 34 25.91 67.84 -25.93
CA LEU E 34 26.75 67.12 -26.88
C LEU E 34 27.53 68.05 -27.77
N VAL E 35 27.10 69.30 -27.83
CA VAL E 35 27.82 70.27 -28.64
C VAL E 35 29.12 70.65 -27.94
N GLU E 36 29.08 70.67 -26.60
CA GLU E 36 30.25 70.98 -25.75
C GLU E 36 31.35 69.94 -25.91
N ILE E 37 30.95 68.67 -25.94
CA ILE E 37 31.86 67.51 -26.06
C ILE E 37 32.55 67.54 -27.43
N CYS E 38 31.78 67.90 -28.46
CA CYS E 38 32.24 67.96 -29.86
C CYS E 38 33.09 69.15 -30.24
N THR E 39 32.96 70.23 -29.47
CA THR E 39 33.71 71.47 -29.69
C THR E 39 35.10 71.24 -29.07
N GLU E 40 35.11 70.60 -27.90
CA GLU E 40 36.31 70.24 -27.11
C GLU E 40 37.22 69.29 -27.91
N MET E 41 36.60 68.34 -28.62
CA MET E 41 37.32 67.37 -29.44
C MET E 41 37.84 67.88 -30.77
N GLU E 42 37.15 68.86 -31.35
CA GLU E 42 37.56 69.47 -32.61
C GLU E 42 38.81 70.31 -32.44
N LYS E 43 38.83 71.14 -31.39
CA LYS E 43 39.96 72.00 -31.09
C LYS E 43 41.16 71.16 -30.63
N GLU E 44 40.88 69.95 -30.13
CA GLU E 44 41.90 69.00 -29.70
C GLU E 44 42.26 68.03 -30.84
N GLY E 45 41.59 68.18 -31.98
CA GLY E 45 41.84 67.35 -33.16
C GLY E 45 41.39 65.89 -33.15
N LYS E 46 40.57 65.53 -32.17
CA LYS E 46 40.04 64.18 -32.00
C LYS E 46 39.00 63.74 -33.04
N ILE E 47 38.23 64.71 -33.55
CA ILE E 47 37.24 64.50 -34.62
C ILE E 47 37.53 65.57 -35.66
N SER E 48 37.06 65.34 -36.88
CA SER E 48 37.27 66.30 -37.94
C SER E 48 35.99 66.62 -38.69
N LYS E 49 35.83 67.89 -39.04
CA LYS E 49 34.67 68.41 -39.77
C LYS E 49 34.74 67.88 -41.22
N ILE E 50 33.62 67.36 -41.75
CA ILE E 50 33.61 66.84 -43.12
C ILE E 50 32.53 67.47 -44.01
N GLY E 51 32.91 67.75 -45.27
CA GLY E 51 31.97 68.37 -46.22
C GLY E 51 31.02 67.43 -46.96
N PRO E 52 30.62 67.75 -48.22
CA PRO E 52 29.70 66.87 -48.96
C PRO E 52 30.25 65.56 -49.55
N GLU E 53 31.56 65.34 -49.39
CA GLU E 53 32.25 64.15 -49.93
C GLU E 53 32.21 62.88 -49.07
N ASN E 54 31.45 62.94 -47.98
CA ASN E 54 31.30 61.83 -47.06
C ASN E 54 29.82 61.41 -47.02
N PRO E 55 29.43 60.37 -47.78
CA PRO E 55 28.03 59.90 -47.81
C PRO E 55 27.55 59.12 -46.58
N TYR E 56 28.47 58.88 -45.66
CA TYR E 56 28.19 58.14 -44.45
C TYR E 56 27.63 58.92 -43.29
N ASN E 57 26.76 58.26 -42.54
CA ASN E 57 26.15 58.85 -41.36
C ASN E 57 25.72 57.72 -40.45
N THR E 58 25.85 57.97 -39.15
CA THR E 58 25.47 57.03 -38.11
C THR E 58 24.96 57.87 -36.93
N PRO E 59 23.92 57.37 -36.23
CA PRO E 59 23.41 58.15 -35.10
C PRO E 59 24.24 58.15 -33.83
N VAL E 60 24.25 59.29 -33.16
CA VAL E 60 24.95 59.50 -31.88
C VAL E 60 23.96 59.85 -30.80
N PHE E 61 24.37 59.60 -29.56
CA PHE E 61 23.58 59.93 -28.37
C PHE E 61 24.55 60.10 -27.22
N ALA E 62 24.02 60.19 -25.99
CA ALA E 62 24.86 60.35 -24.81
C ALA E 62 24.22 59.78 -23.56
N ILE E 63 25.03 59.10 -22.76
CA ILE E 63 24.58 58.50 -21.51
C ILE E 63 25.23 59.35 -20.39
N LYS E 64 24.70 59.33 -19.17
CA LYS E 64 25.31 60.08 -18.05
C LYS E 64 26.42 59.19 -17.48
N LYS E 65 27.45 59.78 -16.88
CA LYS E 65 28.56 58.98 -16.31
C LYS E 65 28.25 58.53 -14.87
N LYS E 66 28.99 57.53 -14.37
CA LYS E 66 28.79 56.97 -13.00
C LYS E 66 28.72 57.95 -11.82
N ASP E 67 29.52 59.02 -11.89
CA ASP E 67 29.55 60.06 -10.85
C ASP E 67 28.90 61.37 -11.34
N SER E 68 28.03 61.25 -12.35
CA SER E 68 27.28 62.36 -12.99
C SER E 68 28.12 63.58 -13.42
N THR E 69 27.44 64.73 -13.60
CA THR E 69 28.00 66.05 -14.02
C THR E 69 28.36 66.06 -15.51
N LYS E 70 29.19 65.07 -15.89
CA LYS E 70 29.69 64.87 -17.25
C LYS E 70 29.00 63.74 -18.02
N TRP E 71 28.85 63.97 -19.32
CA TRP E 71 28.21 63.05 -20.25
C TRP E 71 29.18 62.08 -20.90
N ARG E 72 28.65 61.17 -21.71
CA ARG E 72 29.47 60.20 -22.43
C ARG E 72 28.93 60.13 -23.84
N LYS E 73 29.74 60.46 -24.84
CA LYS E 73 29.25 60.39 -26.21
C LYS E 73 29.29 58.97 -26.74
N LEU E 74 28.11 58.50 -27.13
CA LEU E 74 27.99 57.17 -27.67
C LEU E 74 27.51 57.27 -29.11
N VAL E 75 27.91 56.27 -29.90
CA VAL E 75 27.55 56.17 -31.31
C VAL E 75 26.99 54.77 -31.55
N ASP E 76 25.80 54.67 -32.15
CA ASP E 76 25.11 53.41 -32.44
C ASP E 76 25.59 52.82 -33.76
N PHE E 77 26.78 52.22 -33.70
CA PHE E 77 27.44 51.61 -34.83
C PHE E 77 26.97 50.16 -35.06
N ARG E 78 25.78 49.78 -34.57
CA ARG E 78 25.23 48.41 -34.72
C ARG E 78 25.22 47.93 -36.16
N GLU E 79 25.17 48.93 -37.05
CA GLU E 79 25.17 48.81 -38.50
C GLU E 79 26.60 48.68 -39.06
N LEU E 80 27.53 49.57 -38.66
CA LEU E 80 28.93 49.50 -39.13
C LEU E 80 29.57 48.24 -38.60
N ASN E 81 29.24 47.89 -37.35
CA ASN E 81 29.75 46.69 -36.69
C ASN E 81 29.51 45.45 -37.54
N LYS E 82 28.37 45.43 -38.24
CA LYS E 82 28.00 44.32 -39.13
C LYS E 82 28.86 44.26 -40.39
N ARG E 83 29.09 45.45 -40.97
CA ARG E 83 29.89 45.61 -42.18
C ARG E 83 31.40 45.60 -41.95
N THR E 84 31.83 45.61 -40.68
CA THR E 84 33.25 45.61 -40.29
C THR E 84 33.80 44.19 -40.16
N GLN E 85 35.10 44.02 -40.43
CA GLN E 85 35.81 42.73 -40.33
C GLN E 85 35.76 42.21 -38.88
N ASP E 86 35.84 40.90 -38.67
CA ASP E 86 35.85 40.34 -37.31
C ASP E 86 37.20 40.65 -36.69
N PHE E 87 37.24 40.63 -35.37
CA PHE E 87 38.48 40.88 -34.63
C PHE E 87 38.77 39.66 -33.81
N TRP E 88 39.79 39.75 -32.99
CA TRP E 88 40.04 38.66 -32.08
C TRP E 88 40.18 39.41 -30.79
N GLU E 89 39.25 39.13 -29.88
CA GLU E 89 39.25 39.79 -28.58
C GLU E 89 40.43 39.35 -27.74
N VAL E 90 41.18 40.36 -27.36
CA VAL E 90 42.38 40.23 -26.60
C VAL E 90 42.13 40.19 -25.07
N GLN E 91 40.91 40.58 -24.62
CA GLN E 91 40.55 40.51 -23.18
C GLN E 91 40.03 39.12 -22.89
N LEU E 92 40.84 38.37 -22.17
CA LEU E 92 40.51 37.01 -21.86
C LEU E 92 39.79 36.77 -20.56
N GLY E 93 39.80 37.77 -19.68
CA GLY E 93 39.10 37.62 -18.41
C GLY E 93 39.19 38.79 -17.45
N ILE E 94 38.46 38.67 -16.34
CA ILE E 94 38.41 39.70 -15.29
C ILE E 94 39.37 39.31 -14.14
N PRO E 95 40.35 40.20 -13.77
CA PRO E 95 41.33 39.94 -12.70
C PRO E 95 40.61 39.88 -11.34
N HIS E 96 41.03 38.95 -10.47
CA HIS E 96 40.40 38.81 -9.16
C HIS E 96 41.37 39.20 -8.05
N PRO E 97 40.93 40.05 -7.09
CA PRO E 97 41.73 40.51 -5.96
C PRO E 97 42.31 39.42 -5.08
N ALA E 98 41.73 38.22 -5.16
CA ALA E 98 42.21 37.07 -4.40
C ALA E 98 43.50 36.59 -5.05
N GLY E 99 43.72 37.04 -6.28
CA GLY E 99 44.90 36.71 -7.05
C GLY E 99 46.01 37.70 -6.87
N LEU E 100 45.69 38.89 -6.36
CA LEU E 100 46.68 39.93 -6.09
C LEU E 100 47.59 39.49 -4.91
N LYS E 101 48.88 39.82 -4.99
CA LYS E 101 49.85 39.48 -3.94
C LYS E 101 50.10 40.73 -3.08
N LYS E 102 50.41 40.54 -1.79
CA LYS E 102 50.67 41.64 -0.82
C LYS E 102 51.85 42.57 -1.16
N LYS E 103 51.52 43.81 -1.50
CA LYS E 103 52.50 44.84 -1.88
C LYS E 103 52.72 45.95 -0.85
N LYS E 104 53.97 46.44 -0.77
CA LYS E 104 54.35 47.49 0.18
C LYS E 104 53.73 48.85 -0.14
N SER E 105 53.52 49.10 -1.43
CA SER E 105 52.95 50.36 -1.90
C SER E 105 52.15 50.17 -3.19
N VAL E 106 50.92 50.71 -3.18
CA VAL E 106 49.96 50.65 -4.31
C VAL E 106 49.44 52.06 -4.68
N THR E 107 49.06 52.26 -5.94
CA THR E 107 48.46 53.49 -6.45
C THR E 107 47.67 53.04 -7.67
N VAL E 108 46.35 53.19 -7.64
CA VAL E 108 45.55 52.78 -8.78
C VAL E 108 45.14 54.03 -9.56
N LEU E 109 45.52 54.05 -10.83
CA LEU E 109 45.22 55.18 -11.68
C LEU E 109 44.24 54.79 -12.74
N ASP E 110 43.51 55.80 -13.22
CA ASP E 110 42.54 55.61 -14.29
C ASP E 110 42.99 56.63 -15.32
N VAL E 111 42.89 56.25 -16.59
CA VAL E 111 43.30 57.16 -17.66
C VAL E 111 42.03 57.84 -18.13
N GLY E 112 41.96 59.16 -17.98
CA GLY E 112 40.78 59.88 -18.45
C GLY E 112 40.72 59.96 -19.97
N ASP E 113 39.48 59.98 -20.49
CA ASP E 113 39.17 60.10 -21.93
C ASP E 113 39.96 59.11 -22.76
N ALA E 114 39.93 57.88 -22.27
CA ALA E 114 40.66 56.75 -22.84
C ALA E 114 40.65 56.55 -24.32
N TYR E 115 39.49 56.15 -24.86
CA TYR E 115 39.35 55.90 -26.29
C TYR E 115 39.61 57.17 -27.10
N PHE E 116 39.25 58.31 -26.52
CA PHE E 116 39.47 59.60 -27.19
C PHE E 116 40.90 60.10 -26.91
N SER E 117 41.88 59.26 -27.28
CA SER E 117 43.32 59.52 -27.11
C SER E 117 44.13 58.46 -27.92
N VAL E 118 43.47 57.61 -28.71
CA VAL E 118 44.14 56.56 -29.53
C VAL E 118 43.69 56.77 -31.01
N PRO E 119 44.66 56.92 -31.97
CA PRO E 119 44.34 57.14 -33.39
C PRO E 119 43.51 56.06 -34.07
N LEU E 120 42.72 56.49 -35.04
CA LEU E 120 41.89 55.59 -35.83
C LEU E 120 42.56 55.52 -37.20
N ASP E 121 42.56 54.34 -37.81
CA ASP E 121 43.16 54.08 -39.14
C ASP E 121 42.69 55.15 -40.12
N GLU E 122 43.62 55.97 -40.61
CA GLU E 122 43.33 57.08 -41.54
C GLU E 122 42.33 56.79 -42.66
N ASP E 123 42.41 55.56 -43.18
CA ASP E 123 41.55 55.12 -44.27
C ASP E 123 40.11 54.82 -43.86
N PHE E 124 39.95 54.30 -42.64
CA PHE E 124 38.66 53.92 -42.07
C PHE E 124 37.85 55.05 -41.43
N ARG E 125 38.46 56.23 -41.25
CA ARG E 125 37.76 57.36 -40.61
C ARG E 125 36.47 57.85 -41.27
N LYS E 126 36.29 57.54 -42.54
CA LYS E 126 35.11 57.95 -43.31
C LYS E 126 33.77 57.43 -42.82
N TYR E 127 33.74 56.15 -42.46
CA TYR E 127 32.51 55.49 -42.02
C TYR E 127 32.09 55.81 -40.59
N THR E 128 32.97 56.52 -39.90
CA THR E 128 32.69 56.92 -38.53
C THR E 128 32.12 58.32 -38.48
N ALA E 129 31.46 58.70 -39.58
CA ALA E 129 30.85 60.01 -39.70
C ALA E 129 29.53 60.03 -38.97
N PHE E 130 29.28 61.12 -38.25
CA PHE E 130 28.03 61.29 -37.51
C PHE E 130 27.47 62.70 -37.72
N THR E 131 26.38 63.05 -37.02
CA THR E 131 25.76 64.39 -37.13
C THR E 131 25.13 64.85 -35.82
N ILE E 132 25.48 66.06 -35.40
CA ILE E 132 24.94 66.70 -34.21
C ILE E 132 23.88 67.65 -34.79
N PRO E 133 22.58 67.44 -34.46
CA PRO E 133 21.52 68.33 -34.98
C PRO E 133 21.51 69.68 -34.23
N SER E 134 21.02 70.74 -34.86
CA SER E 134 21.00 72.06 -34.20
C SER E 134 19.94 72.18 -33.09
N ILE E 135 19.91 73.32 -32.41
CA ILE E 135 18.98 73.57 -31.30
C ILE E 135 17.49 73.54 -31.69
N ASN E 136 17.17 73.96 -32.93
CA ASN E 136 15.79 73.97 -33.41
C ASN E 136 15.62 73.51 -34.87
N ASN E 137 16.68 72.91 -35.43
CA ASN E 137 16.72 72.40 -36.82
C ASN E 137 16.42 73.45 -37.90
N GLU E 138 17.46 74.20 -38.28
CA GLU E 138 17.37 75.25 -39.29
C GLU E 138 17.80 74.82 -40.69
N THR E 139 19.11 74.65 -40.87
CA THR E 139 19.74 74.25 -42.12
C THR E 139 20.59 73.00 -41.72
N PRO E 140 21.67 72.57 -42.46
CA PRO E 140 22.29 71.38 -41.85
C PRO E 140 23.08 71.58 -40.57
N GLY E 141 23.09 70.53 -39.75
CA GLY E 141 23.83 70.52 -38.49
C GLY E 141 25.27 70.26 -38.82
N ILE E 142 26.17 70.41 -37.86
CA ILE E 142 27.59 70.18 -38.13
C ILE E 142 27.81 68.68 -38.29
N ARG E 143 28.56 68.33 -39.32
CA ARG E 143 28.83 66.94 -39.66
C ARG E 143 29.77 66.12 -38.76
N TYR E 144 31.10 66.25 -38.91
CA TYR E 144 32.10 65.50 -38.11
C TYR E 144 32.26 63.98 -38.34
N GLN E 145 33.51 63.53 -38.36
CA GLN E 145 33.93 62.12 -38.49
C GLN E 145 34.97 61.90 -37.39
N TYR E 146 35.46 60.69 -37.19
CA TYR E 146 36.46 60.45 -36.13
C TYR E 146 37.91 60.33 -36.52
N ASN E 147 38.79 60.84 -35.68
CA ASN E 147 40.23 60.74 -35.91
C ASN E 147 40.85 59.88 -34.82
N VAL E 148 40.01 59.60 -33.82
CA VAL E 148 40.35 58.84 -32.65
C VAL E 148 39.42 57.61 -32.55
N LEU E 149 39.61 56.75 -31.54
CA LEU E 149 38.81 55.53 -31.34
C LEU E 149 37.38 55.77 -30.80
N PRO E 150 36.32 55.52 -31.61
CA PRO E 150 34.94 55.74 -31.14
C PRO E 150 34.33 54.77 -30.14
N GLN E 151 33.55 55.34 -29.21
CA GLN E 151 32.86 54.59 -28.15
C GLN E 151 31.57 53.97 -28.70
N GLY E 152 31.61 52.66 -28.94
CA GLY E 152 30.46 51.94 -29.47
C GLY E 152 30.74 51.09 -30.70
N TRP E 153 31.98 51.12 -31.19
CA TRP E 153 32.38 50.35 -32.36
C TRP E 153 33.03 49.02 -31.92
N LYS E 154 32.71 47.93 -32.63
CA LYS E 154 33.19 46.57 -32.34
C LYS E 154 34.71 46.45 -32.14
N GLY E 155 35.44 47.22 -32.94
CA GLY E 155 36.89 47.20 -32.92
C GLY E 155 37.59 47.93 -31.81
N SER E 156 36.90 48.91 -31.24
CA SER E 156 37.46 49.74 -30.20
C SER E 156 38.10 49.15 -28.93
N PRO E 157 37.43 48.22 -28.20
CA PRO E 157 38.12 47.71 -26.99
C PRO E 157 39.41 46.95 -27.24
N ALA E 158 39.36 46.02 -28.21
CA ALA E 158 40.50 45.19 -28.58
C ALA E 158 41.69 46.00 -29.07
N ILE E 159 41.39 47.07 -29.83
CA ILE E 159 42.43 47.97 -30.33
C ILE E 159 43.02 48.75 -29.18
N PHE E 160 42.17 49.27 -28.29
CA PHE E 160 42.64 50.07 -27.13
C PHE E 160 43.54 49.28 -26.20
N GLN E 161 43.08 48.09 -25.79
CA GLN E 161 43.83 47.22 -24.88
C GLN E 161 45.18 46.87 -25.48
N SER E 162 45.16 46.57 -26.77
CA SER E 162 46.36 46.22 -27.52
C SER E 162 47.29 47.44 -27.61
N SER E 163 46.69 48.63 -27.77
CA SER E 163 47.43 49.89 -27.86
C SER E 163 47.96 50.32 -26.52
N MET E 164 47.30 49.88 -25.46
CA MET E 164 47.69 50.19 -24.09
C MET E 164 48.89 49.32 -23.70
N THR E 165 48.94 48.09 -24.23
CA THR E 165 50.02 47.14 -23.95
C THR E 165 51.30 47.59 -24.63
N LYS E 166 51.18 48.19 -25.82
CA LYS E 166 52.38 48.67 -26.51
C LYS E 166 52.92 49.93 -25.87
N ILE E 167 52.04 50.64 -25.18
CA ILE E 167 52.40 51.87 -24.48
C ILE E 167 53.17 51.53 -23.19
N LEU E 168 52.70 50.52 -22.45
CA LEU E 168 53.34 50.10 -21.19
C LEU E 168 54.50 49.08 -21.33
N GLU E 169 54.78 48.63 -22.55
CA GLU E 169 55.87 47.69 -22.84
C GLU E 169 57.27 48.29 -22.57
N PRO E 170 57.50 49.58 -22.93
CA PRO E 170 58.82 50.18 -22.68
C PRO E 170 59.12 50.52 -21.23
N PHE E 171 58.09 50.96 -20.51
CA PHE E 171 58.19 51.35 -19.09
C PHE E 171 58.47 50.10 -18.25
N ARG E 172 57.80 48.99 -18.57
CA ARG E 172 57.97 47.72 -17.87
C ARG E 172 59.36 47.11 -18.01
N LYS E 173 60.02 47.38 -19.15
CA LYS E 173 61.37 46.89 -19.43
C LYS E 173 62.31 47.51 -18.43
N GLN E 174 62.10 48.81 -18.24
CA GLN E 174 62.89 49.57 -17.32
C GLN E 174 62.47 49.40 -15.86
N ASN E 175 61.34 48.70 -15.61
CA ASN E 175 60.81 48.48 -14.25
C ASN E 175 60.15 47.08 -14.09
N PRO E 176 60.93 45.98 -14.19
CA PRO E 176 60.44 44.60 -14.08
C PRO E 176 59.79 44.13 -12.80
N ASP E 177 60.15 44.78 -11.69
CA ASP E 177 59.64 44.42 -10.38
C ASP E 177 58.29 45.05 -10.11
N ILE E 178 57.91 45.99 -10.97
CA ILE E 178 56.63 46.67 -10.84
C ILE E 178 55.51 45.93 -11.56
N VAL E 179 54.47 45.68 -10.78
CA VAL E 179 53.28 44.97 -11.22
C VAL E 179 52.20 45.94 -11.65
N ILE E 180 51.93 45.99 -12.95
CA ILE E 180 50.89 46.86 -13.45
C ILE E 180 49.73 46.04 -13.96
N TYR E 181 48.70 45.86 -13.13
CA TYR E 181 47.48 45.15 -13.52
C TYR E 181 46.71 46.09 -14.42
N GLN E 182 46.73 45.81 -15.72
CA GLN E 182 46.02 46.66 -16.66
C GLN E 182 44.75 46.02 -17.20
N TYR E 183 43.62 46.70 -16.96
CA TYR E 183 42.30 46.26 -17.43
C TYR E 183 41.81 47.53 -18.10
N MET E 184 41.76 47.53 -19.44
CA MET E 184 41.33 48.72 -20.21
C MET E 184 42.22 49.95 -19.93
N ASP E 185 41.72 50.94 -19.19
CA ASP E 185 42.49 52.16 -18.86
C ASP E 185 42.76 52.29 -17.35
N ASP E 186 42.25 51.30 -16.63
CA ASP E 186 42.35 51.16 -15.18
C ASP E 186 43.65 50.39 -14.89
N LEU E 187 44.69 51.09 -14.42
CA LEU E 187 45.98 50.45 -14.10
C LEU E 187 46.22 50.44 -12.62
N TYR E 188 46.29 49.25 -12.03
CA TYR E 188 46.61 49.10 -10.62
C TYR E 188 48.11 48.88 -10.69
N VAL E 189 48.88 49.88 -10.28
CA VAL E 189 50.33 49.81 -10.29
C VAL E 189 50.72 49.52 -8.84
N GLY E 190 51.46 48.43 -8.60
CA GLY E 190 51.87 48.09 -7.25
C GLY E 190 53.32 47.67 -7.19
N SER E 191 54.05 48.17 -6.17
CA SER E 191 55.46 47.86 -6.01
C SER E 191 55.91 47.48 -4.60
N ASP E 192 57.14 46.98 -4.53
CA ASP E 192 57.76 46.61 -3.26
C ASP E 192 58.73 47.72 -2.80
N LEU E 193 58.62 48.88 -3.44
CA LEU E 193 59.46 50.05 -3.12
C LEU E 193 58.87 50.83 -1.95
N GLU E 194 59.70 51.69 -1.36
CA GLU E 194 59.30 52.55 -0.25
C GLU E 194 58.46 53.69 -0.77
N ILE E 195 57.46 54.08 0.02
CA ILE E 195 56.49 55.14 -0.31
C ILE E 195 56.97 56.38 -1.06
N GLY E 196 58.17 56.88 -0.72
CA GLY E 196 58.71 58.04 -1.39
C GLY E 196 59.20 57.70 -2.79
N GLN E 197 59.91 56.58 -2.87
CA GLN E 197 60.49 56.05 -4.12
C GLN E 197 59.44 55.47 -5.06
N HIS E 198 58.31 55.06 -4.48
CA HIS E 198 57.16 54.50 -5.19
C HIS E 198 56.51 55.67 -5.91
N ARG E 199 56.14 56.70 -5.14
CA ARG E 199 55.49 57.91 -5.66
C ARG E 199 56.25 58.58 -6.80
N THR E 200 57.56 58.29 -6.89
CA THR E 200 58.43 58.85 -7.93
C THR E 200 58.25 58.12 -9.27
N LYS E 201 58.18 56.78 -9.22
CA LYS E 201 57.98 55.95 -10.43
C LYS E 201 56.60 56.24 -10.99
N ILE E 202 55.64 56.51 -10.10
CA ILE E 202 54.28 56.83 -10.50
C ILE E 202 54.28 58.14 -11.26
N GLU E 203 55.14 59.08 -10.88
CA GLU E 203 55.21 60.32 -11.60
C GLU E 203 56.00 60.10 -12.89
N GLU E 204 56.84 59.06 -12.94
CA GLU E 204 57.62 58.73 -14.15
C GLU E 204 56.67 58.05 -15.10
N LEU E 205 55.76 57.25 -14.54
CA LEU E 205 54.75 56.49 -15.27
C LEU E 205 53.71 57.44 -15.78
N ARG E 206 53.39 58.46 -14.98
CA ARG E 206 52.40 59.45 -15.35
C ARG E 206 52.91 60.25 -16.54
N GLN E 207 54.17 60.70 -16.43
CA GLN E 207 54.83 61.49 -17.47
C GLN E 207 54.99 60.67 -18.74
N HIS E 208 55.27 59.37 -18.55
CA HIS E 208 55.44 58.40 -19.63
C HIS E 208 54.11 58.29 -20.39
N LEU E 209 53.03 58.15 -19.63
CA LEU E 209 51.72 58.05 -20.22
C LEU E 209 51.27 59.33 -20.93
N LEU E 210 51.70 60.49 -20.43
CA LEU E 210 51.33 61.78 -21.04
C LEU E 210 52.10 62.07 -22.34
N ARG E 211 53.28 61.46 -22.49
CA ARG E 211 54.09 61.61 -23.71
C ARG E 211 53.39 60.85 -24.82
N TRP E 212 52.60 59.88 -24.38
CA TRP E 212 51.82 59.00 -25.22
C TRP E 212 50.37 59.39 -25.45
N GLY E 213 49.95 60.57 -24.99
CA GLY E 213 48.59 61.03 -25.18
C GLY E 213 47.61 60.65 -24.08
N LEU E 214 47.99 59.69 -23.25
CA LEU E 214 47.16 59.20 -22.15
C LEU E 214 47.33 60.04 -20.89
N THR E 215 46.31 60.82 -20.57
CA THR E 215 46.29 61.69 -19.39
C THR E 215 45.80 60.96 -18.15
N THR E 216 46.27 61.39 -16.99
CA THR E 216 45.83 60.83 -15.72
C THR E 216 45.44 62.03 -14.89
N PRO E 217 44.13 62.33 -14.80
CA PRO E 217 43.70 63.49 -14.00
C PRO E 217 43.85 63.27 -12.51
N ASP E 218 43.54 64.31 -11.73
CA ASP E 218 43.65 64.22 -10.29
C ASP E 218 42.40 63.59 -9.65
N LYS E 219 42.19 62.36 -10.10
CA LYS E 219 41.16 61.43 -9.67
C LYS E 219 41.80 60.09 -10.06
N LYS E 220 42.90 59.90 -9.33
CA LYS E 220 43.82 58.77 -9.34
C LYS E 220 43.97 58.49 -7.84
N HIS E 221 43.75 57.25 -7.42
CA HIS E 221 43.88 56.87 -6.02
C HIS E 221 45.37 56.89 -5.66
N GLN E 222 45.73 57.76 -4.74
CA GLN E 222 47.12 57.91 -4.31
C GLN E 222 47.51 56.86 -3.29
N LYS E 223 47.43 57.23 -2.01
CA LYS E 223 47.74 56.32 -0.93
C LYS E 223 46.54 56.50 -0.04
N GLU E 224 45.47 55.87 -0.48
CA GLU E 224 44.23 55.92 0.25
C GLU E 224 43.89 54.45 0.40
N PRO E 225 44.12 53.88 1.60
CA PRO E 225 43.81 52.47 1.85
C PRO E 225 42.44 51.94 1.40
N PRO E 226 41.39 52.81 1.29
CA PRO E 226 40.22 52.06 0.79
C PRO E 226 40.24 52.30 -0.77
N PHE E 227 41.05 51.51 -1.50
CA PHE E 227 41.20 51.61 -2.98
C PHE E 227 40.07 50.89 -3.70
N LEU E 228 39.33 51.65 -4.49
CA LEU E 228 38.22 51.12 -5.27
C LEU E 228 38.74 50.78 -6.66
N TRP E 229 38.99 49.50 -6.85
CA TRP E 229 39.50 48.95 -8.10
C TRP E 229 38.65 47.74 -8.46
N MET E 230 38.17 47.70 -9.70
CA MET E 230 37.36 46.58 -10.24
C MET E 230 36.09 46.15 -9.52
N GLY E 231 35.49 47.09 -8.78
CA GLY E 231 34.27 46.82 -8.05
C GLY E 231 34.58 46.26 -6.68
N TYR E 232 35.80 46.53 -6.21
CA TYR E 232 36.27 46.08 -4.92
C TYR E 232 36.80 47.26 -4.18
N GLU E 233 37.08 47.03 -2.90
CA GLU E 233 37.66 47.98 -1.98
C GLU E 233 38.87 47.18 -1.48
N LEU E 234 40.06 47.68 -1.76
CA LEU E 234 41.30 47.02 -1.37
C LEU E 234 41.97 47.72 -0.21
N HIS E 235 42.17 47.00 0.91
CA HIS E 235 42.88 47.52 2.09
C HIS E 235 44.21 46.75 2.02
N PRO E 236 45.34 47.30 2.54
CA PRO E 236 46.64 46.60 2.48
C PRO E 236 46.74 45.15 2.97
N ASP E 237 45.90 44.81 3.95
CA ASP E 237 45.86 43.49 4.56
C ASP E 237 44.87 42.53 3.89
N LYS E 238 43.68 43.07 3.64
CA LYS E 238 42.52 42.35 3.08
C LYS E 238 41.68 43.17 2.05
N TRP E 239 40.87 42.48 1.24
CA TRP E 239 39.99 43.10 0.24
C TRP E 239 38.55 42.68 0.51
N THR E 240 37.60 43.48 0.01
CA THR E 240 36.15 43.23 0.14
C THR E 240 35.50 43.73 -1.16
N VAL E 241 34.21 43.49 -1.32
CA VAL E 241 33.50 43.99 -2.51
C VAL E 241 32.92 45.34 -2.17
N GLN E 242 32.63 46.12 -3.20
CA GLN E 242 32.01 47.42 -2.99
C GLN E 242 30.59 47.19 -2.46
N PRO E 243 29.99 48.19 -1.75
CA PRO E 243 28.63 48.07 -1.21
C PRO E 243 27.64 47.45 -2.17
N ILE E 244 27.03 46.37 -1.69
CA ILE E 244 26.05 45.65 -2.47
C ILE E 244 24.69 45.75 -1.80
N VAL E 245 23.86 46.57 -2.42
CA VAL E 245 22.50 46.85 -1.99
C VAL E 245 21.54 45.99 -2.77
N LEU E 246 20.87 45.15 -2.02
CA LEU E 246 19.87 44.22 -2.52
C LEU E 246 18.54 44.91 -2.21
N PRO E 247 17.77 45.31 -3.27
CA PRO E 247 16.48 46.01 -3.12
C PRO E 247 15.28 45.27 -2.56
N GLU E 248 14.63 45.87 -1.55
CA GLU E 248 13.44 45.27 -0.97
C GLU E 248 12.18 45.94 -1.54
N LYS E 249 11.33 45.08 -2.12
CA LYS E 249 10.03 45.43 -2.73
C LYS E 249 8.95 44.33 -2.57
N ASP E 250 7.72 44.79 -2.35
CA ASP E 250 6.47 44.03 -2.15
C ASP E 250 5.98 43.14 -3.32
N SER E 251 6.03 43.69 -4.54
CA SER E 251 5.65 42.97 -5.77
C SER E 251 6.90 42.87 -6.63
N TRP E 252 7.13 41.69 -7.20
CA TRP E 252 8.31 41.46 -8.02
C TRP E 252 7.95 41.05 -9.43
N THR E 253 8.72 41.57 -10.39
CA THR E 253 8.54 41.21 -11.79
C THR E 253 9.65 40.24 -12.13
N VAL E 254 9.58 39.62 -13.31
CA VAL E 254 10.61 38.67 -13.73
C VAL E 254 11.98 39.34 -13.93
N ASN E 255 11.96 40.60 -14.39
CA ASN E 255 13.18 41.40 -14.62
C ASN E 255 13.90 41.60 -13.30
N ASP E 256 13.13 41.61 -12.21
CA ASP E 256 13.69 41.78 -10.87
C ASP E 256 14.34 40.53 -10.32
N ILE E 257 13.79 39.35 -10.61
CA ILE E 257 14.40 38.10 -10.13
C ILE E 257 15.72 37.89 -10.88
N CYS E 258 15.79 38.37 -12.14
CA CYS E 258 17.02 38.25 -12.93
C CYS E 258 18.06 39.13 -12.25
N LYS E 259 17.66 40.37 -11.95
CA LYS E 259 18.52 41.34 -11.29
C LYS E 259 19.03 40.89 -9.91
N LEU E 260 18.17 40.17 -9.19
CA LEU E 260 18.50 39.67 -7.85
C LEU E 260 19.46 38.48 -7.88
N VAL E 261 19.24 37.53 -8.79
CA VAL E 261 20.09 36.34 -8.95
C VAL E 261 21.48 36.81 -9.37
N GLY E 262 21.51 37.76 -10.32
CA GLY E 262 22.75 38.32 -10.84
C GLY E 262 23.56 39.03 -9.77
N LYS E 263 22.84 39.69 -8.87
CA LYS E 263 23.44 40.42 -7.75
C LYS E 263 23.98 39.40 -6.76
N LEU E 264 23.11 38.44 -6.44
CA LEU E 264 23.42 37.36 -5.51
C LEU E 264 24.64 36.55 -5.93
N ASN E 265 24.72 36.29 -7.24
CA ASN E 265 25.81 35.55 -7.87
C ASN E 265 27.11 36.32 -7.75
N TRP E 266 27.02 37.64 -7.97
CA TRP E 266 28.19 38.52 -7.89
C TRP E 266 28.74 38.43 -6.49
N ALA E 267 27.81 38.49 -5.53
CA ALA E 267 28.14 38.45 -4.12
C ALA E 267 28.58 37.07 -3.60
N SER E 268 28.42 36.03 -4.44
CA SER E 268 28.84 34.63 -4.09
C SER E 268 30.35 34.56 -4.00
N GLN E 269 31.02 35.52 -4.65
CA GLN E 269 32.48 35.64 -4.71
C GLN E 269 33.18 35.53 -3.39
N ILE E 270 32.54 36.10 -2.36
CA ILE E 270 33.10 36.07 -1.03
C ILE E 270 32.14 35.82 0.15
N TYR E 271 30.83 36.03 -0.05
CA TYR E 271 29.85 35.75 1.02
C TYR E 271 29.52 34.24 0.94
N PRO E 272 30.05 33.41 1.89
CA PRO E 272 29.74 31.98 1.81
C PRO E 272 28.29 31.63 2.20
N GLY E 273 27.76 30.59 1.56
CA GLY E 273 26.40 30.15 1.84
C GLY E 273 25.27 30.58 0.92
N ILE E 274 25.55 31.45 -0.07
CA ILE E 274 24.55 31.95 -1.02
C ILE E 274 23.86 30.85 -1.82
N LYS E 275 22.53 30.92 -1.83
CA LYS E 275 21.70 29.96 -2.55
C LYS E 275 20.76 30.72 -3.49
N VAL E 276 20.68 30.27 -4.75
CA VAL E 276 19.79 30.92 -5.72
C VAL E 276 18.80 30.01 -6.46
N ARG E 277 19.00 28.70 -6.44
CA ARG E 277 18.15 27.70 -7.12
C ARG E 277 16.62 27.88 -7.09
N GLN E 278 16.07 28.20 -5.93
CA GLN E 278 14.64 28.41 -5.77
C GLN E 278 14.17 29.73 -6.34
N LEU E 279 15.04 30.76 -6.27
CA LEU E 279 14.77 32.10 -6.80
C LEU E 279 14.84 32.06 -8.34
N CYS E 280 15.72 31.17 -8.81
CA CYS E 280 15.96 30.96 -10.23
C CYS E 280 14.84 30.21 -10.92
N LYS E 281 14.07 29.47 -10.13
CA LYS E 281 12.92 28.68 -10.61
C LYS E 281 11.80 29.58 -11.12
N LEU E 282 11.83 30.85 -10.71
CA LEU E 282 10.85 31.83 -11.13
C LEU E 282 11.09 32.37 -12.57
N LEU E 283 12.25 32.06 -13.15
CA LEU E 283 12.62 32.48 -14.51
C LEU E 283 12.18 31.42 -15.52
N ARG E 284 11.75 30.27 -14.96
CA ARG E 284 11.27 29.12 -15.72
C ARG E 284 9.88 29.35 -16.31
N GLY E 285 9.72 28.89 -17.55
CA GLY E 285 8.48 29.04 -18.28
C GLY E 285 8.49 30.33 -19.08
N THR E 286 9.66 30.67 -19.62
CA THR E 286 9.93 31.89 -20.41
C THR E 286 9.27 33.16 -19.82
N LYS E 287 8.09 33.53 -20.33
CA LYS E 287 7.30 34.73 -19.94
C LYS E 287 7.98 36.09 -20.15
N ALA E 288 7.24 37.19 -20.04
CA ALA E 288 7.79 38.55 -20.24
C ALA E 288 8.63 39.09 -19.07
N LEU E 289 9.57 39.99 -19.37
CA LEU E 289 10.44 40.61 -18.36
C LEU E 289 9.67 41.66 -17.55
N THR E 290 8.58 42.15 -18.15
CA THR E 290 7.68 43.16 -17.58
C THR E 290 6.59 42.55 -16.70
N GLU E 291 6.25 41.29 -16.97
CA GLU E 291 5.20 40.55 -16.25
C GLU E 291 5.53 40.20 -14.77
N VAL E 292 4.55 40.45 -13.88
CA VAL E 292 4.68 40.19 -12.43
C VAL E 292 4.50 38.71 -12.10
N ILE E 293 5.41 38.22 -11.25
CA ILE E 293 5.40 36.83 -10.81
C ILE E 293 5.38 36.75 -9.28
N PRO E 294 4.50 35.89 -8.71
CA PRO E 294 4.45 35.77 -7.25
C PRO E 294 5.62 34.94 -6.69
N LEU E 295 6.21 35.44 -5.60
CA LEU E 295 7.33 34.79 -4.92
C LEU E 295 6.87 33.59 -4.09
N THR E 296 7.14 32.37 -4.55
CA THR E 296 6.72 31.15 -3.83
C THR E 296 7.39 30.95 -2.47
N GLU E 297 6.78 30.11 -1.63
CA GLU E 297 7.26 29.85 -0.26
C GLU E 297 8.70 29.45 -0.04
N GLU E 298 9.19 28.50 -0.83
CA GLU E 298 10.58 28.03 -0.71
C GLU E 298 11.55 29.10 -1.21
N ALA E 299 11.05 30.02 -2.03
CA ALA E 299 11.86 31.13 -2.56
C ALA E 299 11.90 32.33 -1.59
N GLU E 300 10.86 32.44 -0.75
CA GLU E 300 10.73 33.51 0.24
C GLU E 300 11.72 33.30 1.40
N LEU E 301 11.94 32.03 1.70
CA LEU E 301 12.82 31.50 2.75
C LEU E 301 14.28 31.79 2.35
N GLU E 302 14.59 31.47 1.09
CA GLU E 302 15.91 31.63 0.49
C GLU E 302 16.37 33.08 0.39
N LEU E 303 15.46 33.98 0.01
CA LEU E 303 15.78 35.41 -0.11
C LEU E 303 16.05 36.00 1.28
N ALA E 304 15.35 35.44 2.27
CA ALA E 304 15.46 35.84 3.66
C ALA E 304 16.78 35.32 4.22
N GLU E 305 17.13 34.08 3.85
CA GLU E 305 18.38 33.42 4.27
C GLU E 305 19.60 34.11 3.67
N ASN E 306 19.42 34.64 2.44
CA ASN E 306 20.48 35.34 1.71
C ASN E 306 20.64 36.75 2.22
N ARG E 307 19.53 37.34 2.69
CA ARG E 307 19.52 38.69 3.23
C ARG E 307 20.34 38.70 4.52
N GLU E 308 20.30 37.55 5.21
CA GLU E 308 21.01 37.34 6.46
C GLU E 308 22.51 37.20 6.29
N ILE E 309 22.97 36.62 5.17
CA ILE E 309 24.41 36.46 4.92
C ILE E 309 25.02 37.84 4.58
N LEU E 310 24.25 38.65 3.85
CA LEU E 310 24.65 39.98 3.37
C LEU E 310 24.84 41.17 4.32
N LYS E 311 24.20 41.19 5.49
CA LYS E 311 24.38 42.33 6.38
C LYS E 311 25.52 42.10 7.36
N GLU E 312 26.60 41.50 6.85
CA GLU E 312 27.77 41.19 7.65
C GLU E 312 29.02 41.40 6.86
N PRO E 313 29.99 42.16 7.40
CA PRO E 313 31.24 42.36 6.64
C PRO E 313 32.13 41.12 6.62
N VAL E 314 32.55 40.74 5.42
CA VAL E 314 33.46 39.61 5.26
C VAL E 314 34.59 40.07 4.35
N HIS E 315 35.79 39.61 4.67
CA HIS E 315 36.98 39.95 3.91
C HIS E 315 37.69 38.72 3.39
N GLY E 316 38.53 38.93 2.40
CA GLY E 316 39.28 37.83 1.83
C GLY E 316 40.72 38.25 1.85
N VAL E 317 41.62 37.37 2.26
CA VAL E 317 43.01 37.73 2.27
C VAL E 317 43.61 37.58 0.85
N TYR E 318 44.80 38.15 0.65
CA TYR E 318 45.53 38.12 -0.61
C TYR E 318 46.35 36.84 -0.68
N TYR E 319 46.98 36.58 -1.83
CA TYR E 319 47.77 35.38 -2.08
C TYR E 319 49.24 35.39 -1.64
N ASP E 320 49.67 34.23 -1.16
CA ASP E 320 51.01 34.00 -0.67
C ASP E 320 51.52 32.79 -1.45
N PRO E 321 52.35 32.98 -2.50
CA PRO E 321 52.83 31.80 -3.23
C PRO E 321 53.78 30.83 -2.52
N SER E 322 54.37 31.25 -1.41
CA SER E 322 55.28 30.40 -0.62
C SER E 322 54.48 29.39 0.23
N LYS E 323 53.20 29.69 0.42
CA LYS E 323 52.26 28.85 1.15
C LYS E 323 51.40 28.22 0.05
N ASP E 324 50.87 27.02 0.29
CA ASP E 324 50.04 26.37 -0.72
C ASP E 324 48.54 26.70 -0.62
N LEU E 325 47.80 26.28 -1.65
CA LEU E 325 46.37 26.53 -1.83
C LEU E 325 45.38 25.41 -1.47
N ILE E 326 44.42 25.72 -0.58
CA ILE E 326 43.41 24.74 -0.14
C ILE E 326 41.99 25.17 -0.56
N ALA E 327 41.19 24.21 -1.01
CA ALA E 327 39.81 24.44 -1.42
C ALA E 327 38.95 23.45 -0.67
N GLU E 328 37.80 23.91 -0.16
CA GLU E 328 36.89 23.07 0.61
C GLU E 328 35.47 23.19 0.09
N ILE E 329 34.75 22.06 0.02
CA ILE E 329 33.36 21.99 -0.48
C ILE E 329 32.32 21.51 0.56
N GLN E 330 31.12 22.10 0.52
CA GLN E 330 30.01 21.75 1.42
C GLN E 330 28.81 21.48 0.55
N LYS E 331 27.89 20.66 1.06
CA LYS E 331 26.67 20.40 0.32
C LYS E 331 25.65 21.37 0.91
N GLN E 332 24.91 22.07 0.05
CA GLN E 332 23.89 23.02 0.49
C GLN E 332 22.54 22.32 0.55
N GLY E 333 21.80 22.37 -0.55
CA GLY E 333 20.51 21.71 -0.65
C GLY E 333 20.72 20.67 -1.72
N GLN E 334 19.65 20.33 -2.46
CA GLN E 334 19.77 19.35 -3.54
C GLN E 334 20.35 20.07 -4.76
N GLY E 335 21.41 19.48 -5.32
CA GLY E 335 22.09 19.99 -6.50
C GLY E 335 22.90 21.27 -6.31
N GLN E 336 22.99 21.71 -5.06
CA GLN E 336 23.69 22.92 -4.66
C GLN E 336 24.92 22.70 -3.80
N TRP E 337 26.01 23.34 -4.18
CA TRP E 337 27.29 23.22 -3.48
C TRP E 337 27.98 24.57 -3.25
N THR E 338 28.72 24.68 -2.15
CA THR E 338 29.49 25.90 -1.87
C THR E 338 30.89 25.50 -1.55
N TYR E 339 31.83 26.29 -2.04
CA TYR E 339 33.21 26.02 -1.78
C TYR E 339 33.88 27.28 -1.32
N GLN E 340 35.08 27.12 -0.79
CA GLN E 340 35.91 28.25 -0.38
C GLN E 340 37.38 27.91 -0.50
N ILE E 341 38.09 28.82 -1.14
CA ILE E 341 39.53 28.68 -1.35
C ILE E 341 40.28 29.54 -0.34
N TYR E 342 41.09 28.87 0.47
CA TYR E 342 41.87 29.52 1.52
C TYR E 342 43.28 28.95 1.59
N GLN E 343 44.10 29.58 2.43
CA GLN E 343 45.47 29.13 2.66
C GLN E 343 45.62 28.95 4.17
N GLU E 344 44.80 29.69 4.94
CA GLU E 344 44.81 29.63 6.40
C GLU E 344 43.36 29.63 6.96
N PRO E 345 43.04 28.71 7.92
CA PRO E 345 41.74 28.53 8.59
C PRO E 345 40.51 29.48 8.45
N PHE E 346 40.50 30.68 9.05
CA PHE E 346 39.36 31.62 8.88
C PHE E 346 39.68 32.66 7.78
N LYS E 347 40.92 32.62 7.26
CA LYS E 347 41.34 33.56 6.21
C LYS E 347 41.17 33.02 4.79
N ASN E 348 40.03 33.37 4.24
CA ASN E 348 39.59 33.01 2.89
C ASN E 348 40.21 33.89 1.84
N LEU E 349 40.28 33.36 0.63
CA LEU E 349 40.79 34.11 -0.51
C LEU E 349 39.58 34.45 -1.34
N LYS E 350 38.83 33.41 -1.67
CA LYS E 350 37.63 33.50 -2.50
C LYS E 350 36.71 32.39 -2.03
N THR E 351 35.40 32.60 -2.17
CA THR E 351 34.40 31.58 -1.88
C THR E 351 33.63 31.37 -3.18
N GLY E 352 32.79 30.35 -3.22
CA GLY E 352 32.03 30.08 -4.42
C GLY E 352 30.80 29.23 -4.28
N LYS E 353 30.19 28.97 -5.43
CA LYS E 353 28.92 28.27 -5.51
C LYS E 353 28.78 27.45 -6.80
N TYR E 354 28.35 26.19 -6.70
CA TYR E 354 28.12 25.36 -7.89
C TYR E 354 26.69 24.83 -7.82
N ALA E 355 25.85 25.28 -8.74
CA ALA E 355 24.44 24.86 -8.73
C ALA E 355 23.84 24.30 -10.00
N ARG E 356 24.66 24.07 -11.01
CA ARG E 356 24.25 23.54 -12.32
C ARG E 356 23.66 22.11 -12.23
N MET E 357 22.50 21.91 -12.86
CA MET E 357 21.88 20.59 -12.90
C MET E 357 22.06 20.06 -14.31
N ARG E 358 23.21 19.40 -14.48
CA ARG E 358 23.62 18.79 -15.74
C ARG E 358 23.14 17.35 -15.73
N GLY E 359 22.16 17.07 -16.60
CA GLY E 359 21.59 15.75 -16.71
C GLY E 359 20.19 15.72 -16.12
N ALA E 360 19.44 14.68 -16.45
CA ALA E 360 18.10 14.50 -15.92
C ALA E 360 18.17 13.68 -14.64
N HIS E 361 19.09 12.71 -14.61
CA HIS E 361 19.29 11.80 -13.46
C HIS E 361 20.76 11.74 -12.96
N THR E 362 21.13 12.51 -11.94
CA THR E 362 22.52 12.49 -11.38
C THR E 362 22.57 12.01 -9.94
N ASN E 363 23.76 12.14 -9.36
CA ASN E 363 23.97 11.84 -7.95
C ASN E 363 24.94 12.84 -7.35
N ASP E 364 25.08 12.77 -6.04
CA ASP E 364 25.94 13.64 -5.27
C ASP E 364 27.39 13.58 -5.66
N VAL E 365 27.89 12.35 -5.83
CA VAL E 365 29.27 12.08 -6.20
C VAL E 365 29.55 12.75 -7.53
N LYS E 366 28.73 12.42 -8.55
CA LYS E 366 28.83 12.98 -9.89
C LYS E 366 28.85 14.49 -9.80
N GLN E 367 27.99 15.04 -8.95
CA GLN E 367 27.91 16.48 -8.75
C GLN E 367 29.09 17.10 -8.01
N LEU E 368 29.65 16.35 -7.06
CA LEU E 368 30.79 16.81 -6.26
C LEU E 368 31.97 16.90 -7.21
N THR E 369 32.04 15.91 -8.10
CA THR E 369 33.10 15.79 -9.07
C THR E 369 33.11 16.96 -10.03
N GLU E 370 31.95 17.34 -10.58
CA GLU E 370 31.93 18.48 -11.48
C GLU E 370 32.12 19.82 -10.75
N ALA E 371 31.93 19.78 -9.42
CA ALA E 371 32.14 20.96 -8.57
C ALA E 371 33.65 21.12 -8.44
N VAL E 372 34.34 20.01 -8.16
CA VAL E 372 35.81 19.98 -8.01
C VAL E 372 36.47 20.51 -9.26
N GLN E 373 35.88 20.17 -10.41
CA GLN E 373 36.38 20.60 -11.68
C GLN E 373 36.21 22.08 -11.91
N LYS E 374 35.04 22.63 -11.54
CA LYS E 374 34.73 24.05 -11.72
C LYS E 374 35.76 24.96 -11.02
N ILE E 375 36.23 24.47 -9.86
CA ILE E 375 37.22 25.13 -9.02
C ILE E 375 38.58 25.03 -9.67
N THR E 376 39.06 23.80 -9.89
CA THR E 376 40.35 23.50 -10.51
C THR E 376 40.60 24.40 -11.71
N THR E 377 39.57 24.51 -12.54
CA THR E 377 39.58 25.32 -13.74
C THR E 377 39.77 26.79 -13.39
N GLU E 378 38.96 27.29 -12.47
CA GLU E 378 39.09 28.69 -12.14
C GLU E 378 40.23 29.04 -11.21
N SER E 379 40.85 28.02 -10.63
CA SER E 379 41.98 28.22 -9.75
C SER E 379 43.20 28.42 -10.60
N ILE E 380 43.25 27.68 -11.72
CA ILE E 380 44.34 27.76 -12.67
C ILE E 380 44.30 29.15 -13.30
N VAL E 381 43.11 29.71 -13.42
CA VAL E 381 42.94 31.04 -13.99
C VAL E 381 43.45 32.11 -13.04
N ILE E 382 43.15 31.99 -11.74
CA ILE E 382 43.58 33.00 -10.77
C ILE E 382 45.00 32.84 -10.23
N TRP E 383 45.36 31.64 -9.81
CA TRP E 383 46.67 31.41 -9.23
C TRP E 383 47.61 30.57 -10.06
N GLY E 384 47.13 30.09 -11.20
CA GLY E 384 47.97 29.29 -12.08
C GLY E 384 48.27 27.90 -11.57
N LYS E 385 47.50 27.42 -10.60
CA LYS E 385 47.69 26.07 -10.07
C LYS E 385 46.38 25.48 -9.57
N THR E 386 46.43 24.19 -9.28
CA THR E 386 45.29 23.44 -8.79
C THR E 386 45.42 23.32 -7.28
N PRO E 387 44.30 23.42 -6.53
CA PRO E 387 44.44 23.29 -5.07
C PRO E 387 44.32 21.87 -4.50
N LYS E 388 44.57 21.78 -3.20
CA LYS E 388 44.44 20.56 -2.42
C LYS E 388 43.00 20.70 -1.93
N PHE E 389 42.21 19.65 -2.06
CA PHE E 389 40.82 19.65 -1.67
C PHE E 389 40.49 18.98 -0.36
N LYS E 390 39.50 19.52 0.33
CA LYS E 390 38.97 19.01 1.58
C LYS E 390 37.56 18.71 1.11
N LEU E 391 37.24 17.42 0.94
CA LEU E 391 35.93 17.00 0.43
C LEU E 391 35.05 16.18 1.39
N PRO E 392 33.69 16.39 1.37
CA PRO E 392 32.79 15.64 2.27
C PRO E 392 32.50 14.20 1.83
N ILE E 393 33.50 13.46 1.36
CA ILE E 393 33.30 12.09 0.89
C ILE E 393 34.35 11.16 1.50
N GLN E 394 33.98 9.91 1.77
CA GLN E 394 34.92 8.95 2.35
C GLN E 394 35.84 8.43 1.27
N LYS E 395 37.06 8.06 1.66
CA LYS E 395 38.02 7.53 0.70
C LYS E 395 37.50 6.22 0.13
N GLU E 396 36.71 5.50 0.94
CA GLU E 396 36.12 4.23 0.54
C GLU E 396 34.88 4.36 -0.34
N THR E 397 34.14 5.46 -0.20
CA THR E 397 32.93 5.74 -1.00
C THR E 397 33.44 6.04 -2.40
N TRP E 398 34.42 6.93 -2.46
CA TRP E 398 35.02 7.32 -3.71
C TRP E 398 35.64 6.12 -4.38
N GLU E 399 36.37 5.31 -3.62
CA GLU E 399 37.00 4.12 -4.18
C GLU E 399 36.00 3.16 -4.80
N THR E 400 34.84 2.97 -4.16
CA THR E 400 33.80 2.07 -4.69
C THR E 400 33.20 2.68 -5.94
N TRP E 401 33.18 4.00 -6.00
CA TRP E 401 32.63 4.67 -7.15
C TRP E 401 33.49 4.53 -8.39
N TRP E 402 34.71 5.08 -8.35
CA TRP E 402 35.58 5.05 -9.51
C TRP E 402 35.99 3.69 -10.05
N THR E 403 36.25 2.73 -9.16
CA THR E 403 36.65 1.40 -9.62
C THR E 403 35.50 0.67 -10.30
N GLU E 404 34.27 1.03 -9.92
CA GLU E 404 33.05 0.42 -10.45
C GLU E 404 32.34 1.16 -11.60
N TYR E 405 32.63 2.45 -11.78
CA TYR E 405 31.98 3.25 -12.83
C TYR E 405 32.59 2.99 -14.23
N TRP E 406 31.81 3.18 -15.28
CA TRP E 406 32.31 2.95 -16.65
C TRP E 406 33.02 4.12 -17.33
N GLN E 407 32.76 5.33 -16.84
CA GLN E 407 33.46 6.49 -17.39
C GLN E 407 34.74 6.61 -16.61
N ALA E 408 35.71 7.30 -17.18
CA ALA E 408 36.98 7.55 -16.54
C ALA E 408 36.75 8.72 -15.61
N THR E 409 37.21 8.58 -14.37
CA THR E 409 37.05 9.66 -13.42
C THR E 409 38.22 9.85 -12.47
N TRP E 410 38.41 11.09 -12.07
CA TRP E 410 39.50 11.45 -11.18
C TRP E 410 39.29 12.81 -10.56
N ILE E 411 39.68 12.87 -9.29
CA ILE E 411 39.66 14.06 -8.45
C ILE E 411 41.14 14.17 -7.99
N PRO E 412 41.76 15.38 -8.00
CA PRO E 412 43.16 15.59 -7.59
C PRO E 412 43.53 15.16 -6.15
N GLU E 413 44.55 15.78 -5.54
CA GLU E 413 44.94 15.44 -4.16
C GLU E 413 43.85 16.00 -3.25
N TRP E 414 43.24 15.13 -2.46
CA TRP E 414 42.17 15.52 -1.55
C TRP E 414 42.19 14.75 -0.25
N GLU E 415 41.54 15.33 0.76
CA GLU E 415 41.47 14.78 2.10
C GLU E 415 40.00 14.77 2.55
N PHE E 416 39.63 13.77 3.34
CA PHE E 416 38.27 13.60 3.86
C PHE E 416 38.02 14.53 5.06
N VAL E 417 37.00 15.39 4.95
CA VAL E 417 36.64 16.29 6.04
C VAL E 417 35.27 15.80 6.60
N ASN E 418 35.19 15.53 7.90
CA ASN E 418 33.94 15.03 8.52
C ASN E 418 32.91 16.09 8.92
N THR E 419 32.45 16.82 7.93
CA THR E 419 31.49 17.87 8.12
C THR E 419 30.18 17.51 7.41
N PRO E 420 29.13 17.06 8.18
CA PRO E 420 27.83 16.69 7.58
C PRO E 420 27.17 17.90 6.87
N PRO E 421 26.24 17.66 5.89
CA PRO E 421 25.77 16.43 5.23
C PRO E 421 26.76 15.79 4.25
N LEU E 422 27.20 14.58 4.59
CA LEU E 422 28.17 13.81 3.81
C LEU E 422 27.66 13.27 2.48
N VAL E 423 28.60 13.14 1.54
CA VAL E 423 28.33 12.64 0.20
C VAL E 423 28.55 11.11 0.19
N LYS E 424 27.47 10.36 -0.05
CA LYS E 424 27.56 8.90 -0.10
C LYS E 424 26.68 8.27 -1.16
N LEU E 425 26.98 7.00 -1.43
CA LEU E 425 26.22 6.18 -2.37
C LEU E 425 25.11 5.51 -1.56
N TRP E 426 23.86 5.80 -1.90
CA TRP E 426 22.71 5.29 -1.18
C TRP E 426 22.29 3.84 -1.41
N TYR E 427 22.92 3.22 -2.42
CA TYR E 427 22.70 1.81 -2.75
C TYR E 427 23.79 1.28 -3.68
N GLN E 428 23.82 -0.04 -3.82
CA GLN E 428 24.81 -0.72 -4.66
C GLN E 428 24.20 -2.05 -5.11
N LEU E 429 23.89 -2.15 -6.40
CA LEU E 429 23.31 -3.35 -7.03
C LEU E 429 24.30 -4.51 -6.96
N GLU E 430 23.79 -5.75 -6.90
CA GLU E 430 24.65 -6.92 -6.78
C GLU E 430 25.34 -7.34 -8.04
N LYS E 431 26.52 -7.93 -7.82
CA LYS E 431 27.37 -8.43 -8.90
C LYS E 431 26.78 -9.77 -9.35
N GLU E 432 26.36 -10.58 -8.37
CA GLU E 432 25.79 -11.90 -8.63
C GLU E 432 24.33 -12.01 -8.12
N PRO E 433 23.44 -12.80 -8.80
CA PRO E 433 22.04 -12.97 -8.37
C PRO E 433 21.87 -13.58 -7.00
N ILE E 434 20.98 -13.00 -6.19
CA ILE E 434 20.73 -13.44 -4.81
C ILE E 434 20.05 -14.80 -4.76
N VAL E 435 20.64 -15.76 -4.03
CA VAL E 435 20.04 -17.09 -3.88
C VAL E 435 19.06 -16.97 -2.71
N GLY E 436 17.83 -17.44 -2.93
CA GLY E 436 16.80 -17.37 -1.90
C GLY E 436 15.97 -16.12 -1.94
N ALA E 437 15.93 -15.49 -3.12
CA ALA E 437 15.17 -14.28 -3.39
C ALA E 437 14.30 -14.53 -4.59
N GLU E 438 13.13 -13.90 -4.58
CA GLU E 438 12.17 -14.05 -5.66
C GLU E 438 12.60 -13.31 -6.93
N THR E 439 12.46 -14.00 -8.07
CA THR E 439 12.83 -13.46 -9.38
C THR E 439 11.64 -12.82 -10.10
N PHE E 440 11.74 -11.51 -10.30
CA PHE E 440 10.72 -10.70 -10.95
C PHE E 440 11.05 -10.30 -12.37
N TYR E 441 10.35 -10.87 -13.35
CA TYR E 441 10.56 -10.50 -14.74
C TYR E 441 9.59 -9.39 -15.03
N VAL E 442 10.11 -8.24 -15.49
CA VAL E 442 9.25 -7.10 -15.77
C VAL E 442 9.36 -6.54 -17.20
N ASP E 443 8.25 -6.03 -17.73
CA ASP E 443 8.15 -5.36 -19.06
C ASP E 443 6.95 -4.42 -18.84
N GLY E 444 6.67 -3.59 -19.84
CA GLY E 444 5.55 -2.67 -19.77
C GLY E 444 5.46 -1.96 -21.09
N ALA E 445 4.34 -2.06 -21.78
CA ALA E 445 4.20 -1.38 -23.07
C ALA E 445 3.24 -0.21 -23.03
N ALA E 446 3.15 0.52 -24.14
CA ALA E 446 2.26 1.67 -24.29
C ALA E 446 1.96 1.93 -25.77
N ASN E 447 0.72 2.32 -26.09
CA ASN E 447 0.32 2.63 -27.46
C ASN E 447 0.59 4.12 -27.70
N ARG E 448 1.46 4.40 -28.66
CA ARG E 448 1.86 5.76 -28.99
C ARG E 448 0.78 6.62 -29.66
N GLU E 449 -0.31 5.98 -30.07
CA GLU E 449 -1.41 6.70 -30.70
C GLU E 449 -2.57 7.04 -29.77
N THR E 450 -2.75 6.24 -28.71
CA THR E 450 -3.83 6.50 -27.75
C THR E 450 -3.29 7.04 -26.42
N LYS E 451 -1.97 6.98 -26.25
CA LYS E 451 -1.24 7.41 -25.05
C LYS E 451 -1.52 6.57 -23.79
N LEU E 452 -2.15 5.40 -23.97
CA LEU E 452 -2.47 4.47 -22.87
C LEU E 452 -1.42 3.37 -22.77
N GLY E 453 -1.39 2.66 -21.64
CA GLY E 453 -0.42 1.59 -21.47
C GLY E 453 -0.58 0.69 -20.29
N LYS E 454 0.14 -0.43 -20.31
CA LYS E 454 0.12 -1.41 -19.23
C LYS E 454 1.55 -1.65 -18.76
N ALA E 455 1.68 -2.02 -17.48
CA ALA E 455 2.97 -2.31 -16.87
C ALA E 455 2.82 -3.37 -15.82
N GLY E 456 3.72 -4.34 -15.83
CA GLY E 456 3.67 -5.41 -14.86
C GLY E 456 4.82 -6.38 -14.71
N TYR E 457 4.58 -7.37 -13.87
CA TYR E 457 5.56 -8.41 -13.60
C TYR E 457 4.95 -9.79 -13.53
N VAL E 458 5.85 -10.74 -13.44
CA VAL E 458 5.53 -12.15 -13.29
C VAL E 458 6.78 -12.66 -12.54
N THR E 459 6.59 -13.54 -11.56
CA THR E 459 7.70 -14.09 -10.77
C THR E 459 7.82 -15.61 -10.91
N ASN E 460 8.90 -16.16 -10.32
CA ASN E 460 9.15 -17.60 -10.36
C ASN E 460 8.16 -18.36 -9.50
N LYS E 461 7.69 -17.72 -8.42
CA LYS E 461 6.79 -18.35 -7.43
C LYS E 461 5.36 -18.37 -7.96
N GLY E 462 5.00 -17.57 -8.93
CA GLY E 462 3.65 -17.55 -9.46
C GLY E 462 2.95 -16.23 -9.32
N ARG E 463 3.57 -15.31 -8.56
CA ARG E 463 3.05 -13.96 -8.30
C ARG E 463 2.94 -13.19 -9.62
N GLN E 464 1.91 -12.35 -9.73
CA GLN E 464 1.66 -11.60 -10.96
C GLN E 464 0.92 -10.29 -10.69
N LYS E 465 1.11 -9.30 -11.55
CA LYS E 465 0.43 -8.01 -11.40
C LYS E 465 0.59 -7.09 -12.59
N VAL E 466 -0.52 -6.65 -13.20
CA VAL E 466 -0.41 -5.66 -14.28
C VAL E 466 -1.29 -4.48 -13.85
N VAL E 467 -0.92 -3.28 -14.26
CA VAL E 467 -1.68 -2.07 -13.93
C VAL E 467 -1.91 -1.24 -15.16
N PRO E 468 -3.10 -0.68 -15.36
CA PRO E 468 -3.35 0.25 -16.47
C PRO E 468 -2.71 1.61 -16.20
N LEU E 469 -2.24 2.28 -17.26
CA LEU E 469 -1.59 3.63 -17.15
C LEU E 469 -2.24 4.64 -18.13
N THR E 470 -2.37 5.89 -17.65
CA THR E 470 -3.13 6.96 -18.37
C THR E 470 -2.45 7.63 -19.58
N ASP E 471 -1.58 8.60 -19.32
CA ASP E 471 -0.90 9.37 -20.38
C ASP E 471 0.59 9.06 -20.44
N THR E 472 0.87 7.78 -20.56
CA THR E 472 2.23 7.28 -20.57
C THR E 472 2.95 7.20 -21.93
N THR E 473 4.23 6.83 -21.85
CA THR E 473 5.13 6.65 -22.97
C THR E 473 5.71 5.26 -22.79
N ASN E 474 6.31 4.74 -23.86
CA ASN E 474 6.87 3.39 -23.83
C ASN E 474 7.99 3.22 -22.84
N GLN E 475 8.71 4.30 -22.60
CA GLN E 475 9.82 4.27 -21.70
C GLN E 475 9.37 4.36 -20.24
N LYS E 476 8.33 5.17 -20.00
CA LYS E 476 7.78 5.38 -18.65
C LYS E 476 7.17 4.10 -18.09
N THR E 477 6.55 3.32 -18.97
CA THR E 477 5.91 2.06 -18.61
C THR E 477 6.91 1.01 -18.15
N GLN E 478 8.08 0.99 -18.80
CA GLN E 478 9.16 0.06 -18.47
C GLN E 478 9.76 0.50 -17.14
N LEU E 479 9.66 1.80 -16.84
CA LEU E 479 10.17 2.34 -15.58
C LEU E 479 9.19 2.08 -14.46
N GLN E 480 7.90 2.11 -14.81
CA GLN E 480 6.80 1.86 -13.88
C GLN E 480 6.88 0.44 -13.37
N ALA E 481 7.18 -0.49 -14.29
CA ALA E 481 7.30 -1.91 -13.98
C ALA E 481 8.44 -2.27 -13.04
N ILE E 482 9.46 -1.42 -12.95
CA ILE E 482 10.60 -1.66 -12.05
C ILE E 482 10.10 -1.20 -10.69
N TYR E 483 9.33 -0.11 -10.71
CA TYR E 483 8.77 0.45 -9.50
C TYR E 483 7.85 -0.56 -8.84
N LEU E 484 7.02 -1.23 -9.63
CA LEU E 484 6.08 -2.23 -9.13
C LEU E 484 6.80 -3.41 -8.52
N ALA E 485 7.76 -3.95 -9.27
CA ALA E 485 8.55 -5.08 -8.83
C ALA E 485 9.26 -4.79 -7.50
N LEU E 486 9.52 -3.51 -7.25
CA LEU E 486 10.19 -3.11 -6.03
C LEU E 486 9.24 -2.93 -4.85
N GLN E 487 7.98 -2.55 -5.13
CA GLN E 487 6.99 -2.35 -4.07
C GLN E 487 6.52 -3.66 -3.48
N ASP E 488 6.09 -4.55 -4.37
CA ASP E 488 5.56 -5.86 -4.04
C ASP E 488 6.61 -6.92 -3.70
N SER E 489 7.80 -6.49 -3.32
CA SER E 489 8.86 -7.44 -3.00
C SER E 489 9.38 -7.36 -1.58
N GLY E 490 10.27 -8.31 -1.27
CA GLY E 490 10.90 -8.38 0.04
C GLY E 490 12.09 -7.45 0.16
N LEU E 491 12.97 -7.72 1.12
CA LEU E 491 14.17 -6.92 1.35
C LEU E 491 15.23 -7.27 0.29
N GLU E 492 15.13 -8.50 -0.21
CA GLU E 492 16.05 -9.04 -1.21
C GLU E 492 15.28 -9.44 -2.49
N VAL E 493 15.51 -8.74 -3.60
CA VAL E 493 14.85 -8.96 -4.91
C VAL E 493 15.80 -9.22 -6.07
N ASN E 494 15.28 -9.84 -7.14
CA ASN E 494 16.02 -10.10 -8.36
C ASN E 494 15.11 -9.62 -9.48
N ILE E 495 15.43 -8.49 -10.12
CA ILE E 495 14.55 -8.00 -11.19
C ILE E 495 15.20 -8.12 -12.56
N VAL E 496 14.49 -8.73 -13.52
CA VAL E 496 15.03 -8.90 -14.87
C VAL E 496 14.19 -8.21 -15.97
N THR E 497 14.81 -7.20 -16.57
CA THR E 497 14.20 -6.36 -17.60
C THR E 497 14.78 -6.49 -19.02
N ASP E 498 14.02 -6.02 -20.02
CA ASP E 498 14.43 -6.02 -21.42
C ASP E 498 14.66 -4.59 -21.93
N SER E 499 14.68 -3.65 -21.00
CA SER E 499 14.89 -2.24 -21.30
C SER E 499 16.31 -1.79 -21.04
N GLN E 500 16.94 -1.24 -22.08
CA GLN E 500 18.29 -0.72 -21.97
C GLN E 500 18.19 0.59 -21.21
N TYR E 501 17.29 1.45 -21.69
CA TYR E 501 17.01 2.80 -21.16
C TYR E 501 16.93 2.87 -19.62
N ALA E 502 15.98 2.09 -19.10
CA ALA E 502 15.66 2.01 -17.67
C ALA E 502 16.80 1.54 -16.81
N LEU E 503 17.34 0.38 -17.17
CA LEU E 503 18.45 -0.27 -16.48
C LEU E 503 19.63 0.69 -16.43
N GLY E 504 19.82 1.37 -17.56
CA GLY E 504 20.87 2.35 -17.74
C GLY E 504 20.78 3.45 -16.72
N ILE E 505 19.56 3.93 -16.45
CA ILE E 505 19.37 4.99 -15.48
C ILE E 505 19.78 4.51 -14.11
N ILE E 506 19.26 3.34 -13.73
CA ILE E 506 19.52 2.74 -12.42
C ILE E 506 20.96 2.31 -12.15
N GLN E 507 21.67 1.88 -13.19
CA GLN E 507 23.06 1.42 -13.04
C GLN E 507 24.01 2.51 -12.63
N ALA E 508 23.64 3.73 -12.99
CA ALA E 508 24.38 4.94 -12.71
C ALA E 508 24.12 5.42 -11.30
N GLN E 509 23.39 4.60 -10.53
CA GLN E 509 23.04 4.84 -9.12
C GLN E 509 22.58 6.27 -8.82
N PRO E 510 21.46 6.70 -9.43
CA PRO E 510 21.02 8.07 -9.17
C PRO E 510 20.42 8.29 -7.79
N ASP E 511 20.62 9.49 -7.23
CA ASP E 511 20.03 9.80 -5.93
C ASP E 511 19.08 10.98 -5.96
N GLU E 512 18.89 11.49 -7.10
CA GLU E 512 17.96 12.60 -7.40
C GLU E 512 17.42 12.46 -8.82
N SER E 513 16.33 13.03 -9.11
CA SER E 513 16.07 13.12 -10.61
C SER E 513 15.02 14.16 -10.89
N GLU E 514 14.91 14.54 -12.17
CA GLU E 514 13.92 15.51 -12.60
C GLU E 514 12.54 14.84 -12.71
N SER E 515 12.56 13.52 -12.88
CA SER E 515 11.36 12.72 -13.00
C SER E 515 10.98 12.11 -11.66
N GLU E 516 9.74 12.38 -11.26
CA GLU E 516 9.16 11.92 -9.99
C GLU E 516 9.08 10.39 -9.91
N LEU E 517 8.83 9.73 -11.06
CA LEU E 517 8.75 8.27 -11.12
C LEU E 517 10.09 7.68 -10.73
N VAL E 518 11.15 8.23 -11.33
CA VAL E 518 12.51 7.81 -11.11
C VAL E 518 12.93 8.10 -9.67
N ASN E 519 12.43 9.21 -9.11
CA ASN E 519 12.74 9.60 -7.73
C ASN E 519 12.25 8.59 -6.73
N GLN E 520 11.07 8.04 -6.96
CA GLN E 520 10.52 7.07 -6.02
C GLN E 520 11.05 5.66 -6.19
N ILE E 521 11.61 5.38 -7.37
CA ILE E 521 12.21 4.07 -7.65
C ILE E 521 13.52 4.01 -6.86
N ILE E 522 14.13 5.20 -6.68
CA ILE E 522 15.36 5.39 -5.94
C ILE E 522 15.04 5.19 -4.47
N GLU E 523 13.98 5.86 -3.99
CA GLU E 523 13.50 5.81 -2.61
C GLU E 523 13.30 4.36 -2.19
N GLN E 524 12.85 3.55 -3.16
CA GLN E 524 12.60 2.15 -2.93
C GLN E 524 13.88 1.33 -2.80
N LEU E 525 14.83 1.56 -3.74
CA LEU E 525 16.12 0.88 -3.77
C LEU E 525 16.95 1.11 -2.51
N ILE E 526 16.77 2.28 -1.88
CA ILE E 526 17.47 2.65 -0.66
C ILE E 526 16.93 1.81 0.51
N LYS E 527 15.61 1.59 0.47
CA LYS E 527 14.86 0.81 1.46
C LYS E 527 15.19 -0.68 1.41
N LYS E 528 15.74 -1.16 0.28
CA LYS E 528 16.11 -2.57 0.12
C LYS E 528 17.41 -2.94 0.82
N GLU E 529 17.71 -4.24 0.82
CA GLU E 529 18.91 -4.77 1.46
C GLU E 529 19.88 -5.27 0.40
N LYS E 530 19.35 -6.03 -0.56
CA LYS E 530 20.09 -6.61 -1.69
C LYS E 530 19.17 -6.59 -2.93
N VAL E 531 19.61 -5.96 -4.02
CA VAL E 531 18.86 -5.91 -5.29
C VAL E 531 19.81 -6.34 -6.42
N TYR E 532 19.36 -7.25 -7.29
CA TYR E 532 20.17 -7.66 -8.43
C TYR E 532 19.35 -7.34 -9.66
N LEU E 533 19.87 -6.48 -10.52
CA LEU E 533 19.14 -6.15 -11.72
C LEU E 533 19.87 -6.71 -12.95
N ALA E 534 19.11 -7.27 -13.89
CA ALA E 534 19.72 -7.84 -15.09
C ALA E 534 18.92 -7.60 -16.37
N TRP E 535 19.62 -7.78 -17.49
CA TRP E 535 19.05 -7.53 -18.80
C TRP E 535 18.98 -8.73 -19.74
N VAL E 536 17.95 -8.71 -20.59
CA VAL E 536 17.69 -9.75 -21.58
C VAL E 536 17.16 -9.19 -22.91
N PRO E 537 17.52 -9.82 -24.06
CA PRO E 537 17.08 -9.39 -25.40
C PRO E 537 15.58 -9.58 -25.63
N ALA E 538 14.91 -8.48 -25.94
CA ALA E 538 13.46 -8.42 -26.16
C ALA E 538 12.65 -9.57 -26.81
N HIS E 539 12.50 -9.60 -28.13
CA HIS E 539 11.68 -10.65 -28.74
C HIS E 539 12.29 -12.01 -29.03
N LYS E 540 13.07 -12.47 -28.06
CA LYS E 540 13.65 -13.79 -28.12
C LYS E 540 12.73 -14.68 -27.29
N GLY E 541 13.07 -15.96 -27.18
CA GLY E 541 12.23 -16.87 -26.43
C GLY E 541 12.58 -17.03 -24.95
N ILE E 542 13.02 -15.96 -24.30
CA ILE E 542 13.39 -16.00 -22.88
C ILE E 542 12.15 -16.17 -22.01
N GLY E 543 11.95 -17.40 -21.58
CA GLY E 543 10.82 -17.75 -20.73
C GLY E 543 10.95 -16.96 -19.45
N GLY E 544 9.97 -16.10 -19.25
CA GLY E 544 9.97 -15.26 -18.08
C GLY E 544 9.66 -13.90 -18.61
N ASN E 545 10.55 -13.42 -19.50
CA ASN E 545 10.38 -12.15 -20.15
C ASN E 545 9.14 -12.27 -21.06
N GLU E 546 9.09 -13.34 -21.89
CA GLU E 546 7.99 -13.58 -22.86
C GLU E 546 6.57 -13.51 -22.27
N GLN E 547 6.46 -14.05 -21.06
CA GLN E 547 5.22 -14.12 -20.31
C GLN E 547 4.67 -12.71 -19.99
N VAL E 548 5.54 -11.84 -19.48
CA VAL E 548 5.17 -10.45 -19.11
C VAL E 548 4.87 -9.56 -20.32
N ASP E 549 5.52 -9.88 -21.45
CA ASP E 549 5.37 -9.15 -22.72
C ASP E 549 3.93 -9.30 -23.22
N LYS E 550 3.44 -10.56 -23.16
CA LYS E 550 2.10 -10.93 -23.57
C LYS E 550 1.11 -10.21 -22.68
N LEU E 551 1.35 -10.28 -21.36
CA LEU E 551 0.48 -9.65 -20.38
C LEU E 551 0.26 -8.17 -20.56
N VAL E 552 1.31 -7.46 -21.00
CA VAL E 552 1.21 -6.02 -21.21
C VAL E 552 0.77 -5.62 -22.61
N SER E 553 0.27 -6.60 -23.38
CA SER E 553 -0.22 -6.37 -24.73
C SER E 553 -1.77 -6.49 -24.85
N ALA E 554 -2.42 -5.39 -25.27
CA ALA E 554 -3.88 -5.33 -25.42
C ALA E 554 -4.39 -4.13 -26.26
N SER F 3 63.48 31.34 -42.86
CA SER F 3 64.62 31.97 -43.63
C SER F 3 64.40 31.92 -45.17
N PRO F 4 64.43 33.10 -45.87
CA PRO F 4 64.22 33.24 -47.34
C PRO F 4 64.82 32.39 -48.49
N ILE F 5 63.90 31.86 -49.31
CA ILE F 5 64.12 31.06 -50.55
C ILE F 5 62.82 31.29 -51.38
N GLU F 6 62.02 30.25 -51.61
CA GLU F 6 60.75 30.28 -52.37
C GLU F 6 59.71 29.51 -51.53
N THR F 7 58.67 30.19 -51.06
CA THR F 7 57.61 29.56 -50.26
C THR F 7 56.54 28.95 -51.17
N VAL F 8 55.80 27.97 -50.67
CA VAL F 8 54.76 27.35 -51.49
C VAL F 8 53.37 27.99 -51.29
N PRO F 9 52.67 28.35 -52.38
CA PRO F 9 51.33 28.93 -52.19
C PRO F 9 50.36 27.87 -51.65
N VAL F 10 49.86 28.18 -50.47
CA VAL F 10 48.93 27.33 -49.72
C VAL F 10 47.54 27.94 -49.71
N LYS F 11 46.58 27.17 -50.20
CA LYS F 11 45.20 27.59 -50.29
C LYS F 11 44.33 27.06 -49.18
N LEU F 12 43.14 27.63 -49.07
CA LEU F 12 42.11 27.23 -48.12
C LEU F 12 40.96 26.96 -49.12
N LYS F 13 40.14 25.93 -48.86
CA LYS F 13 39.02 25.57 -49.75
C LYS F 13 37.94 26.66 -49.79
N PRO F 14 37.65 27.27 -50.98
CA PRO F 14 36.61 28.31 -51.03
C PRO F 14 35.21 27.82 -50.55
N GLY F 15 34.90 28.11 -49.28
CA GLY F 15 33.66 27.73 -48.62
C GLY F 15 33.86 27.56 -47.11
N MET F 16 35.15 27.49 -46.73
CA MET F 16 35.62 27.34 -45.36
C MET F 16 36.46 28.56 -44.90
N ASP F 17 36.25 28.97 -43.65
CA ASP F 17 36.97 30.10 -43.06
C ASP F 17 38.02 29.56 -42.09
N GLY F 18 39.06 30.34 -41.85
CA GLY F 18 40.14 29.95 -40.95
C GLY F 18 39.71 29.72 -39.50
N PRO F 19 40.56 29.08 -38.66
CA PRO F 19 40.26 28.79 -37.25
C PRO F 19 40.07 30.00 -36.35
N LYS F 20 39.06 29.93 -35.48
CA LYS F 20 38.73 31.00 -34.55
C LYS F 20 38.42 30.36 -33.21
N VAL F 21 39.44 29.75 -32.58
CA VAL F 21 39.29 29.05 -31.30
C VAL F 21 39.81 29.81 -30.08
N LYS F 22 39.02 29.79 -28.98
CA LYS F 22 39.37 30.48 -27.74
C LYS F 22 40.48 29.77 -26.97
N GLN F 23 41.42 30.57 -26.45
CA GLN F 23 42.53 30.03 -25.69
C GLN F 23 42.07 29.67 -24.29
N TRP F 24 42.18 28.40 -23.96
CA TRP F 24 41.80 27.88 -22.66
C TRP F 24 42.89 28.23 -21.63
N PRO F 25 42.56 28.18 -20.31
CA PRO F 25 43.52 28.49 -19.23
C PRO F 25 44.70 27.55 -19.11
N LEU F 26 45.86 28.12 -18.75
CA LEU F 26 47.11 27.38 -18.59
C LEU F 26 47.71 27.61 -17.20
N THR F 27 48.44 26.62 -16.70
CA THR F 27 49.08 26.72 -15.38
C THR F 27 50.31 27.59 -15.47
N GLU F 28 50.68 28.21 -14.34
CA GLU F 28 51.83 29.11 -14.21
C GLU F 28 53.11 28.47 -14.69
N GLU F 29 53.32 27.22 -14.29
CA GLU F 29 54.52 26.48 -14.66
C GLU F 29 54.65 26.35 -16.18
N LYS F 30 53.51 26.35 -16.88
CA LYS F 30 53.61 26.24 -18.33
C LYS F 30 53.37 27.51 -19.12
N ILE F 31 52.94 28.58 -18.46
CA ILE F 31 52.77 29.85 -19.16
C ILE F 31 54.17 30.43 -19.24
N LYS F 32 54.93 30.26 -18.14
CA LYS F 32 56.31 30.73 -18.05
C LYS F 32 57.14 30.07 -19.13
N ALA F 33 56.89 28.79 -19.33
CA ALA F 33 57.55 27.96 -20.33
C ALA F 33 57.25 28.48 -21.73
N LEU F 34 55.97 28.77 -21.98
CA LEU F 34 55.55 29.28 -23.28
C LEU F 34 56.10 30.67 -23.55
N VAL F 35 56.17 31.53 -22.53
CA VAL F 35 56.66 32.91 -22.67
C VAL F 35 58.12 32.93 -23.09
N GLU F 36 58.90 32.02 -22.48
CA GLU F 36 60.33 31.88 -22.75
C GLU F 36 60.57 31.36 -24.17
N ILE F 37 59.86 30.29 -24.53
CA ILE F 37 59.95 29.67 -25.85
C ILE F 37 59.52 30.65 -26.93
N CYS F 38 58.52 31.46 -26.62
CA CYS F 38 58.00 32.45 -27.56
C CYS F 38 58.91 33.65 -27.71
N THR F 39 59.52 34.10 -26.60
CA THR F 39 60.44 35.24 -26.63
C THR F 39 61.70 34.83 -27.39
N GLU F 40 62.06 33.54 -27.29
CA GLU F 40 63.22 32.99 -27.99
C GLU F 40 62.91 32.93 -29.47
N MET F 41 61.79 32.27 -29.79
CA MET F 41 61.32 32.09 -31.16
C MET F 41 61.06 33.37 -31.92
N GLU F 42 60.85 34.46 -31.20
CA GLU F 42 60.61 35.73 -31.84
C GLU F 42 61.92 36.39 -32.24
N LYS F 43 62.91 36.32 -31.33
CA LYS F 43 64.26 36.87 -31.49
C LYS F 43 64.93 36.18 -32.66
N GLU F 44 64.63 34.88 -32.81
CA GLU F 44 65.16 34.06 -33.90
C GLU F 44 64.43 34.40 -35.20
N GLY F 45 63.21 34.94 -35.09
CA GLY F 45 62.42 35.32 -36.26
C GLY F 45 61.41 34.31 -36.80
N LYS F 46 61.14 33.28 -36.01
CA LYS F 46 60.22 32.19 -36.36
C LYS F 46 58.76 32.60 -36.22
N ILE F 47 58.48 33.40 -35.20
CA ILE F 47 57.15 33.95 -34.94
C ILE F 47 57.22 35.47 -34.81
N SER F 48 56.08 36.13 -35.03
CA SER F 48 56.01 37.57 -34.94
C SER F 48 54.80 38.01 -34.15
N LYS F 49 54.90 39.18 -33.50
CA LYS F 49 53.78 39.72 -32.73
C LYS F 49 52.76 40.36 -33.67
N ILE F 50 51.49 40.05 -33.45
CA ILE F 50 50.39 40.60 -34.26
C ILE F 50 49.34 41.25 -33.37
N GLY F 51 48.50 42.08 -34.01
CA GLY F 51 47.43 42.77 -33.31
C GLY F 51 46.09 42.05 -33.40
N PRO F 52 44.99 42.64 -32.84
CA PRO F 52 43.66 42.02 -32.87
C PRO F 52 42.91 42.06 -34.20
N GLU F 53 43.52 42.69 -35.23
CA GLU F 53 42.90 42.78 -36.56
C GLU F 53 42.99 41.45 -37.34
N ASN F 54 43.70 40.49 -36.73
CA ASN F 54 43.83 39.14 -37.23
C ASN F 54 42.70 38.47 -36.43
N PRO F 55 41.61 38.06 -37.10
CA PRO F 55 40.46 37.44 -36.43
C PRO F 55 40.59 36.00 -35.99
N TYR F 56 41.71 35.37 -36.35
CA TYR F 56 41.98 33.97 -36.06
C TYR F 56 42.73 33.64 -34.79
N ASN F 57 42.53 32.42 -34.32
CA ASN F 57 43.26 31.91 -33.16
C ASN F 57 43.21 30.42 -33.19
N THR F 58 44.20 29.86 -32.50
CA THR F 58 44.40 28.44 -32.36
C THR F 58 45.12 28.35 -31.01
N PRO F 59 44.60 27.52 -30.08
CA PRO F 59 45.23 27.38 -28.76
C PRO F 59 46.65 26.82 -28.69
N VAL F 60 47.41 27.27 -27.70
CA VAL F 60 48.77 26.76 -27.47
C VAL F 60 48.88 26.32 -26.05
N PHE F 61 49.85 25.44 -25.83
CA PHE F 61 50.16 24.93 -24.51
C PHE F 61 51.54 24.31 -24.52
N ALA F 62 51.84 23.53 -23.49
CA ALA F 62 53.14 22.90 -23.39
C ALA F 62 52.98 21.53 -22.80
N ILE F 63 53.89 20.65 -23.21
CA ILE F 63 53.93 19.28 -22.73
C ILE F 63 55.37 19.00 -22.33
N LYS F 64 55.57 17.89 -21.63
CA LYS F 64 56.87 17.47 -21.16
C LYS F 64 57.01 16.02 -21.62
N LYS F 65 57.84 15.81 -22.65
CA LYS F 65 58.08 14.48 -23.21
C LYS F 65 58.86 13.51 -22.28
N LYS F 66 58.72 12.20 -22.55
CA LYS F 66 59.42 11.14 -21.82
C LYS F 66 60.89 11.28 -22.23
N ASP F 67 61.80 11.16 -21.25
CA ASP F 67 63.27 11.31 -21.42
C ASP F 67 63.64 12.79 -21.77
N SER F 68 62.90 13.73 -21.16
CA SER F 68 63.08 15.17 -21.35
C SER F 68 62.60 15.93 -20.11
N THR F 69 63.35 16.96 -19.72
CA THR F 69 62.98 17.83 -18.59
C THR F 69 62.66 19.20 -19.18
N LYS F 70 62.87 19.33 -20.50
CA LYS F 70 62.60 20.57 -21.22
C LYS F 70 61.17 20.57 -21.79
N TRP F 71 60.50 21.71 -21.65
CA TRP F 71 59.12 21.88 -22.14
C TRP F 71 59.13 22.06 -23.66
N ARG F 72 58.03 21.63 -24.28
CA ARG F 72 57.83 21.65 -25.73
C ARG F 72 56.56 22.44 -26.05
N LYS F 73 56.65 23.42 -26.93
CA LYS F 73 55.50 24.22 -27.30
C LYS F 73 54.58 23.52 -28.30
N LEU F 74 53.43 23.09 -27.79
CA LEU F 74 52.44 22.40 -28.60
C LEU F 74 51.27 23.29 -28.99
N VAL F 75 50.89 23.26 -30.26
CA VAL F 75 49.76 24.08 -30.70
C VAL F 75 48.63 23.16 -31.17
N ASP F 76 47.38 23.42 -30.76
CA ASP F 76 46.27 22.57 -31.18
C ASP F 76 45.68 22.92 -32.55
N PHE F 77 46.45 22.56 -33.58
CA PHE F 77 46.09 22.82 -34.97
C PHE F 77 45.02 21.98 -35.61
N ARG F 78 44.40 21.11 -34.80
CA ARG F 78 43.33 20.21 -35.24
C ARG F 78 42.34 20.79 -36.22
N GLU F 79 42.00 22.05 -35.97
CA GLU F 79 41.05 22.81 -36.78
C GLU F 79 41.59 23.25 -38.12
N LEU F 80 42.78 23.85 -38.11
CA LEU F 80 43.42 24.30 -39.34
C LEU F 80 43.69 23.14 -40.29
N ASN F 81 43.91 21.95 -39.71
CA ASN F 81 44.16 20.73 -40.47
C ASN F 81 42.93 20.33 -41.24
N LYS F 82 41.78 20.40 -40.57
CA LYS F 82 40.49 20.07 -41.19
C LYS F 82 40.20 21.04 -42.29
N ARG F 83 40.68 22.27 -42.08
CA ARG F 83 40.47 23.37 -43.02
C ARG F 83 41.45 23.46 -44.18
N THR F 84 42.52 22.68 -44.14
CA THR F 84 43.49 22.66 -45.22
C THR F 84 43.76 21.26 -45.76
N GLN F 85 42.81 20.35 -45.56
CA GLN F 85 42.99 18.96 -46.02
C GLN F 85 43.14 18.68 -47.51
N ASP F 86 42.73 19.62 -48.35
CA ASP F 86 42.89 19.45 -49.80
C ASP F 86 44.36 19.66 -50.07
N PHE F 87 44.95 20.58 -49.30
CA PHE F 87 46.35 20.92 -49.41
C PHE F 87 47.23 19.74 -48.97
N TRP F 88 46.99 19.18 -47.79
CA TRP F 88 47.83 18.06 -47.34
C TRP F 88 47.49 16.62 -47.71
N GLU F 89 46.28 16.35 -48.21
CA GLU F 89 45.86 14.98 -48.56
C GLU F 89 45.79 14.81 -50.07
N VAL F 90 45.28 15.83 -50.75
CA VAL F 90 45.12 15.80 -52.22
C VAL F 90 46.31 16.39 -52.97
N GLN F 91 46.53 17.70 -52.82
CA GLN F 91 47.59 18.41 -53.51
C GLN F 91 48.98 17.92 -53.21
N LEU F 92 49.27 17.74 -51.93
CA LEU F 92 50.57 17.24 -51.51
C LEU F 92 50.45 16.07 -50.55
N GLY F 93 50.04 14.91 -51.08
CA GLY F 93 49.92 13.72 -50.25
C GLY F 93 51.29 13.16 -49.89
N ILE F 94 51.35 12.39 -48.80
CA ILE F 94 52.58 11.73 -48.33
C ILE F 94 52.23 10.20 -48.40
N PRO F 95 52.84 9.43 -49.33
CA PRO F 95 52.53 7.99 -49.47
C PRO F 95 52.74 7.11 -48.24
N HIS F 96 51.77 6.24 -47.96
CA HIS F 96 51.85 5.32 -46.83
C HIS F 96 52.27 3.93 -47.32
N PRO F 97 53.35 3.37 -46.74
CA PRO F 97 53.86 2.04 -47.09
C PRO F 97 53.18 0.96 -46.24
N ALA F 98 52.71 -0.11 -46.89
CA ALA F 98 52.06 -1.20 -46.16
C ALA F 98 53.09 -2.14 -45.53
N GLY F 99 54.36 -1.81 -45.75
CA GLY F 99 55.47 -2.57 -45.23
C GLY F 99 55.76 -2.45 -43.76
N LEU F 100 55.78 -1.24 -43.18
CA LEU F 100 56.13 -1.12 -41.75
C LEU F 100 55.21 -1.81 -40.75
N LYS F 101 54.06 -2.30 -41.24
CA LYS F 101 53.09 -3.07 -40.46
C LYS F 101 53.75 -4.46 -40.25
N LYS F 102 54.32 -4.97 -41.34
CA LYS F 102 54.98 -6.28 -41.40
C LYS F 102 56.38 -6.31 -40.76
N LYS F 103 56.85 -5.17 -40.23
CA LYS F 103 58.17 -5.08 -39.61
C LYS F 103 58.29 -5.64 -38.20
N LYS F 104 59.53 -5.80 -37.73
CA LYS F 104 59.80 -6.34 -36.40
C LYS F 104 59.89 -5.23 -35.36
N SER F 105 60.66 -4.18 -35.68
CA SER F 105 60.86 -3.02 -34.81
C SER F 105 60.70 -1.72 -35.60
N VAL F 106 60.08 -0.72 -34.98
CA VAL F 106 59.89 0.59 -35.61
C VAL F 106 60.25 1.62 -34.57
N THR F 107 61.19 2.51 -34.89
CA THR F 107 61.57 3.57 -33.98
C THR F 107 60.93 4.86 -34.49
N VAL F 108 60.49 5.71 -33.56
CA VAL F 108 59.90 6.98 -33.95
C VAL F 108 60.96 8.04 -33.66
N LEU F 109 61.10 9.02 -34.55
CA LEU F 109 62.09 10.08 -34.36
C LEU F 109 61.42 11.44 -34.43
N ASP F 110 61.76 12.34 -33.51
CA ASP F 110 61.14 13.67 -33.55
C ASP F 110 61.92 14.65 -34.43
N VAL F 111 61.69 14.55 -35.74
CA VAL F 111 62.37 15.42 -36.72
C VAL F 111 61.66 16.75 -36.97
N GLY F 112 60.77 17.13 -36.06
CA GLY F 112 60.02 18.36 -36.19
C GLY F 112 60.81 19.65 -36.23
N ASP F 113 62.02 19.60 -35.69
CA ASP F 113 62.97 20.72 -35.59
C ASP F 113 63.31 21.34 -36.97
N ALA F 114 63.27 20.49 -37.99
CA ALA F 114 63.58 20.83 -39.37
C ALA F 114 62.67 21.86 -40.05
N TYR F 115 61.44 22.00 -39.55
CA TYR F 115 60.47 22.94 -40.12
C TYR F 115 60.79 24.41 -39.89
N PHE F 116 61.51 24.66 -38.82
CA PHE F 116 61.87 26.03 -38.44
C PHE F 116 62.88 26.74 -39.34
N SER F 117 63.31 26.04 -40.38
CA SER F 117 64.25 26.57 -41.34
C SER F 117 63.48 27.06 -42.56
N VAL F 118 62.39 26.36 -42.87
CA VAL F 118 61.56 26.65 -44.04
C VAL F 118 60.50 27.74 -43.81
N PRO F 119 60.47 28.76 -44.69
CA PRO F 119 59.50 29.84 -44.56
C PRO F 119 58.10 29.52 -45.09
N LEU F 120 57.11 30.09 -44.42
CA LEU F 120 55.69 29.94 -44.72
C LEU F 120 55.18 31.12 -45.56
N ASP F 121 54.28 30.80 -46.49
CA ASP F 121 53.62 31.77 -47.39
C ASP F 121 52.97 32.91 -46.58
N GLU F 122 53.20 34.16 -46.99
CA GLU F 122 52.64 35.35 -46.32
C GLU F 122 51.15 35.31 -46.14
N ASP F 123 50.47 34.93 -47.20
CA ASP F 123 49.01 34.88 -47.22
C ASP F 123 48.39 33.80 -46.32
N PHE F 124 49.24 33.04 -45.64
CA PHE F 124 48.82 31.97 -44.77
C PHE F 124 49.25 32.13 -43.32
N ARG F 125 50.29 32.92 -43.11
CA ARG F 125 50.82 33.16 -41.77
C ARG F 125 49.75 33.62 -40.79
N LYS F 126 48.75 34.32 -41.33
CA LYS F 126 47.62 34.85 -40.57
C LYS F 126 46.78 33.74 -39.90
N TYR F 127 46.67 32.60 -40.58
CA TYR F 127 45.91 31.45 -40.12
C TYR F 127 46.49 30.69 -38.97
N THR F 128 47.79 30.91 -38.74
CA THR F 128 48.52 30.25 -37.69
C THR F 128 48.69 31.09 -36.43
N ALA F 129 47.75 32.01 -36.18
CA ALA F 129 47.81 32.88 -35.01
C ALA F 129 47.40 32.20 -33.71
N PHE F 130 48.05 32.58 -32.61
CA PHE F 130 47.78 32.03 -31.28
C PHE F 130 47.93 33.11 -30.20
N THR F 131 47.60 32.77 -28.95
CA THR F 131 47.63 33.74 -27.86
C THR F 131 48.03 33.16 -26.50
N ILE F 132 49.06 33.72 -25.85
CA ILE F 132 49.49 33.27 -24.51
C ILE F 132 48.64 34.03 -23.48
N PRO F 133 48.02 33.32 -22.52
CA PRO F 133 47.19 33.98 -21.48
C PRO F 133 48.10 34.53 -20.38
N SER F 134 47.53 35.19 -19.39
CA SER F 134 48.30 35.70 -18.26
C SER F 134 47.65 35.27 -16.95
N ILE F 135 48.48 34.85 -15.99
CA ILE F 135 48.02 34.40 -14.65
C ILE F 135 47.24 35.56 -13.99
N ASN F 136 45.98 35.27 -13.73
CA ASN F 136 44.99 36.19 -13.10
C ASN F 136 44.68 37.43 -13.95
N ASN F 137 44.83 37.26 -15.24
CA ASN F 137 44.50 38.29 -16.26
C ASN F 137 45.11 39.67 -15.97
N GLU F 138 46.41 39.68 -15.64
CA GLU F 138 47.18 40.90 -15.35
C GLU F 138 47.19 41.87 -16.51
N THR F 139 47.42 41.26 -17.66
CA THR F 139 47.54 41.91 -18.95
C THR F 139 46.68 41.14 -19.93
N PRO F 140 46.33 41.76 -21.09
CA PRO F 140 45.54 40.97 -22.04
C PRO F 140 46.52 39.91 -22.64
N GLY F 141 46.00 38.96 -23.41
CA GLY F 141 46.85 37.94 -23.99
C GLY F 141 47.80 38.46 -25.05
N ILE F 142 48.95 37.81 -25.19
CA ILE F 142 49.93 38.26 -26.17
C ILE F 142 49.81 37.38 -27.43
N ARG F 143 49.34 37.99 -28.50
CA ARG F 143 49.12 37.32 -29.80
C ARG F 143 50.39 37.24 -30.66
N TYR F 144 50.58 36.09 -31.32
CA TYR F 144 51.73 35.85 -32.22
C TYR F 144 51.28 35.04 -33.43
N GLN F 145 52.16 34.91 -34.43
CA GLN F 145 51.89 34.08 -35.60
C GLN F 145 53.18 33.57 -36.19
N TYR F 146 53.09 32.43 -36.85
CA TYR F 146 54.25 31.80 -37.45
C TYR F 146 54.72 32.44 -38.72
N ASN F 147 56.03 32.38 -38.94
CA ASN F 147 56.66 32.92 -40.14
C ASN F 147 57.28 31.77 -40.91
N VAL F 148 57.58 30.73 -40.15
CA VAL F 148 58.17 29.51 -40.65
C VAL F 148 57.06 28.45 -40.65
N LEU F 149 57.36 27.22 -41.04
CA LEU F 149 56.37 26.14 -41.02
C LEU F 149 56.08 25.82 -39.58
N PRO F 150 54.80 25.63 -39.21
CA PRO F 150 54.49 25.34 -37.81
C PRO F 150 54.51 23.86 -37.44
N GLN F 151 54.84 23.59 -36.18
CA GLN F 151 54.86 22.21 -35.68
C GLN F 151 53.47 21.84 -35.15
N GLY F 152 52.76 21.02 -35.90
CA GLY F 152 51.43 20.61 -35.49
C GLY F 152 50.49 20.67 -36.67
N TRP F 153 50.86 21.49 -37.63
CA TRP F 153 50.09 21.63 -38.85
C TRP F 153 50.46 20.45 -39.73
N LYS F 154 49.43 19.85 -40.35
CA LYS F 154 49.61 18.71 -41.22
C LYS F 154 50.14 19.12 -42.57
N GLY F 155 50.21 20.44 -42.77
CA GLY F 155 50.71 20.98 -44.01
C GLY F 155 52.21 21.22 -43.99
N SER F 156 52.82 21.21 -42.80
CA SER F 156 54.27 21.38 -42.71
C SER F 156 55.03 20.22 -43.34
N PRO F 157 54.68 18.93 -43.03
CA PRO F 157 55.43 17.80 -43.64
C PRO F 157 55.16 17.70 -45.12
N ALA F 158 53.99 18.21 -45.53
CA ALA F 158 53.56 18.19 -46.91
C ALA F 158 54.46 19.07 -47.77
N ILE F 159 54.84 20.21 -47.23
CA ILE F 159 55.70 21.16 -47.92
C ILE F 159 57.14 20.69 -47.84
N PHE F 160 57.48 20.08 -46.71
CA PHE F 160 58.82 19.60 -46.50
C PHE F 160 59.14 18.29 -47.23
N GLN F 161 58.14 17.66 -47.84
CA GLN F 161 58.31 16.40 -48.58
C GLN F 161 59.45 16.46 -49.59
N SER F 162 59.47 17.59 -50.31
CA SER F 162 60.44 17.93 -51.36
C SER F 162 61.85 17.71 -50.85
N SER F 163 62.14 18.41 -49.77
CA SER F 163 63.44 18.36 -49.14
C SER F 163 63.67 17.08 -48.33
N MET F 164 62.62 16.55 -47.71
CA MET F 164 62.73 15.35 -46.89
C MET F 164 63.12 14.12 -47.68
N THR F 165 62.56 13.98 -48.88
CA THR F 165 62.87 12.82 -49.73
C THR F 165 64.31 12.85 -50.26
N LYS F 166 64.84 14.05 -50.49
CA LYS F 166 66.23 14.27 -50.96
C LYS F 166 67.24 13.81 -49.92
N ILE F 167 67.00 14.23 -48.67
CA ILE F 167 67.81 13.91 -47.49
C ILE F 167 67.78 12.42 -47.25
N LEU F 168 66.61 11.82 -47.45
CA LEU F 168 66.45 10.41 -47.22
C LEU F 168 66.88 9.45 -48.32
N GLU F 169 66.96 9.93 -49.57
CA GLU F 169 67.35 9.05 -50.69
C GLU F 169 68.69 8.29 -50.62
N PRO F 170 69.82 8.94 -50.20
CA PRO F 170 71.11 8.24 -50.11
C PRO F 170 71.14 7.16 -49.03
N PHE F 171 70.27 7.29 -48.02
CA PHE F 171 70.18 6.32 -46.94
C PHE F 171 69.33 5.14 -47.43
N ARG F 172 68.28 5.44 -48.19
CA ARG F 172 67.39 4.43 -48.76
C ARG F 172 68.07 3.64 -49.89
N LYS F 173 68.96 4.32 -50.64
CA LYS F 173 69.69 3.69 -51.75
C LYS F 173 70.58 2.59 -51.22
N GLN F 174 71.10 2.78 -50.01
CA GLN F 174 71.95 1.76 -49.44
C GLN F 174 71.33 0.94 -48.32
N ASN F 175 70.02 1.13 -48.10
CA ASN F 175 69.23 0.39 -47.12
C ASN F 175 67.84 0.31 -47.77
N PRO F 176 67.68 -0.54 -48.82
CA PRO F 176 66.38 -0.65 -49.50
C PRO F 176 65.37 -1.48 -48.73
N ASP F 177 65.90 -2.24 -47.78
CA ASP F 177 65.14 -3.10 -46.90
C ASP F 177 64.47 -2.34 -45.74
N ILE F 178 64.95 -1.13 -45.45
CA ILE F 178 64.41 -0.29 -44.37
C ILE F 178 63.36 0.71 -44.86
N VAL F 179 62.26 0.75 -44.12
CA VAL F 179 61.12 1.64 -44.42
C VAL F 179 61.03 2.86 -43.54
N ILE F 180 60.87 4.00 -44.19
CA ILE F 180 60.74 5.27 -43.52
C ILE F 180 59.43 5.95 -43.97
N TYR F 181 58.54 6.19 -43.00
CA TYR F 181 57.26 6.88 -43.21
C TYR F 181 57.32 8.16 -42.37
N GLN F 182 56.74 9.25 -42.89
CA GLN F 182 56.70 10.53 -42.18
C GLN F 182 55.26 10.95 -41.82
N TYR F 183 54.98 11.07 -40.52
CA TYR F 183 53.67 11.50 -40.02
C TYR F 183 53.92 12.70 -39.11
N MET F 184 53.59 13.88 -39.60
CA MET F 184 53.80 15.12 -38.88
C MET F 184 55.23 15.37 -38.43
N ASP F 185 55.45 15.65 -37.14
CA ASP F 185 56.78 15.93 -36.62
C ASP F 185 57.63 14.69 -36.49
N ASP F 186 57.02 13.54 -36.69
CA ASP F 186 57.71 12.28 -36.52
C ASP F 186 58.13 11.53 -37.77
N LEU F 187 59.10 10.63 -37.60
CA LEU F 187 59.61 9.82 -38.67
C LEU F 187 59.66 8.38 -38.15
N TYR F 188 58.83 7.53 -38.74
CA TYR F 188 58.74 6.12 -38.37
C TYR F 188 59.72 5.33 -39.21
N VAL F 189 60.65 4.66 -38.54
CA VAL F 189 61.70 3.90 -39.21
C VAL F 189 61.70 2.43 -38.75
N GLY F 190 61.32 1.55 -39.66
CA GLY F 190 61.25 0.13 -39.36
C GLY F 190 62.18 -0.82 -40.12
N SER F 191 62.55 -1.93 -39.46
CA SER F 191 63.44 -2.96 -40.03
C SER F 191 63.18 -4.40 -39.55
N ASP F 192 63.50 -5.37 -40.41
CA ASP F 192 63.36 -6.78 -40.06
C ASP F 192 64.67 -7.30 -39.47
N LEU F 193 65.49 -6.36 -38.98
CA LEU F 193 66.78 -6.65 -38.39
C LEU F 193 66.73 -7.04 -36.93
N GLU F 194 67.91 -7.38 -36.39
CA GLU F 194 68.10 -7.77 -35.00
C GLU F 194 67.91 -6.54 -34.11
N ILE F 195 67.42 -6.76 -32.89
CA ILE F 195 67.16 -5.71 -31.90
C ILE F 195 68.35 -4.74 -31.71
N GLY F 196 69.57 -5.29 -31.72
CA GLY F 196 70.79 -4.51 -31.56
C GLY F 196 71.27 -3.78 -32.81
N GLN F 197 71.14 -4.43 -33.97
CA GLN F 197 71.52 -3.87 -35.28
C GLN F 197 70.53 -2.79 -35.73
N HIS F 198 69.28 -2.88 -35.24
CA HIS F 198 68.23 -1.89 -35.54
C HIS F 198 68.72 -0.61 -34.89
N ARG F 199 68.95 -0.69 -33.59
CA ARG F 199 69.40 0.44 -32.79
C ARG F 199 70.57 1.24 -33.39
N THR F 200 71.52 0.55 -34.02
CA THR F 200 72.65 1.21 -34.65
C THR F 200 72.33 1.79 -36.02
N LYS F 201 71.42 1.17 -36.80
CA LYS F 201 71.02 1.74 -38.11
C LYS F 201 70.27 3.04 -37.86
N ILE F 202 69.56 3.09 -36.74
CA ILE F 202 68.81 4.27 -36.33
C ILE F 202 69.87 5.30 -36.00
N GLU F 203 70.92 4.87 -35.30
CA GLU F 203 72.01 5.77 -34.94
C GLU F 203 72.66 6.39 -36.17
N GLU F 204 72.81 5.56 -37.23
CA GLU F 204 73.39 6.02 -38.50
C GLU F 204 72.45 7.01 -39.15
N LEU F 205 71.14 6.75 -39.05
CA LEU F 205 70.11 7.62 -39.64
C LEU F 205 70.13 8.97 -38.97
N ARG F 206 70.30 8.98 -37.65
CA ARG F 206 70.34 10.21 -36.87
C ARG F 206 71.48 11.05 -37.35
N GLN F 207 72.61 10.37 -37.56
CA GLN F 207 73.84 11.00 -38.01
C GLN F 207 73.68 11.57 -39.40
N HIS F 208 73.05 10.78 -40.27
CA HIS F 208 72.78 11.15 -41.67
C HIS F 208 71.97 12.44 -41.75
N LEU F 209 70.97 12.58 -40.86
CA LEU F 209 70.12 13.76 -40.83
C LEU F 209 70.85 14.94 -40.22
N LEU F 210 71.55 14.69 -39.11
CA LEU F 210 72.34 15.70 -38.38
C LEU F 210 73.43 16.25 -39.29
N ARG F 211 73.76 15.41 -40.26
CA ARG F 211 74.73 15.67 -41.30
C ARG F 211 74.06 16.59 -42.33
N TRP F 212 72.81 16.31 -42.71
CA TRP F 212 72.09 17.16 -43.68
C TRP F 212 71.51 18.45 -43.12
N GLY F 213 71.79 18.69 -41.83
CA GLY F 213 71.32 19.88 -41.17
C GLY F 213 70.14 19.69 -40.23
N LEU F 214 69.64 18.45 -40.11
CA LEU F 214 68.50 18.19 -39.23
C LEU F 214 68.80 17.46 -37.92
N THR F 215 68.51 18.14 -36.81
CA THR F 215 68.71 17.59 -35.47
C THR F 215 67.56 16.70 -35.08
N THR F 216 67.91 15.70 -34.28
CA THR F 216 66.98 14.74 -33.75
C THR F 216 67.37 14.57 -32.29
N PRO F 217 66.77 15.38 -31.38
CA PRO F 217 67.09 15.25 -29.96
C PRO F 217 66.24 14.13 -29.36
N GLY F 231 63.15 -1.56 -23.70
CA GLY F 231 63.13 -1.13 -25.13
C GLY F 231 62.08 -0.09 -25.46
N TYR F 232 62.49 0.97 -26.14
CA TYR F 232 61.64 2.11 -26.55
C TYR F 232 60.73 1.82 -27.76
N GLU F 233 61.38 1.41 -28.86
CA GLU F 233 60.77 1.10 -30.16
C GLU F 233 59.61 0.10 -30.25
N LEU F 234 58.68 0.42 -31.13
CA LEU F 234 57.46 -0.36 -31.36
C LEU F 234 57.62 -1.68 -32.12
N HIS F 235 56.92 -2.72 -31.68
CA HIS F 235 56.98 -4.02 -32.35
C HIS F 235 55.62 -4.37 -32.93
N PRO F 236 55.37 -4.03 -34.22
CA PRO F 236 54.11 -4.29 -34.90
C PRO F 236 53.47 -5.64 -34.72
N ASP F 237 54.19 -6.70 -35.10
CA ASP F 237 53.65 -8.04 -34.98
C ASP F 237 53.47 -8.61 -33.59
N LYS F 238 53.87 -7.81 -32.59
CA LYS F 238 53.71 -8.18 -31.20
C LYS F 238 52.42 -7.59 -30.59
N TRP F 239 51.54 -7.04 -31.43
CA TRP F 239 50.28 -6.48 -30.96
C TRP F 239 49.15 -7.51 -31.09
N THR F 240 48.82 -7.85 -32.34
CA THR F 240 47.77 -8.80 -32.77
C THR F 240 46.36 -8.70 -32.13
N VAL F 241 45.34 -8.88 -32.99
CA VAL F 241 43.91 -8.83 -32.67
C VAL F 241 43.45 -9.90 -31.63
N GLN F 242 42.86 -9.49 -30.50
CA GLN F 242 42.35 -10.42 -29.45
C GLN F 242 40.82 -10.65 -29.70
N PRO F 243 40.35 -11.94 -29.74
CA PRO F 243 38.93 -12.27 -30.00
C PRO F 243 37.85 -11.98 -28.95
N ILE F 244 36.59 -12.20 -29.33
CA ILE F 244 35.43 -12.07 -28.42
C ILE F 244 35.41 -13.50 -27.91
N VAL F 245 35.21 -13.68 -26.61
CA VAL F 245 35.17 -15.04 -26.11
C VAL F 245 34.06 -15.24 -25.08
N LEU F 246 33.48 -16.44 -25.12
CA LEU F 246 32.39 -16.85 -24.24
C LEU F 246 32.99 -17.66 -23.10
N PRO F 247 32.45 -17.52 -21.86
CA PRO F 247 33.00 -18.28 -20.72
C PRO F 247 32.81 -19.79 -20.81
N GLU F 248 33.63 -20.53 -20.06
CA GLU F 248 33.53 -21.99 -20.03
C GLU F 248 33.19 -22.44 -18.60
N LYS F 249 31.90 -22.63 -18.36
CA LYS F 249 31.39 -23.07 -17.06
C LYS F 249 31.23 -24.59 -17.02
N ASP F 250 31.35 -25.17 -15.82
CA ASP F 250 31.19 -26.61 -15.61
C ASP F 250 29.69 -26.89 -15.61
N SER F 251 28.95 -26.08 -14.86
CA SER F 251 27.51 -26.16 -14.77
C SER F 251 27.00 -24.73 -15.03
N TRP F 252 25.89 -24.63 -15.76
CA TRP F 252 25.29 -23.34 -16.14
C TRP F 252 24.00 -23.02 -15.38
N THR F 253 23.85 -21.78 -14.92
CA THR F 253 22.63 -21.35 -14.21
C THR F 253 21.73 -20.58 -15.20
N VAL F 254 20.52 -20.24 -14.77
CA VAL F 254 19.52 -19.49 -15.56
C VAL F 254 20.08 -18.14 -15.97
N ASN F 255 20.69 -17.48 -14.99
CA ASN F 255 21.31 -16.18 -15.15
C ASN F 255 22.48 -16.24 -16.14
N ASP F 256 23.29 -17.29 -16.00
CA ASP F 256 24.45 -17.53 -16.86
C ASP F 256 23.99 -17.60 -18.31
N ILE F 257 22.93 -18.40 -18.56
CA ILE F 257 22.38 -18.58 -19.90
C ILE F 257 21.83 -17.27 -20.46
N GLN F 258 21.20 -16.46 -19.61
CA GLN F 258 20.64 -15.19 -20.05
C GLN F 258 21.71 -14.18 -20.45
N LYS F 259 22.78 -14.12 -19.66
CA LYS F 259 23.91 -13.22 -19.91
C LYS F 259 24.59 -13.67 -21.21
N LEU F 260 24.63 -14.99 -21.39
CA LEU F 260 25.24 -15.61 -22.56
C LEU F 260 24.43 -15.28 -23.80
N VAL F 261 23.11 -15.37 -23.68
CA VAL F 261 22.19 -15.08 -24.79
C VAL F 261 22.30 -13.62 -25.19
N GLY F 262 22.53 -12.75 -24.19
CA GLY F 262 22.69 -11.32 -24.44
C GLY F 262 23.89 -11.05 -25.31
N LYS F 263 25.05 -11.58 -24.89
CA LYS F 263 26.36 -11.45 -25.56
C LYS F 263 26.20 -11.86 -27.01
N LEU F 264 25.64 -13.06 -27.17
CA LEU F 264 25.41 -13.64 -28.48
C LEU F 264 24.50 -12.79 -29.34
N ASN F 265 23.45 -12.21 -28.75
CA ASN F 265 22.53 -11.37 -29.51
C ASN F 265 23.20 -10.11 -30.08
N TRP F 266 24.13 -9.52 -29.35
CA TRP F 266 24.78 -8.34 -29.86
C TRP F 266 25.86 -8.73 -30.85
N ALA F 267 26.50 -9.87 -30.56
CA ALA F 267 27.57 -10.42 -31.39
C ALA F 267 27.06 -10.79 -32.77
N SER F 268 25.77 -11.14 -32.87
CA SER F 268 25.13 -11.52 -34.14
C SER F 268 25.04 -10.35 -35.13
N GLN F 269 25.29 -9.15 -34.61
CA GLN F 269 25.28 -7.95 -35.43
C GLN F 269 26.60 -7.85 -36.18
N ILE F 270 27.60 -8.57 -35.68
CA ILE F 270 28.93 -8.63 -36.28
C ILE F 270 28.97 -9.85 -37.18
N TYR F 271 28.80 -11.03 -36.59
CA TYR F 271 28.78 -12.29 -37.29
C TYR F 271 27.31 -12.72 -37.40
N PRO F 272 26.68 -12.57 -38.58
CA PRO F 272 25.26 -12.94 -38.74
C PRO F 272 24.86 -14.42 -38.63
N GLY F 273 25.87 -15.31 -38.65
CA GLY F 273 25.61 -16.74 -38.56
C GLY F 273 25.37 -17.31 -37.17
N ILE F 274 25.52 -16.49 -36.13
CA ILE F 274 25.31 -16.93 -34.76
C ILE F 274 23.82 -17.11 -34.45
N LYS F 275 23.49 -18.34 -34.05
CA LYS F 275 22.12 -18.70 -33.70
C LYS F 275 22.06 -18.75 -32.19
N VAL F 276 20.87 -18.44 -31.66
CA VAL F 276 20.66 -18.46 -30.21
C VAL F 276 19.50 -19.36 -29.79
N ARG F 277 18.65 -19.74 -30.76
CA ARG F 277 17.44 -20.56 -30.56
C ARG F 277 17.43 -21.62 -29.45
N GLN F 278 18.33 -22.59 -29.54
CA GLN F 278 18.41 -23.67 -28.55
C GLN F 278 18.84 -23.25 -27.14
N LEU F 279 19.47 -22.08 -27.01
CA LEU F 279 19.85 -21.58 -25.69
C LEU F 279 18.64 -20.97 -25.00
N CYS F 280 17.74 -20.44 -25.83
CA CYS F 280 16.50 -19.83 -25.37
C CYS F 280 15.49 -20.92 -25.06
N LYS F 281 15.68 -22.10 -25.67
CA LYS F 281 14.79 -23.25 -25.46
C LYS F 281 15.01 -23.81 -24.07
N LEU F 282 16.22 -23.62 -23.52
CA LEU F 282 16.58 -24.07 -22.16
C LEU F 282 15.91 -23.16 -21.13
N LEU F 283 15.57 -21.95 -21.59
CA LEU F 283 14.90 -20.93 -20.79
C LEU F 283 13.43 -20.84 -21.19
N ARG F 284 12.65 -21.81 -20.73
CA ARG F 284 11.23 -21.85 -21.03
C ARG F 284 10.50 -21.87 -19.70
N GLY F 285 9.68 -20.85 -19.47
CA GLY F 285 8.95 -20.72 -18.21
C GLY F 285 9.80 -19.84 -17.30
N THR F 286 9.14 -19.18 -16.34
CA THR F 286 9.80 -18.26 -15.39
C THR F 286 10.58 -18.98 -14.29
N LYS F 287 11.89 -19.14 -14.51
CA LYS F 287 12.78 -19.83 -13.57
C LYS F 287 13.48 -18.85 -12.63
N ALA F 288 13.95 -19.32 -11.47
CA ALA F 288 14.67 -18.45 -10.53
C ALA F 288 16.07 -18.31 -11.12
N LEU F 289 16.66 -17.13 -11.00
CA LEU F 289 17.98 -16.84 -11.56
C LEU F 289 19.18 -17.74 -11.19
N THR F 290 19.14 -18.34 -10.00
CA THR F 290 20.22 -19.21 -9.51
C THR F 290 19.94 -20.72 -9.59
N GLU F 291 18.92 -21.11 -10.36
CA GLU F 291 18.56 -22.51 -10.54
C GLU F 291 19.46 -23.07 -11.64
N VAL F 292 20.12 -24.18 -11.34
CA VAL F 292 21.07 -24.83 -12.26
C VAL F 292 20.40 -25.57 -13.44
N ILE F 293 20.58 -25.10 -14.67
CA ILE F 293 20.00 -25.80 -15.84
C ILE F 293 21.08 -26.58 -16.61
N PRO F 294 20.94 -27.92 -16.69
CA PRO F 294 21.95 -28.66 -17.46
C PRO F 294 21.66 -28.45 -18.97
N LEU F 295 22.70 -28.58 -19.77
CA LEU F 295 22.64 -28.37 -21.22
C LEU F 295 22.15 -29.56 -22.05
N THR F 296 21.32 -29.27 -23.05
CA THR F 296 20.80 -30.30 -23.95
C THR F 296 21.80 -30.61 -25.06
N GLU F 297 21.56 -31.70 -25.78
CA GLU F 297 22.40 -32.19 -26.90
C GLU F 297 22.60 -31.10 -27.97
N GLU F 298 21.50 -30.48 -28.40
CA GLU F 298 21.57 -29.44 -29.44
C GLU F 298 22.05 -28.09 -28.91
N ALA F 299 21.81 -27.85 -27.62
CA ALA F 299 22.24 -26.60 -26.96
C ALA F 299 23.76 -26.61 -26.87
N GLU F 300 24.31 -27.79 -26.56
CA GLU F 300 25.75 -28.01 -26.45
C GLU F 300 26.44 -27.86 -27.80
N LEU F 301 25.73 -28.26 -28.86
CA LEU F 301 26.25 -28.17 -30.24
C LEU F 301 26.28 -26.71 -30.69
N GLU F 302 25.26 -25.94 -30.32
CA GLU F 302 25.15 -24.52 -30.68
C GLU F 302 26.13 -23.65 -29.90
N LEU F 303 26.47 -24.08 -28.69
CA LEU F 303 27.41 -23.38 -27.82
C LEU F 303 28.76 -23.40 -28.55
N ALA F 304 29.32 -24.59 -28.71
CA ALA F 304 30.62 -24.78 -29.36
C ALA F 304 30.68 -24.32 -30.82
N GLU F 305 29.54 -24.38 -31.51
CA GLU F 305 29.47 -23.95 -32.91
C GLU F 305 29.52 -22.43 -33.00
N ASN F 306 28.95 -21.75 -32.00
CA ASN F 306 28.95 -20.29 -31.92
C ASN F 306 30.37 -19.83 -31.58
N ARG F 307 31.02 -20.58 -30.69
CA ARG F 307 32.40 -20.32 -30.24
C ARG F 307 33.36 -20.44 -31.41
N GLU F 308 32.99 -21.30 -32.36
CA GLU F 308 33.75 -21.57 -33.58
C GLU F 308 33.75 -20.36 -34.49
N ILE F 309 32.61 -19.66 -34.56
CA ILE F 309 32.45 -18.47 -35.40
C ILE F 309 33.20 -17.28 -34.78
N LEU F 310 33.40 -17.31 -33.46
CA LEU F 310 34.13 -16.25 -32.75
C LEU F 310 35.63 -16.50 -32.72
N LYS F 311 36.04 -17.67 -33.23
CA LYS F 311 37.45 -18.09 -33.34
C LYS F 311 38.04 -17.57 -34.64
N GLU F 312 37.24 -17.57 -35.71
CA GLU F 312 37.66 -17.06 -37.01
C GLU F 312 37.04 -15.67 -37.18
N PRO F 313 37.87 -14.60 -37.26
CA PRO F 313 37.40 -13.22 -37.41
C PRO F 313 36.53 -12.90 -38.62
N VAL F 314 35.79 -11.79 -38.51
CA VAL F 314 34.87 -11.32 -39.54
C VAL F 314 35.53 -11.02 -40.89
N HIS F 315 34.99 -11.65 -41.93
CA HIS F 315 35.49 -11.51 -43.31
C HIS F 315 34.79 -10.31 -43.96
N GLY F 316 35.54 -9.64 -44.84
CA GLY F 316 35.03 -8.46 -45.53
C GLY F 316 35.37 -7.17 -44.82
N VAL F 317 36.62 -7.04 -44.34
CA VAL F 317 37.11 -5.83 -43.65
C VAL F 317 38.25 -5.17 -44.41
N TYR F 318 37.86 -4.21 -45.23
CA TYR F 318 38.77 -3.47 -46.08
C TYR F 318 38.81 -1.99 -45.74
N TYR F 319 40.03 -1.48 -45.64
CA TYR F 319 40.28 -0.08 -45.34
C TYR F 319 39.84 0.75 -46.56
N ASP F 320 39.28 1.93 -46.30
CA ASP F 320 38.83 2.79 -47.37
C ASP F 320 39.47 4.15 -47.07
N PRO F 321 40.63 4.46 -47.70
CA PRO F 321 41.41 5.70 -47.55
C PRO F 321 40.73 7.08 -47.62
N SER F 322 39.48 7.10 -48.04
CA SER F 322 38.69 8.33 -48.12
C SER F 322 37.83 8.48 -46.85
N LYS F 323 37.31 7.35 -46.34
CA LYS F 323 36.49 7.32 -45.13
C LYS F 323 37.33 7.45 -43.84
N ASP F 324 36.73 8.05 -42.80
CA ASP F 324 37.38 8.27 -41.50
C ASP F 324 37.53 7.02 -40.63
N LEU F 325 38.60 7.02 -39.84
CA LEU F 325 38.91 5.92 -38.92
C LEU F 325 38.22 6.23 -37.59
N ILE F 326 37.47 5.28 -37.04
CA ILE F 326 36.76 5.51 -35.76
C ILE F 326 37.22 4.53 -34.71
N ALA F 327 37.36 5.01 -33.48
CA ALA F 327 37.79 4.15 -32.40
C ALA F 327 37.04 4.33 -31.11
N GLU F 328 36.58 3.22 -30.55
CA GLU F 328 35.86 3.26 -29.28
C GLU F 328 36.73 2.54 -28.29
N ILE F 329 36.83 3.13 -27.10
CA ILE F 329 37.59 2.57 -26.01
C ILE F 329 36.56 2.25 -24.91
N GLN F 330 36.86 1.19 -24.15
CA GLN F 330 36.06 0.71 -23.03
C GLN F 330 36.93 0.57 -21.80
N LYS F 331 36.52 1.15 -20.69
CA LYS F 331 37.26 1.04 -19.43
C LYS F 331 36.85 -0.28 -18.82
N GLN F 332 37.80 -1.19 -18.65
CA GLN F 332 37.46 -2.48 -18.07
C GLN F 332 37.73 -2.59 -16.59
N GLY F 333 38.41 -1.59 -16.04
CA GLY F 333 38.74 -1.58 -14.63
C GLY F 333 39.98 -2.42 -14.33
N GLN F 334 40.59 -2.13 -13.17
CA GLN F 334 41.83 -2.77 -12.69
C GLN F 334 42.98 -2.51 -13.66
N GLY F 335 42.92 -1.36 -14.36
CA GLY F 335 43.95 -0.96 -15.31
C GLY F 335 43.83 -1.46 -16.75
N GLN F 336 42.80 -2.26 -17.03
CA GLN F 336 42.56 -2.81 -18.36
C GLN F 336 41.63 -1.92 -19.17
N TRP F 337 41.94 -1.74 -20.45
CA TRP F 337 41.15 -0.88 -21.36
C TRP F 337 41.07 -1.48 -22.75
N THR F 338 39.87 -1.74 -23.27
CA THR F 338 39.82 -2.30 -24.63
C THR F 338 39.44 -1.32 -25.73
N TYR F 339 39.94 -1.57 -26.93
CA TYR F 339 39.64 -0.71 -28.05
C TYR F 339 39.26 -1.48 -29.28
N GLN F 340 38.56 -0.78 -30.17
CA GLN F 340 38.09 -1.29 -31.44
C GLN F 340 38.16 -0.14 -32.41
N ILE F 341 38.64 -0.43 -33.61
CA ILE F 341 38.77 0.54 -34.68
C ILE F 341 37.99 -0.02 -35.86
N TYR F 342 37.11 0.80 -36.42
CA TYR F 342 36.26 0.43 -37.56
C TYR F 342 36.00 1.63 -38.45
N GLN F 343 35.30 1.44 -39.56
CA GLN F 343 34.96 2.56 -40.44
C GLN F 343 33.46 2.67 -40.59
N GLU F 344 32.81 1.52 -40.73
CA GLU F 344 31.36 1.40 -40.83
C GLU F 344 31.14 0.39 -39.67
N PRO F 345 30.19 0.68 -38.73
CA PRO F 345 29.86 -0.16 -37.55
C PRO F 345 29.77 -1.69 -37.70
N PHE F 346 30.19 -2.40 -36.64
CA PHE F 346 30.23 -3.89 -36.55
C PHE F 346 31.28 -4.56 -37.44
N LYS F 347 31.86 -3.76 -38.33
CA LYS F 347 32.89 -4.18 -39.28
C LYS F 347 34.23 -3.58 -38.82
N ASN F 348 34.85 -4.27 -37.86
CA ASN F 348 36.12 -3.90 -37.24
C ASN F 348 37.39 -4.26 -37.99
N LEU F 349 38.27 -3.27 -38.12
CA LEU F 349 39.56 -3.44 -38.78
C LEU F 349 40.62 -4.00 -37.84
N LYS F 350 40.48 -3.62 -36.57
CA LYS F 350 41.39 -4.04 -35.53
C LYS F 350 40.68 -3.86 -34.21
N THR F 351 40.98 -4.76 -33.29
CA THR F 351 40.45 -4.76 -31.92
C THR F 351 41.66 -5.01 -31.01
N GLY F 352 41.54 -4.69 -29.71
CA GLY F 352 42.66 -4.91 -28.80
C GLY F 352 42.56 -4.45 -27.36
N LYS F 353 43.49 -4.93 -26.54
CA LYS F 353 43.59 -4.61 -25.10
C LYS F 353 44.60 -3.50 -24.85
N TYR F 354 44.66 -3.08 -23.59
CA TYR F 354 45.60 -2.06 -23.15
C TYR F 354 45.82 -2.29 -21.65
N ALA F 355 46.99 -2.85 -21.34
CA ALA F 355 47.40 -3.16 -19.98
C ALA F 355 48.07 -2.00 -19.26
N ARG F 356 48.06 -2.07 -17.93
CA ARG F 356 48.64 -1.08 -17.03
C ARG F 356 50.18 -1.14 -17.15
N MET F 357 50.80 0.01 -17.38
CA MET F 357 52.26 0.10 -17.50
C MET F 357 52.86 0.02 -16.08
N ARG F 358 54.00 -0.65 -15.95
CA ARG F 358 54.69 -0.84 -14.66
C ARG F 358 55.40 0.44 -14.13
N GLY F 359 55.07 0.84 -12.89
CA GLY F 359 55.69 2.02 -12.28
C GLY F 359 54.94 3.35 -12.20
N ALA F 360 53.87 3.48 -12.99
CA ALA F 360 53.04 4.69 -13.03
C ALA F 360 51.89 4.57 -12.02
N HIS F 361 51.48 5.70 -11.42
CA HIS F 361 50.37 5.71 -10.43
C HIS F 361 48.98 5.70 -11.10
N THR F 362 48.04 4.96 -10.49
CA THR F 362 46.67 4.81 -11.01
C THR F 362 45.80 6.06 -10.99
N ASN F 363 45.54 6.51 -12.21
CA ASN F 363 44.77 7.69 -12.50
C ASN F 363 44.10 7.30 -13.82
N ASP F 364 42.77 7.20 -13.80
CA ASP F 364 41.96 6.79 -14.96
C ASP F 364 42.10 7.64 -16.19
N VAL F 365 42.58 8.86 -16.01
CA VAL F 365 42.69 9.81 -17.10
C VAL F 365 44.02 9.69 -17.77
N LYS F 366 45.04 9.42 -16.95
CA LYS F 366 46.42 9.22 -17.40
C LYS F 366 46.33 7.98 -18.27
N GLN F 367 45.58 6.99 -17.78
CA GLN F 367 45.38 5.75 -18.49
C GLN F 367 44.60 5.92 -19.77
N LEU F 368 43.60 6.80 -19.74
CA LEU F 368 42.81 7.06 -20.93
C LEU F 368 43.68 7.75 -21.95
N THR F 369 44.37 8.84 -21.56
CA THR F 369 45.24 9.58 -22.47
C THR F 369 46.35 8.71 -23.03
N GLU F 370 46.91 7.84 -22.18
CA GLU F 370 47.96 6.93 -22.59
C GLU F 370 47.41 5.99 -23.63
N ALA F 371 46.24 5.42 -23.35
CA ALA F 371 45.57 4.48 -24.25
C ALA F 371 45.33 5.13 -25.59
N VAL F 372 44.83 6.36 -25.55
CA VAL F 372 44.54 7.15 -26.73
C VAL F 372 45.77 7.22 -27.62
N GLN F 373 46.88 7.68 -27.03
CA GLN F 373 48.16 7.83 -27.73
C GLN F 373 48.69 6.54 -28.34
N LYS F 374 48.53 5.41 -27.63
CA LYS F 374 48.99 4.09 -28.10
C LYS F 374 48.25 3.69 -29.36
N ILE F 375 46.92 3.73 -29.27
CA ILE F 375 46.00 3.37 -30.34
C ILE F 375 46.19 4.24 -31.59
N THR F 376 46.53 5.51 -31.36
CA THR F 376 46.74 6.44 -32.45
C THR F 376 48.01 6.09 -33.17
N THR F 377 49.05 5.76 -32.39
CA THR F 377 50.35 5.42 -32.94
C THR F 377 50.19 4.17 -33.78
N GLU F 378 49.40 3.23 -33.29
CA GLU F 378 49.13 1.98 -34.01
C GLU F 378 48.40 2.27 -35.30
N SER F 379 47.48 3.23 -35.22
CA SER F 379 46.68 3.63 -36.35
C SER F 379 47.48 4.35 -37.43
N ILE F 380 48.54 5.05 -37.02
CA ILE F 380 49.43 5.76 -37.92
C ILE F 380 50.27 4.68 -38.60
N VAL F 381 50.92 3.85 -37.79
CA VAL F 381 51.77 2.76 -38.27
C VAL F 381 51.02 1.82 -39.20
N ILE F 382 49.76 1.53 -38.89
CA ILE F 382 49.00 0.62 -39.72
C ILE F 382 48.31 1.24 -40.92
N TRP F 383 47.73 2.43 -40.75
CA TRP F 383 47.00 3.07 -41.84
C TRP F 383 47.54 4.39 -42.32
N GLY F 384 48.30 5.07 -41.50
CA GLY F 384 48.86 6.36 -41.88
C GLY F 384 47.92 7.52 -41.65
N LYS F 385 46.91 7.28 -40.81
CA LYS F 385 45.91 8.29 -40.45
C LYS F 385 45.60 8.11 -38.96
N THR F 386 44.97 9.13 -38.36
CA THR F 386 44.59 9.08 -36.95
C THR F 386 43.09 8.87 -36.77
N PRO F 387 42.67 8.14 -35.72
CA PRO F 387 41.23 7.99 -35.64
C PRO F 387 40.51 9.05 -34.81
N LYS F 388 39.19 9.09 -35.03
CA LYS F 388 38.28 9.98 -34.31
C LYS F 388 37.90 9.09 -33.15
N PHE F 389 38.08 9.57 -31.93
CA PHE F 389 37.80 8.78 -30.75
C PHE F 389 36.48 9.02 -30.05
N LYS F 390 35.80 7.93 -29.71
CA LYS F 390 34.55 7.95 -28.97
C LYS F 390 35.02 7.61 -27.56
N LEU F 391 35.25 8.65 -26.78
CA LEU F 391 35.79 8.51 -25.44
C LEU F 391 34.86 8.22 -24.28
N PRO F 392 35.19 7.20 -23.44
CA PRO F 392 34.33 6.87 -22.29
C PRO F 392 34.59 7.80 -21.09
N ILE F 393 34.36 9.09 -21.28
CA ILE F 393 34.57 10.08 -20.23
C ILE F 393 33.66 11.29 -20.50
N GLN F 394 33.31 12.02 -19.44
CA GLN F 394 32.48 13.21 -19.56
C GLN F 394 33.41 14.30 -20.07
N LYS F 395 32.86 15.16 -20.92
CA LYS F 395 33.59 16.25 -21.54
C LYS F 395 34.45 17.12 -20.63
N GLU F 396 33.84 17.71 -19.61
CA GLU F 396 34.55 18.58 -18.67
C GLU F 396 35.72 17.91 -17.97
N THR F 397 35.52 16.66 -17.54
CA THR F 397 36.53 15.86 -16.83
C THR F 397 37.81 15.72 -17.63
N TRP F 398 37.67 15.51 -18.94
CA TRP F 398 38.79 15.37 -19.88
C TRP F 398 39.43 16.72 -20.19
N GLU F 399 38.60 17.69 -20.60
CA GLU F 399 39.06 19.03 -20.97
C GLU F 399 39.93 19.70 -19.91
N THR F 400 39.73 19.24 -18.67
CA THR F 400 40.40 19.68 -17.45
C THR F 400 41.78 19.06 -17.20
N TRP F 401 41.94 17.76 -17.47
CA TRP F 401 43.24 17.13 -17.21
C TRP F 401 44.01 16.44 -18.31
N TRP F 402 43.54 16.44 -19.55
CA TRP F 402 44.26 15.71 -20.58
C TRP F 402 45.67 16.20 -20.93
N THR F 403 45.87 17.50 -20.88
CA THR F 403 47.17 18.11 -21.20
C THR F 403 48.26 17.87 -20.14
N GLU F 404 47.88 17.21 -19.05
CA GLU F 404 48.85 16.89 -18.01
C GLU F 404 49.59 15.62 -18.34
N TYR F 405 48.93 14.79 -19.15
CA TYR F 405 49.48 13.49 -19.51
C TYR F 405 49.86 13.31 -20.97
N TRP F 406 49.66 14.36 -21.78
CA TRP F 406 49.96 14.33 -23.20
C TRP F 406 51.45 14.47 -23.46
N GLN F 407 51.96 13.56 -24.31
CA GLN F 407 53.36 13.49 -24.69
C GLN F 407 53.54 13.33 -26.23
N ALA F 408 52.47 13.48 -27.01
CA ALA F 408 52.56 13.35 -28.47
C ALA F 408 52.68 14.69 -29.16
N THR F 409 53.14 14.69 -30.41
CA THR F 409 53.27 15.94 -31.14
C THR F 409 52.00 16.26 -31.95
N TRP F 410 51.11 15.27 -32.04
CA TRP F 410 49.84 15.39 -32.75
C TRP F 410 48.74 15.25 -31.74
N ILE F 411 47.53 15.68 -32.12
CA ILE F 411 46.38 15.56 -31.24
C ILE F 411 45.24 15.11 -32.16
N PRO F 412 44.61 13.95 -31.87
CA PRO F 412 43.49 13.42 -32.67
C PRO F 412 42.12 13.98 -32.34
N GLU F 413 41.17 13.65 -33.19
CA GLU F 413 39.80 14.10 -33.00
C GLU F 413 39.11 13.22 -31.97
N TRP F 414 38.28 13.85 -31.15
CA TRP F 414 37.52 13.11 -30.15
C TRP F 414 36.16 13.68 -29.84
N GLU F 415 35.31 12.78 -29.38
CA GLU F 415 33.96 13.09 -28.93
C GLU F 415 33.81 12.21 -27.69
N PHE F 416 32.80 12.54 -26.89
CA PHE F 416 32.56 11.83 -25.64
C PHE F 416 31.28 11.06 -25.65
N VAL F 417 31.29 9.93 -24.97
CA VAL F 417 30.12 9.11 -24.98
C VAL F 417 29.87 8.47 -23.64
N ASN F 418 28.60 8.42 -23.28
CA ASN F 418 28.18 7.77 -22.07
C ASN F 418 27.25 6.66 -22.51
N THR F 419 27.71 5.43 -22.29
CA THR F 419 26.96 4.24 -22.65
C THR F 419 27.36 3.15 -21.65
N PRO F 420 26.41 2.73 -20.79
CA PRO F 420 26.69 1.68 -19.79
C PRO F 420 26.92 0.27 -20.39
N PRO F 421 27.70 -0.58 -19.68
CA PRO F 421 27.99 -1.95 -20.11
C PRO F 421 26.79 -2.86 -19.83
N LEU F 422 25.98 -3.11 -20.84
CA LEU F 422 24.81 -3.95 -20.64
C LEU F 422 25.24 -5.41 -20.55
N VAL F 423 26.06 -5.84 -21.50
CA VAL F 423 26.55 -7.22 -21.51
C VAL F 423 28.05 -7.28 -21.25
N LYS F 424 28.42 -6.89 -20.00
CA LYS F 424 29.79 -6.82 -19.44
C LYS F 424 30.90 -6.79 -20.48
N LEU F 425 30.58 -6.03 -21.54
CA LEU F 425 31.37 -5.83 -22.74
C LEU F 425 32.02 -7.07 -23.33
N TRP F 426 31.50 -7.49 -24.47
CA TRP F 426 31.92 -8.62 -25.35
C TRP F 426 33.41 -8.93 -25.23
N TYR F 427 34.13 -7.85 -24.92
CA TYR F 427 35.58 -7.76 -24.77
C TYR F 427 36.25 -8.24 -23.48
N GLN F 428 35.58 -8.15 -22.32
CA GLN F 428 36.19 -8.56 -21.02
C GLN F 428 36.67 -10.03 -20.80
N LEU F 429 36.28 -10.67 -19.68
CA LEU F 429 36.69 -12.06 -19.35
C LEU F 429 35.66 -13.12 -19.75
N LYS G 1 -39.93 -36.39 64.60
CA LYS G 1 -41.32 -36.64 64.07
C LYS G 1 -41.23 -36.80 62.54
N ILE G 2 -42.11 -37.65 61.98
CA ILE G 2 -42.15 -37.95 60.52
C ILE G 2 -43.57 -37.67 59.99
N SER G 3 -43.64 -37.15 58.76
CA SER G 3 -44.91 -36.80 58.11
C SER G 3 -45.88 -37.95 57.84
N PRO G 4 -47.17 -37.73 58.13
CA PRO G 4 -48.15 -38.79 57.88
C PRO G 4 -48.66 -38.75 56.44
N ILE G 5 -48.00 -37.92 55.60
CA ILE G 5 -48.33 -37.76 54.17
C ILE G 5 -48.08 -39.10 53.44
N GLU G 6 -48.93 -39.39 52.45
CA GLU G 6 -48.83 -40.63 51.66
C GLU G 6 -47.53 -40.62 50.86
N THR G 7 -46.99 -41.79 50.67
CA THR G 7 -45.74 -41.96 49.95
C THR G 7 -45.87 -41.88 48.44
N VAL G 8 -44.83 -41.38 47.79
CA VAL G 8 -44.76 -41.31 46.33
C VAL G 8 -44.26 -42.71 45.92
N PRO G 9 -45.08 -43.47 45.14
CA PRO G 9 -44.67 -44.81 44.73
C PRO G 9 -43.48 -44.79 43.78
N VAL G 10 -42.39 -45.37 44.23
CA VAL G 10 -41.17 -45.42 43.44
C VAL G 10 -40.94 -46.84 42.92
N LYS G 11 -40.33 -46.88 41.74
CA LYS G 11 -40.01 -48.09 41.00
C LYS G 11 -38.55 -48.02 40.59
N LEU G 12 -37.96 -49.16 40.28
CA LEU G 12 -36.58 -49.22 39.79
C LEU G 12 -36.71 -49.47 38.31
N LYS G 13 -35.72 -49.01 37.52
CA LYS G 13 -35.74 -49.25 36.08
C LYS G 13 -35.87 -50.75 35.79
N PRO G 14 -36.81 -51.14 34.89
CA PRO G 14 -37.10 -52.52 34.50
C PRO G 14 -35.92 -53.46 34.26
N GLY G 15 -35.94 -54.61 34.96
CA GLY G 15 -34.90 -55.62 34.85
C GLY G 15 -33.65 -55.45 35.70
N MET G 16 -33.55 -54.30 36.38
CA MET G 16 -32.41 -53.98 37.25
C MET G 16 -32.71 -54.14 38.73
N ASP G 17 -31.70 -54.64 39.45
CA ASP G 17 -31.71 -54.90 40.89
C ASP G 17 -31.05 -53.70 41.61
N GLY G 18 -31.19 -53.66 42.93
CA GLY G 18 -30.60 -52.59 43.73
C GLY G 18 -29.09 -52.73 43.90
N PRO G 19 -28.39 -51.71 44.44
CA PRO G 19 -26.94 -51.67 44.66
C PRO G 19 -26.38 -52.61 45.73
N LYS G 20 -25.26 -53.26 45.41
CA LYS G 20 -24.57 -54.17 46.31
C LYS G 20 -23.11 -53.68 46.42
N VAL G 21 -22.93 -52.35 46.54
CA VAL G 21 -21.60 -51.71 46.66
C VAL G 21 -21.12 -51.59 48.13
N LYS G 22 -19.85 -51.90 48.35
CA LYS G 22 -19.17 -51.90 49.67
C LYS G 22 -18.91 -50.48 50.19
N GLN G 23 -18.82 -50.35 51.52
CA GLN G 23 -18.56 -49.07 52.18
C GLN G 23 -17.04 -48.84 52.24
N TRP G 24 -16.59 -47.65 51.84
CA TRP G 24 -15.15 -47.29 51.86
C TRP G 24 -14.70 -46.86 53.26
N PRO G 25 -13.41 -47.12 53.64
CA PRO G 25 -12.95 -46.70 54.98
C PRO G 25 -12.96 -45.18 55.14
N LEU G 26 -13.50 -44.72 56.27
CA LEU G 26 -13.63 -43.30 56.57
C LEU G 26 -12.71 -42.83 57.71
N THR G 27 -12.76 -41.53 58.02
CA THR G 27 -11.97 -40.89 59.08
C THR G 27 -12.63 -41.22 60.42
N GLU G 28 -11.82 -41.32 61.48
CA GLU G 28 -12.30 -41.62 62.83
C GLU G 28 -13.19 -40.49 63.39
N GLU G 29 -12.91 -39.24 62.97
CA GLU G 29 -13.66 -38.05 63.37
C GLU G 29 -15.11 -38.16 62.87
N LYS G 30 -15.21 -38.42 61.56
CA LYS G 30 -16.47 -38.58 60.81
C LYS G 30 -17.33 -39.77 61.27
N ILE G 31 -16.72 -40.95 61.44
CA ILE G 31 -17.42 -42.17 61.91
C ILE G 31 -18.03 -41.94 63.30
N LYS G 32 -17.26 -41.32 64.20
CA LYS G 32 -17.69 -41.01 65.58
C LYS G 32 -18.85 -40.01 65.55
N ALA G 33 -18.76 -39.07 64.60
CA ALA G 33 -19.74 -38.01 64.38
C ALA G 33 -20.98 -38.46 63.60
N LEU G 34 -20.89 -39.64 62.96
CA LEU G 34 -21.98 -40.23 62.18
C LEU G 34 -22.78 -41.23 63.00
N VAL G 35 -22.21 -41.70 64.10
CA VAL G 35 -22.91 -42.64 64.96
C VAL G 35 -24.01 -41.88 65.72
N GLU G 36 -23.71 -40.63 66.09
CA GLU G 36 -24.63 -39.73 66.81
C GLU G 36 -25.88 -39.40 66.00
N ILE G 37 -25.68 -39.14 64.69
CA ILE G 37 -26.74 -38.79 63.74
C ILE G 37 -27.67 -39.99 63.55
N CYS G 38 -27.07 -41.20 63.49
CA CYS G 38 -27.77 -42.48 63.29
C CYS G 38 -28.51 -43.07 64.50
N THR G 39 -28.09 -42.64 65.69
CA THR G 39 -28.68 -43.08 66.95
C THR G 39 -29.95 -42.22 67.13
N GLU G 40 -29.82 -40.92 66.82
CA GLU G 40 -30.89 -39.90 66.89
C GLU G 40 -32.06 -40.24 65.97
N MET G 41 -31.74 -40.74 64.78
CA MET G 41 -32.73 -41.12 63.78
C MET G 41 -33.42 -42.45 64.04
N GLU G 42 -32.71 -43.39 64.66
CA GLU G 42 -33.25 -44.71 64.99
C GLU G 42 -34.32 -44.61 66.08
N LYS G 43 -34.03 -43.80 67.10
CA LYS G 43 -34.94 -43.56 68.22
C LYS G 43 -36.14 -42.70 67.75
N GLU G 44 -35.93 -41.96 66.66
CA GLU G 44 -36.99 -41.12 66.07
C GLU G 44 -37.70 -41.87 64.92
N GLY G 45 -37.27 -43.12 64.69
CA GLY G 45 -37.86 -43.98 63.66
C GLY G 45 -37.64 -43.63 62.19
N LYS G 46 -36.70 -42.72 61.95
CA LYS G 46 -36.35 -42.24 60.61
C LYS G 46 -35.61 -43.26 59.73
N ILE G 47 -34.85 -44.14 60.38
CA ILE G 47 -34.12 -45.24 59.73
C ILE G 47 -34.47 -46.51 60.50
N SER G 48 -34.26 -47.67 59.88
CA SER G 48 -34.55 -48.93 60.53
C SER G 48 -33.42 -49.93 60.41
N LYS G 49 -33.14 -50.62 61.51
CA LYS G 49 -32.08 -51.64 61.60
C LYS G 49 -32.51 -52.86 60.75
N ILE G 50 -31.61 -53.37 59.91
CA ILE G 50 -31.93 -54.54 59.05
C ILE G 50 -30.97 -55.72 59.20
N GLY G 51 -31.53 -56.94 59.31
CA GLY G 51 -30.73 -58.16 59.49
C GLY G 51 -30.07 -58.75 58.25
N PRO G 52 -29.91 -60.09 58.15
CA PRO G 52 -29.26 -60.72 56.97
C PRO G 52 -30.10 -60.85 55.68
N GLU G 53 -31.36 -60.39 55.73
CA GLU G 53 -32.31 -60.46 54.61
C GLU G 53 -32.28 -59.28 53.58
N ASN G 54 -31.31 -58.37 53.75
CA ASN G 54 -31.12 -57.19 52.88
C ASN G 54 -29.72 -57.23 52.22
N PRO G 55 -29.61 -57.75 50.97
CA PRO G 55 -28.32 -57.85 50.26
C PRO G 55 -27.71 -56.53 49.75
N TYR G 56 -28.48 -55.45 49.94
CA TYR G 56 -28.09 -54.12 49.50
C TYR G 56 -27.21 -53.33 50.46
N ASN G 57 -26.29 -52.58 49.86
CA ASN G 57 -25.36 -51.74 50.58
C ASN G 57 -24.91 -50.62 49.66
N THR G 58 -24.78 -49.42 50.23
CA THR G 58 -24.35 -48.22 49.53
C THR G 58 -23.48 -47.41 50.51
N PRO G 59 -22.41 -46.75 50.02
CA PRO G 59 -21.60 -45.98 50.95
C PRO G 59 -22.18 -44.65 51.42
N VAL G 60 -21.88 -44.35 52.68
CA VAL G 60 -22.28 -43.11 53.34
C VAL G 60 -21.07 -42.32 53.79
N PHE G 61 -21.27 -41.02 53.95
CA PHE G 61 -20.23 -40.11 54.42
C PHE G 61 -20.92 -38.92 55.10
N ALA G 62 -20.15 -37.86 55.37
CA ALA G 62 -20.71 -36.66 55.97
C ALA G 62 -19.92 -35.42 55.61
N ILE G 63 -20.64 -34.35 55.32
CA ILE G 63 -20.01 -33.07 54.99
C ILE G 63 -20.34 -32.16 56.19
N LYS G 64 -19.60 -31.05 56.37
CA LYS G 64 -19.87 -30.10 57.46
C LYS G 64 -20.96 -29.14 56.98
N LYS G 65 -21.77 -28.59 57.89
CA LYS G 65 -22.83 -27.65 57.48
C LYS G 65 -22.32 -26.21 57.35
N LYS G 66 -23.07 -25.34 56.65
CA LYS G 66 -22.68 -23.93 56.41
C LYS G 66 -22.22 -23.10 57.64
N ASP G 67 -22.87 -23.33 58.78
CA ASP G 67 -22.56 -22.65 60.03
C ASP G 67 -21.83 -23.55 61.03
N SER G 68 -21.21 -24.63 60.51
CA SER G 68 -20.44 -25.64 61.27
C SER G 68 -21.17 -26.26 62.48
N THR G 69 -20.38 -26.88 63.38
CA THR G 69 -20.81 -27.57 64.63
C THR G 69 -21.48 -28.93 64.33
N LYS G 70 -22.50 -28.88 63.48
CA LYS G 70 -23.29 -30.03 63.04
C LYS G 70 -22.92 -30.54 61.65
N TRP G 71 -23.00 -31.87 61.52
CA TRP G 71 -22.69 -32.57 60.28
C TRP G 71 -23.91 -32.79 59.38
N ARG G 72 -23.67 -33.38 58.21
CA ARG G 72 -24.74 -33.68 57.26
C ARG G 72 -24.47 -35.08 56.74
N LYS G 73 -25.41 -35.99 56.98
CA LYS G 73 -25.20 -37.35 56.48
C LYS G 73 -25.59 -37.46 55.02
N LEU G 74 -24.61 -37.88 54.22
CA LEU G 74 -24.80 -38.04 52.80
C LEU G 74 -24.60 -39.50 52.43
N VAL G 75 -25.25 -39.89 51.34
CA VAL G 75 -25.16 -41.26 50.80
C VAL G 75 -24.86 -41.12 49.30
N ASP G 76 -23.83 -41.85 48.85
CA ASP G 76 -23.38 -41.86 47.45
C ASP G 76 -24.20 -42.89 46.66
N PHE G 77 -25.42 -42.47 46.33
CA PHE G 77 -26.37 -43.26 45.57
C PHE G 77 -26.17 -43.16 44.04
N ARG G 78 -24.98 -42.73 43.58
CA ARG G 78 -24.68 -42.58 42.13
C ARG G 78 -25.00 -43.84 41.34
N GLU G 79 -24.97 -44.96 42.07
CA GLU G 79 -25.26 -46.32 41.60
C GLU G 79 -26.76 -46.60 41.60
N LEU G 80 -27.46 -46.35 42.71
CA LEU G 80 -28.91 -46.57 42.78
C LEU G 80 -29.62 -45.60 41.83
N ASN G 81 -29.11 -44.37 41.74
CA ASN G 81 -29.66 -43.32 40.87
C ASN G 81 -29.76 -43.80 39.44
N LYS G 82 -28.80 -44.65 39.04
CA LYS G 82 -28.77 -45.24 37.69
C LYS G 82 -29.87 -46.29 37.50
N ARG G 83 -30.04 -47.14 38.50
CA ARG G 83 -31.03 -48.22 38.47
C ARG G 83 -32.46 -47.79 38.80
N THR G 84 -32.63 -46.54 39.22
CA THR G 84 -33.94 -45.96 39.58
C THR G 84 -34.64 -45.36 38.34
N GLN G 85 -35.97 -45.37 38.34
CA GLN G 85 -36.82 -44.81 37.27
C GLN G 85 -36.57 -43.29 37.14
N ASP G 86 -36.80 -42.72 35.96
CA ASP G 86 -36.63 -41.26 35.79
C ASP G 86 -37.78 -40.54 36.49
N PHE G 87 -37.54 -39.29 36.85
CA PHE G 87 -38.54 -38.46 37.51
C PHE G 87 -38.80 -37.30 36.59
N TRP G 88 -39.61 -36.37 37.08
CA TRP G 88 -39.83 -35.17 36.32
C TRP G 88 -39.62 -34.12 37.38
N GLU G 89 -38.57 -33.32 37.18
CA GLU G 89 -38.23 -32.30 38.13
C GLU G 89 -39.25 -31.18 38.17
N VAL G 90 -39.81 -31.04 39.36
CA VAL G 90 -40.85 -30.08 39.66
C VAL G 90 -40.29 -28.65 39.97
N GLN G 91 -38.97 -28.52 40.19
CA GLN G 91 -38.35 -27.20 40.43
C GLN G 91 -37.98 -26.59 39.09
N LEU G 92 -38.71 -25.55 38.73
CA LEU G 92 -38.51 -24.88 37.46
C LEU G 92 -37.55 -23.68 37.46
N GLY G 93 -37.06 -23.28 38.63
CA GLY G 93 -36.11 -22.17 38.74
C GLY G 93 -35.86 -21.55 40.11
N ILE G 94 -34.97 -20.57 40.14
CA ILE G 94 -34.61 -19.87 41.38
C ILE G 94 -35.40 -18.54 41.47
N PRO G 95 -36.12 -18.28 42.59
CA PRO G 95 -36.91 -17.05 42.78
C PRO G 95 -36.00 -15.83 42.97
N HIS G 96 -36.36 -14.69 42.36
CA HIS G 96 -35.55 -13.49 42.49
C HIS G 96 -36.25 -12.39 43.29
N PRO G 97 -35.53 -11.75 44.23
CA PRO G 97 -36.04 -10.67 45.08
C PRO G 97 -36.55 -9.45 44.34
N ALA G 98 -36.12 -9.30 43.09
CA ALA G 98 -36.57 -8.21 42.24
C ALA G 98 -37.99 -8.49 41.80
N GLY G 99 -38.41 -9.74 41.97
CA GLY G 99 -39.75 -10.18 41.62
C GLY G 99 -40.75 -10.09 42.76
N LEU G 100 -40.21 -10.06 43.98
CA LEU G 100 -41.02 -9.93 45.20
C LEU G 100 -41.71 -8.56 45.21
N LYS G 101 -42.94 -8.52 45.70
CA LYS G 101 -43.71 -7.28 45.79
C LYS G 101 -43.65 -6.78 47.25
N LYS G 102 -43.72 -5.46 47.46
CA LYS G 102 -43.67 -4.81 48.79
C LYS G 102 -44.78 -5.19 49.78
N LYS G 103 -44.41 -5.94 50.82
CA LYS G 103 -45.33 -6.43 51.86
C LYS G 103 -45.25 -5.70 53.21
N LYS G 104 -46.40 -5.56 53.89
CA LYS G 104 -46.51 -4.88 55.20
C LYS G 104 -45.84 -5.66 56.34
N SER G 105 -45.86 -6.98 56.21
CA SER G 105 -45.27 -7.88 57.20
C SER G 105 -44.74 -9.18 56.56
N VAL G 106 -43.48 -9.51 56.89
CA VAL G 106 -42.76 -10.68 56.39
C VAL G 106 -42.17 -11.51 57.57
N THR G 107 -42.05 -12.83 57.38
CA THR G 107 -41.43 -13.77 58.33
C THR G 107 -40.91 -14.91 57.46
N VAL G 108 -39.59 -15.11 57.41
CA VAL G 108 -39.03 -16.21 56.61
C VAL G 108 -38.66 -17.35 57.55
N LEU G 109 -39.28 -18.50 57.32
CA LEU G 109 -39.04 -19.66 58.16
C LEU G 109 -38.32 -20.73 57.39
N ASP G 110 -37.59 -21.56 58.12
CA ASP G 110 -36.87 -22.68 57.53
C ASP G 110 -37.39 -23.90 58.28
N VAL G 111 -37.59 -25.00 57.56
CA VAL G 111 -38.08 -26.21 58.20
C VAL G 111 -36.87 -27.06 58.53
N GLY G 112 -36.63 -27.28 59.82
CA GLY G 112 -35.52 -28.12 60.22
C GLY G 112 -35.74 -29.58 59.88
N ASP G 113 -34.61 -30.28 59.61
CA ASP G 113 -34.57 -31.72 59.29
C ASP G 113 -35.63 -32.07 58.25
N ALA G 114 -35.63 -31.28 57.19
CA ALA G 114 -36.57 -31.38 56.08
C ALA G 114 -36.82 -32.75 55.52
N TYR G 115 -35.83 -33.32 54.83
CA TYR G 115 -35.96 -34.65 54.22
C TYR G 115 -36.21 -35.73 55.26
N PHE G 116 -35.65 -35.54 56.44
CA PHE G 116 -35.83 -36.49 57.54
C PHE G 116 -37.12 -36.13 58.31
N SER G 117 -38.23 -36.09 57.57
CA SER G 117 -39.57 -35.77 58.04
C SER G 117 -40.57 -36.16 56.94
N VAL G 118 -40.07 -36.75 55.85
CA VAL G 118 -40.91 -37.17 54.72
C VAL G 118 -40.74 -38.70 54.48
N PRO G 119 -41.83 -39.51 54.57
CA PRO G 119 -41.76 -40.97 54.38
C PRO G 119 -41.25 -41.43 53.04
N LEU G 120 -40.59 -42.58 53.06
CA LEU G 120 -40.07 -43.20 51.85
C LEU G 120 -41.01 -44.38 51.56
N ASP G 121 -41.26 -44.65 50.27
CA ASP G 121 -42.14 -45.75 49.79
C ASP G 121 -41.71 -47.05 50.47
N GLU G 122 -42.60 -47.61 51.29
CA GLU G 122 -42.35 -48.85 52.06
C GLU G 122 -41.66 -49.98 51.32
N ASP G 123 -41.99 -50.12 50.03
CA ASP G 123 -41.43 -51.16 49.18
C ASP G 123 -40.00 -50.87 48.71
N PHE G 124 -39.70 -49.59 48.51
CA PHE G 124 -38.38 -49.12 48.03
C PHE G 124 -37.30 -48.97 49.12
N ARG G 125 -37.67 -49.03 50.40
CA ARG G 125 -36.72 -48.87 51.52
C ARG G 125 -35.51 -49.84 51.61
N LYS G 126 -35.61 -50.97 50.92
CA LYS G 126 -34.57 -52.01 50.90
C LYS G 126 -33.24 -51.61 50.26
N TYR G 127 -33.33 -50.87 49.15
CA TYR G 127 -32.15 -50.42 48.40
C TYR G 127 -31.45 -49.19 48.99
N THR G 128 -32.07 -48.62 50.01
CA THR G 128 -31.50 -47.46 50.69
C THR G 128 -30.74 -47.92 51.93
N ALA G 129 -30.26 -49.17 51.88
CA ALA G 129 -29.50 -49.77 52.97
C ALA G 129 -28.07 -49.29 52.92
N PHE G 130 -27.53 -48.95 54.08
CA PHE G 130 -26.14 -48.48 54.21
C PHE G 130 -25.44 -49.17 55.40
N THR G 131 -24.19 -48.78 55.68
CA THR G 131 -23.41 -49.33 56.81
C THR G 131 -22.47 -48.30 57.44
N ILE G 132 -22.54 -48.19 58.78
CA ILE G 132 -21.69 -47.31 59.61
C ILE G 132 -20.63 -48.28 60.17
N PRO G 133 -19.35 -48.12 59.80
CA PRO G 133 -18.31 -49.02 60.32
C PRO G 133 -17.99 -48.69 61.79
N SER G 134 -17.49 -49.66 62.56
CA SER G 134 -17.16 -49.41 63.97
C SER G 134 -15.90 -48.56 64.16
N ILE G 135 -15.57 -48.25 65.41
CA ILE G 135 -14.42 -47.41 65.76
C ILE G 135 -13.05 -48.00 65.34
N ASN G 136 -12.93 -49.33 65.37
CA ASN G 136 -11.69 -50.00 65.01
C ASN G 136 -11.86 -51.29 64.17
N ASN G 137 -13.09 -51.49 63.65
CA ASN G 137 -13.47 -52.66 62.83
C ASN G 137 -13.25 -54.02 63.50
N GLU G 138 -14.23 -54.43 64.31
CA GLU G 138 -14.18 -55.70 65.04
C GLU G 138 -14.95 -56.84 64.34
N THR G 139 -16.27 -56.76 64.39
CA THR G 139 -17.18 -57.75 63.81
C THR G 139 -18.10 -56.88 62.88
N PRO G 140 -19.35 -57.31 62.48
CA PRO G 140 -20.00 -56.30 61.63
C PRO G 140 -20.50 -55.01 62.30
N GLY G 141 -20.49 -53.93 61.50
CA GLY G 141 -20.97 -52.64 61.96
C GLY G 141 -22.48 -52.66 61.89
N ILE G 142 -23.14 -51.66 62.46
CA ILE G 142 -24.60 -51.62 62.43
C ILE G 142 -25.05 -51.32 61.00
N ARG G 143 -26.02 -52.10 60.53
CA ARG G 143 -26.52 -51.97 59.17
C ARG G 143 -27.38 -50.75 58.79
N TYR G 144 -28.67 -50.73 59.13
CA TYR G 144 -29.60 -49.62 58.82
C TYR G 144 -30.01 -49.39 57.33
N GLN G 145 -31.29 -49.08 57.15
CA GLN G 145 -31.93 -48.76 55.85
C GLN G 145 -32.76 -47.50 56.11
N TYR G 146 -33.37 -46.89 55.09
CA TYR G 146 -34.18 -45.67 55.30
C TYR G 146 -35.68 -45.79 55.36
N ASN G 147 -36.30 -45.02 56.24
CA ASN G 147 -37.76 -44.98 56.38
C ASN G 147 -38.26 -43.60 55.95
N VAL G 148 -37.29 -42.72 55.78
CA VAL G 148 -37.50 -41.35 55.41
C VAL G 148 -36.75 -41.05 54.10
N LEU G 149 -36.85 -39.83 53.58
CA LEU G 149 -36.22 -39.41 52.33
C LEU G 149 -34.69 -39.18 52.46
N PRO G 150 -33.85 -40.02 51.80
CA PRO G 150 -32.39 -39.85 51.88
C PRO G 150 -31.72 -38.70 51.09
N GLN G 151 -30.69 -38.10 51.69
CA GLN G 151 -29.93 -36.98 51.12
C GLN G 151 -28.86 -37.51 50.14
N GLY G 152 -29.12 -37.34 48.84
CA GLY G 152 -28.22 -37.79 47.80
C GLY G 152 -28.83 -38.71 46.74
N TRP G 153 -30.12 -38.99 46.87
CA TRP G 153 -30.85 -39.85 45.92
C TRP G 153 -31.59 -38.96 44.90
N LYS G 154 -31.57 -39.39 43.62
CA LYS G 154 -32.18 -38.68 42.48
C LYS G 154 -33.62 -38.27 42.71
N GLY G 155 -34.34 -39.12 43.46
CA GLY G 155 -35.74 -38.89 43.74
C GLY G 155 -36.14 -37.94 44.85
N SER G 156 -35.24 -37.78 45.82
CA SER G 156 -35.48 -36.93 46.97
C SER G 156 -35.94 -35.45 46.85
N PRO G 157 -35.27 -34.58 46.02
CA PRO G 157 -35.73 -33.18 45.93
C PRO G 157 -37.13 -33.01 45.32
N ALA G 158 -37.36 -33.71 44.21
CA ALA G 158 -38.63 -33.68 43.51
C ALA G 158 -39.79 -34.21 44.36
N ILE G 159 -39.54 -35.26 45.15
CA ILE G 159 -40.55 -35.85 46.04
C ILE G 159 -40.86 -34.89 47.19
N PHE G 160 -39.82 -34.29 47.79
CA PHE G 160 -39.97 -33.33 48.90
C PHE G 160 -40.75 -32.07 48.53
N GLN G 161 -40.34 -31.39 47.46
CA GLN G 161 -41.00 -30.16 46.97
C GLN G 161 -42.47 -30.43 46.69
N SER G 162 -42.72 -31.59 46.08
CA SER G 162 -44.07 -32.06 45.73
C SER G 162 -44.88 -32.37 46.99
N SER G 163 -44.18 -32.93 47.99
CA SER G 163 -44.79 -33.27 49.28
C SER G 163 -45.02 -32.03 50.11
N MET G 164 -44.21 -31.01 49.88
CA MET G 164 -44.28 -29.72 50.56
C MET G 164 -45.47 -28.92 50.00
N THR G 165 -45.75 -29.08 48.70
CA THR G 165 -46.87 -28.38 48.03
C THR G 165 -48.21 -28.94 48.50
N LYS G 166 -48.29 -30.27 48.74
CA LYS G 166 -49.54 -30.89 49.22
C LYS G 166 -49.82 -30.56 50.67
N ILE G 167 -48.75 -30.22 51.38
CA ILE G 167 -48.82 -29.84 52.78
C ILE G 167 -49.35 -28.39 52.89
N LEU G 168 -48.86 -27.49 52.03
CA LEU G 168 -49.27 -26.07 52.02
C LEU G 168 -50.53 -25.73 51.19
N GLU G 169 -51.09 -26.72 50.51
CA GLU G 169 -52.32 -26.56 49.69
C GLU G 169 -53.57 -26.26 50.56
N PRO G 170 -53.78 -26.98 51.71
CA PRO G 170 -54.94 -26.71 52.56
C PRO G 170 -54.92 -25.37 53.29
N PHE G 171 -53.73 -24.96 53.75
CA PHE G 171 -53.51 -23.70 54.47
C PHE G 171 -53.78 -22.49 53.56
N ARG G 172 -53.28 -22.59 52.31
CA ARG G 172 -53.45 -21.54 51.29
C ARG G 172 -54.90 -21.29 50.88
N LYS G 173 -55.72 -22.34 50.95
CA LYS G 173 -57.15 -22.28 50.62
C LYS G 173 -57.82 -21.36 51.62
N GLN G 174 -57.44 -21.54 52.87
CA GLN G 174 -57.96 -20.75 53.98
C GLN G 174 -57.31 -19.38 54.12
N ASN G 175 -56.22 -19.14 53.36
CA ASN G 175 -55.46 -17.87 53.38
C ASN G 175 -54.94 -17.47 51.97
N PRO G 176 -55.84 -17.10 51.03
CA PRO G 176 -55.47 -16.71 49.65
C PRO G 176 -54.64 -15.45 49.45
N ASP G 177 -54.70 -14.54 50.42
CA ASP G 177 -53.98 -13.25 50.35
C ASP G 177 -52.54 -13.39 50.82
N ILE G 178 -52.22 -14.51 51.44
CA ILE G 178 -50.87 -14.79 51.93
C ILE G 178 -50.00 -15.47 50.88
N VAL G 179 -48.87 -14.82 50.64
CA VAL G 179 -47.86 -15.22 49.67
C VAL G 179 -46.78 -16.06 50.35
N ILE G 180 -46.75 -17.35 50.04
CA ILE G 180 -45.76 -18.24 50.60
C ILE G 180 -44.80 -18.71 49.51
N TYR G 181 -43.69 -17.99 49.35
CA TYR G 181 -42.66 -18.36 48.38
C TYR G 181 -41.97 -19.58 48.97
N GLN G 182 -42.25 -20.73 48.40
CA GLN G 182 -41.65 -21.96 48.88
C GLN G 182 -40.59 -22.50 47.92
N TYR G 183 -39.36 -22.59 48.44
CA TYR G 183 -38.20 -23.14 47.73
C TYR G 183 -37.73 -24.21 48.69
N MET G 184 -37.92 -25.48 48.33
CA MET G 184 -37.55 -26.63 49.17
C MET G 184 -38.21 -26.55 50.56
N ASP G 185 -37.48 -26.18 51.60
CA ASP G 185 -38.04 -26.07 52.96
C ASP G 185 -38.02 -24.65 53.53
N ASP G 186 -37.48 -23.76 52.71
CA ASP G 186 -37.30 -22.33 52.96
C ASP G 186 -38.58 -21.64 52.47
N LEU G 187 -39.46 -21.26 53.41
CA LEU G 187 -40.71 -20.60 53.06
C LEU G 187 -40.71 -19.14 53.46
N TYR G 188 -40.75 -18.24 52.48
CA TYR G 188 -40.83 -16.82 52.75
C TYR G 188 -42.35 -16.60 52.73
N VAL G 189 -42.90 -16.37 53.92
CA VAL G 189 -44.33 -16.11 54.08
C VAL G 189 -44.48 -14.58 54.25
N GLY G 190 -45.25 -13.94 53.37
CA GLY G 190 -45.45 -12.49 53.43
C GLY G 190 -46.89 -12.08 53.29
N SER G 191 -47.36 -11.16 54.14
CA SER G 191 -48.75 -10.72 54.11
C SER G 191 -48.97 -9.20 54.17
N ASP G 192 -50.21 -8.80 53.89
CA ASP G 192 -50.63 -7.40 53.93
C ASP G 192 -51.37 -7.11 55.25
N LEU G 193 -51.29 -8.05 56.18
CA LEU G 193 -51.91 -7.93 57.51
C LEU G 193 -51.03 -7.13 58.48
N GLU G 194 -51.63 -6.72 59.61
CA GLU G 194 -50.94 -5.98 60.66
C GLU G 194 -50.10 -6.94 61.50
N ILE G 195 -48.93 -6.47 61.90
CA ILE G 195 -47.92 -7.23 62.67
C ILE G 195 -48.41 -8.22 63.74
N GLY G 196 -49.45 -7.84 64.48
CA GLY G 196 -50.00 -8.70 65.51
C GLY G 196 -50.78 -9.86 64.90
N GLN G 197 -51.61 -9.52 63.91
CA GLN G 197 -52.46 -10.46 63.17
C GLN G 197 -51.67 -11.35 62.20
N HIS G 198 -50.49 -10.86 61.79
CA HIS G 198 -49.57 -11.57 60.89
C HIS G 198 -48.94 -12.67 61.73
N ARG G 199 -48.33 -12.27 62.86
CA ARG G 199 -47.66 -13.20 63.78
C ARG G 199 -48.57 -14.35 64.26
N THR G 200 -49.88 -14.16 64.15
CA THR G 200 -50.89 -15.17 64.56
C THR G 200 -51.03 -16.26 63.50
N LYS G 201 -51.10 -15.85 62.23
CA LYS G 201 -51.21 -16.78 61.09
C LYS G 201 -49.94 -17.62 61.01
N ILE G 202 -48.81 -17.01 61.36
CA ILE G 202 -47.50 -17.67 61.34
C ILE G 202 -47.50 -18.77 62.40
N GLU G 203 -48.18 -18.53 63.52
CA GLU G 203 -48.27 -19.56 64.54
C GLU G 203 -49.29 -20.62 64.13
N GLU G 204 -50.24 -20.23 63.26
CA GLU G 204 -51.26 -21.17 62.75
C GLU G 204 -50.57 -22.02 61.70
N LEU G 205 -49.66 -21.39 60.95
CA LEU G 205 -48.87 -22.02 59.90
C LEU G 205 -47.86 -22.94 60.52
N ARG G 206 -47.29 -22.51 61.65
CA ARG G 206 -46.29 -23.30 62.34
C ARG G 206 -46.93 -24.57 62.88
N GLN G 207 -48.10 -24.39 63.51
CA GLN G 207 -48.86 -25.49 64.09
C GLN G 207 -49.34 -26.43 62.99
N HIS G 208 -49.74 -25.86 61.85
CA HIS G 208 -50.20 -26.61 60.68
C HIS G 208 -49.05 -27.49 60.21
N LEU G 209 -47.87 -26.91 60.11
CA LEU G 209 -46.69 -27.64 59.68
C LEU G 209 -46.25 -28.73 60.66
N LEU G 210 -46.45 -28.51 61.96
CA LEU G 210 -46.07 -29.50 62.97
C LEU G 210 -47.03 -30.70 63.03
N ARG G 211 -48.29 -30.49 62.59
CA ARG G 211 -49.27 -31.57 62.55
C ARG G 211 -48.87 -32.52 61.43
N TRP G 212 -48.16 -31.93 60.48
CA TRP G 212 -47.66 -32.59 59.30
C TRP G 212 -46.23 -33.15 59.40
N GLY G 213 -45.63 -33.09 60.58
CA GLY G 213 -44.27 -33.60 60.78
C GLY G 213 -43.15 -32.61 60.54
N LEU G 214 -43.49 -31.49 59.91
CA LEU G 214 -42.52 -30.45 59.59
C LEU G 214 -42.34 -29.45 60.75
N THR G 215 -41.19 -29.55 61.40
CA THR G 215 -40.84 -28.70 62.54
C THR G 215 -40.21 -27.39 62.07
N THR G 216 -40.42 -26.34 62.86
CA THR G 216 -39.83 -25.04 62.58
C THR G 216 -39.15 -24.65 63.89
N PRO G 217 -37.82 -24.85 63.98
CA PRO G 217 -37.11 -24.48 65.22
C PRO G 217 -37.01 -22.97 65.40
N ASP G 218 -36.49 -22.55 66.54
CA ASP G 218 -36.34 -21.12 66.83
C ASP G 218 -35.04 -20.55 66.20
N LYS G 219 -35.00 -20.64 64.86
CA LYS G 219 -33.93 -20.16 63.98
C LYS G 219 -34.62 -19.90 62.63
N LYS G 220 -35.76 -19.23 62.80
CA LYS G 220 -36.64 -18.78 61.74
C LYS G 220 -36.61 -17.26 61.95
N HIS G 221 -36.46 -16.48 60.88
CA HIS G 221 -36.41 -15.02 60.98
C HIS G 221 -37.77 -14.39 61.30
N GLN G 222 -38.01 -14.12 62.60
CA GLN G 222 -39.26 -13.53 63.15
C GLN G 222 -39.69 -12.24 62.42
N LYS G 223 -39.23 -11.08 62.87
CA LYS G 223 -39.57 -9.80 62.24
C LYS G 223 -38.29 -8.95 62.28
N GLU G 224 -37.18 -9.59 61.92
CA GLU G 224 -35.84 -8.98 61.89
C GLU G 224 -35.68 -8.41 60.47
N PRO G 225 -35.55 -7.05 60.30
CA PRO G 225 -35.41 -6.46 58.96
C PRO G 225 -34.39 -7.04 57.93
N PRO G 226 -33.15 -7.45 58.33
CA PRO G 226 -32.28 -8.01 57.27
C PRO G 226 -32.54 -9.55 57.11
N PHE G 227 -33.58 -9.92 56.36
CA PHE G 227 -33.98 -11.34 56.13
C PHE G 227 -33.01 -12.18 55.30
N LEU G 228 -32.54 -13.30 55.86
CA LEU G 228 -31.60 -14.18 55.16
C LEU G 228 -32.27 -15.37 54.44
N TRP G 229 -32.79 -15.04 53.25
CA TRP G 229 -33.51 -15.93 52.32
C TRP G 229 -32.74 -16.01 50.99
N MET G 230 -32.51 -17.23 50.52
CA MET G 230 -31.86 -17.52 49.22
C MET G 230 -30.55 -16.84 48.78
N GLY G 231 -29.76 -16.41 49.75
CA GLY G 231 -28.48 -15.77 49.47
C GLY G 231 -28.44 -14.25 49.37
N TYR G 232 -29.52 -13.58 49.79
CA TYR G 232 -29.59 -12.12 49.72
C TYR G 232 -30.03 -11.60 51.08
N GLU G 233 -30.00 -10.28 51.23
CA GLU G 233 -30.47 -9.61 52.44
C GLU G 233 -31.69 -8.85 51.96
N LEU G 234 -32.81 -9.02 52.66
CA LEU G 234 -34.06 -8.36 52.27
C LEU G 234 -34.58 -7.38 53.29
N HIS G 235 -34.42 -6.09 53.00
CA HIS G 235 -34.91 -5.02 53.87
C HIS G 235 -36.36 -4.71 53.45
N PRO G 236 -37.19 -4.15 54.36
CA PRO G 236 -38.59 -3.82 54.02
C PRO G 236 -38.84 -2.89 52.82
N ASP G 237 -37.79 -2.16 52.42
CA ASP G 237 -37.84 -1.24 51.28
C ASP G 237 -36.84 -1.62 50.17
N LYS G 238 -35.74 -2.28 50.56
CA LYS G 238 -34.66 -2.69 49.63
C LYS G 238 -34.02 -4.10 49.82
N TRP G 239 -32.98 -4.38 49.02
CA TRP G 239 -32.19 -5.64 49.05
C TRP G 239 -30.83 -5.56 48.34
N THR G 240 -29.87 -6.33 48.85
CA THR G 240 -28.52 -6.44 48.27
C THR G 240 -28.28 -7.95 48.34
N VAL G 241 -27.04 -8.36 48.11
CA VAL G 241 -26.64 -9.76 48.13
C VAL G 241 -25.93 -10.17 49.45
N GLN G 242 -25.77 -11.47 49.73
CA GLN G 242 -25.06 -11.93 50.95
C GLN G 242 -23.55 -11.68 50.78
N PRO G 243 -22.76 -11.51 51.89
CA PRO G 243 -21.31 -11.25 51.80
C PRO G 243 -20.54 -11.89 50.64
N ILE G 244 -20.32 -11.07 49.62
CA ILE G 244 -19.65 -11.44 48.38
C ILE G 244 -18.09 -11.34 48.52
N VAL G 245 -17.49 -12.37 49.14
CA VAL G 245 -16.01 -12.43 49.38
C VAL G 245 -15.21 -13.08 48.22
N LEU G 246 -14.33 -12.28 47.62
CA LEU G 246 -13.45 -12.64 46.48
C LEU G 246 -12.00 -12.91 46.95
N PRO G 247 -11.47 -14.15 46.79
CA PRO G 247 -10.08 -14.41 47.23
C PRO G 247 -8.93 -13.76 46.43
N GLU G 248 -7.99 -13.13 47.13
CA GLU G 248 -6.81 -12.50 46.53
C GLU G 248 -5.54 -13.28 46.86
N LYS G 249 -4.89 -13.76 45.80
CA LYS G 249 -3.64 -14.52 45.88
C LYS G 249 -2.67 -14.21 44.73
N ASP G 250 -1.41 -14.63 44.91
CA ASP G 250 -0.32 -14.40 43.94
C ASP G 250 -0.31 -15.36 42.73
N SER G 251 -0.31 -16.67 42.98
CA SER G 251 -0.36 -17.64 41.88
C SER G 251 -1.77 -18.23 41.85
N TRP G 252 -2.35 -18.22 40.65
CA TRP G 252 -3.71 -18.71 40.39
C TRP G 252 -3.68 -19.94 39.45
N THR G 253 -4.63 -20.86 39.66
CA THR G 253 -4.79 -22.09 38.85
C THR G 253 -6.05 -21.99 37.94
N VAL G 254 -6.37 -23.01 37.15
CA VAL G 254 -7.55 -22.97 36.25
C VAL G 254 -8.86 -23.28 37.00
N ASN G 255 -8.70 -23.97 38.13
CA ASN G 255 -9.81 -24.30 39.02
C ASN G 255 -10.24 -22.96 39.63
N ASP G 256 -9.24 -22.12 39.90
CA ASP G 256 -9.36 -20.77 40.50
C ASP G 256 -10.07 -19.75 39.62
N ILE G 257 -9.77 -19.74 38.32
CA ILE G 257 -10.39 -18.79 37.39
C ILE G 257 -11.87 -19.20 37.20
N CYS G 258 -12.12 -20.52 37.36
CA CYS G 258 -13.44 -21.15 37.24
C CYS G 258 -14.36 -20.74 38.40
N LYS G 259 -13.77 -20.67 39.60
CA LYS G 259 -14.44 -20.28 40.85
C LYS G 259 -14.60 -18.77 40.96
N LEU G 260 -13.73 -18.03 40.27
CA LEU G 260 -13.71 -16.56 40.25
C LEU G 260 -14.74 -15.91 39.34
N VAL G 261 -14.90 -16.47 38.15
CA VAL G 261 -15.84 -15.99 37.13
C VAL G 261 -17.31 -16.33 37.46
N GLY G 262 -17.54 -17.48 38.11
CA GLY G 262 -18.88 -17.88 38.50
C GLY G 262 -19.34 -17.05 39.70
N LYS G 263 -18.36 -16.60 40.50
CA LYS G 263 -18.54 -15.76 41.69
C LYS G 263 -18.92 -14.37 41.15
N LEU G 264 -18.15 -13.88 40.17
CA LEU G 264 -18.35 -12.58 39.49
C LEU G 264 -19.68 -12.55 38.72
N ASN G 265 -20.16 -13.73 38.31
CA ASN G 265 -21.44 -13.91 37.59
C ASN G 265 -22.58 -13.79 38.59
N TRP G 266 -22.32 -14.22 39.83
CA TRP G 266 -23.31 -14.12 40.88
C TRP G 266 -23.42 -12.64 41.30
N ALA G 267 -22.30 -11.92 41.20
CA ALA G 267 -22.21 -10.50 41.54
C ALA G 267 -22.80 -9.59 40.47
N SER G 268 -22.87 -10.12 39.23
CA SER G 268 -23.41 -9.42 38.05
C SER G 268 -24.91 -9.18 38.16
N GLN G 269 -25.56 -9.96 39.03
CA GLN G 269 -27.00 -9.84 39.25
C GLN G 269 -27.41 -8.45 39.69
N ILE G 270 -26.54 -7.81 40.47
CA ILE G 270 -26.80 -6.46 40.99
C ILE G 270 -25.69 -5.40 40.80
N TYR G 271 -24.41 -5.82 40.78
CA TYR G 271 -23.27 -4.91 40.56
C TYR G 271 -23.14 -4.65 39.05
N PRO G 272 -23.42 -3.40 38.59
CA PRO G 272 -23.35 -3.02 37.18
C PRO G 272 -21.98 -2.99 36.51
N GLY G 273 -21.96 -3.40 35.25
CA GLY G 273 -20.74 -3.42 34.46
C GLY G 273 -19.69 -4.51 34.64
N ILE G 274 -19.99 -5.58 35.39
CA ILE G 274 -19.05 -6.70 35.63
C ILE G 274 -18.67 -7.32 34.31
N LYS G 275 -17.37 -7.41 34.05
CA LYS G 275 -16.86 -7.98 32.83
C LYS G 275 -16.07 -9.24 33.16
N VAL G 276 -16.28 -10.30 32.39
CA VAL G 276 -15.55 -11.56 32.61
C VAL G 276 -14.85 -12.16 31.40
N ARG G 277 -15.18 -11.71 30.20
CA ARG G 277 -14.62 -12.25 28.93
C ARG G 277 -13.11 -12.53 28.86
N GLN G 278 -12.29 -11.62 29.38
CA GLN G 278 -10.83 -11.77 29.38
C GLN G 278 -10.33 -12.76 30.45
N LEU G 279 -11.03 -12.81 31.59
CA LEU G 279 -10.71 -13.73 32.68
C LEU G 279 -11.08 -15.14 32.23
N CYS G 280 -12.15 -15.20 31.42
CA CYS G 280 -12.71 -16.43 30.86
C CYS G 280 -11.87 -17.07 29.79
N LYS G 281 -11.01 -16.24 29.17
CA LYS G 281 -10.10 -16.66 28.12
C LYS G 281 -9.00 -17.57 28.67
N LEU G 282 -8.80 -17.53 29.98
CA LEU G 282 -7.81 -18.38 30.66
C LEU G 282 -8.25 -19.84 30.84
N LEU G 283 -9.55 -20.12 30.61
CA LEU G 283 -10.11 -21.47 30.72
C LEU G 283 -10.02 -22.21 29.38
N ARG G 284 -9.65 -21.43 28.35
CA ARG G 284 -9.46 -21.89 26.98
C ARG G 284 -8.19 -22.71 26.80
N GLY G 285 -8.33 -23.78 26.04
CA GLY G 285 -7.25 -24.72 25.77
C GLY G 285 -7.27 -25.83 26.80
N THR G 286 -8.49 -26.24 27.18
CA THR G 286 -8.77 -27.28 28.20
C THR G 286 -7.87 -27.20 29.45
N LYS G 287 -6.78 -28.00 29.46
CA LYS G 287 -5.79 -28.13 30.55
C LYS G 287 -6.33 -28.61 31.91
N ALA G 288 -5.44 -28.90 32.87
CA ALA G 288 -5.86 -29.38 34.21
C ALA G 288 -6.37 -28.27 35.16
N LEU G 289 -7.27 -28.65 36.08
CA LEU G 289 -7.85 -27.73 37.08
C LEU G 289 -6.81 -27.39 38.17
N THR G 290 -5.83 -28.27 38.30
CA THR G 290 -4.73 -28.16 39.27
C THR G 290 -3.55 -27.33 38.74
N GLU G 291 -3.40 -27.30 37.41
CA GLU G 291 -2.31 -26.58 36.71
C GLU G 291 -2.38 -25.03 36.81
N VAL G 292 -1.23 -24.42 37.12
CA VAL G 292 -1.08 -22.96 37.25
C VAL G 292 -1.02 -22.24 35.89
N ILE G 293 -1.80 -21.16 35.79
CA ILE G 293 -1.87 -20.35 34.58
C ILE G 293 -1.55 -18.87 34.88
N PRO G 294 -0.69 -18.25 34.05
CA PRO G 294 -0.36 -16.83 34.28
C PRO G 294 -1.47 -15.85 33.84
N LEU G 295 -1.75 -14.88 34.70
CA LEU G 295 -2.77 -13.85 34.47
C LEU G 295 -2.29 -12.81 33.47
N THR G 296 -2.81 -12.87 32.24
CA THR G 296 -2.41 -11.93 31.17
C THR G 296 -2.82 -10.47 31.44
N GLU G 297 -2.15 -9.55 30.75
CA GLU G 297 -2.37 -8.09 30.92
C GLU G 297 -3.78 -7.54 30.84
N GLU G 298 -4.53 -7.94 29.81
CA GLU G 298 -5.90 -7.46 29.61
C GLU G 298 -6.84 -8.06 30.68
N ALA G 299 -6.42 -9.19 31.28
CA ALA G 299 -7.17 -9.89 32.33
C ALA G 299 -6.89 -9.30 33.74
N GLU G 300 -5.71 -8.72 33.89
CA GLU G 300 -5.25 -8.09 35.14
C GLU G 300 -5.99 -6.76 35.37
N LEU G 301 -6.31 -6.10 34.25
CA LEU G 301 -7.01 -4.82 34.16
C LEU G 301 -8.48 -5.04 34.57
N GLU G 302 -9.07 -6.09 34.00
CA GLU G 302 -10.45 -6.49 34.22
C GLU G 302 -10.75 -6.91 35.67
N LEU G 303 -9.84 -7.68 36.28
CA LEU G 303 -9.98 -8.14 37.68
C LEU G 303 -9.90 -6.94 38.64
N ALA G 304 -9.07 -5.97 38.25
CA ALA G 304 -8.87 -4.74 39.02
C ALA G 304 -10.10 -3.83 38.86
N GLU G 305 -10.67 -3.82 37.66
CA GLU G 305 -11.87 -3.03 37.32
C GLU G 305 -13.12 -3.60 38.02
N ASN G 306 -13.12 -4.92 38.20
CA ASN G 306 -14.21 -5.65 38.86
C ASN G 306 -14.10 -5.55 40.37
N ARG G 307 -12.86 -5.43 40.86
CA ARG G 307 -12.58 -5.30 42.30
C ARG G 307 -13.12 -3.96 42.77
N GLU G 308 -13.08 -2.98 41.84
CA GLU G 308 -13.55 -1.61 42.06
C GLU G 308 -15.07 -1.48 42.13
N ILE G 309 -15.80 -2.32 41.38
CA ILE G 309 -17.27 -2.28 41.40
C ILE G 309 -17.77 -2.92 42.72
N LEU G 310 -17.04 -3.94 43.17
CA LEU G 310 -17.35 -4.72 44.40
C LEU G 310 -17.22 -4.13 45.81
N LYS G 311 -16.37 -3.12 46.02
CA LYS G 311 -16.24 -2.55 47.36
C LYS G 311 -17.17 -1.36 47.58
N GLU G 312 -18.40 -1.51 47.08
CA GLU G 312 -19.42 -0.48 47.19
C GLU G 312 -20.79 -1.10 47.39
N PRO G 313 -21.55 -0.62 48.42
CA PRO G 313 -22.88 -1.20 48.62
C PRO G 313 -23.90 -0.73 47.58
N VAL G 314 -24.58 -1.68 46.96
CA VAL G 314 -25.63 -1.38 45.99
C VAL G 314 -26.86 -2.18 46.34
N HIS G 315 -28.01 -1.54 46.18
CA HIS G 315 -29.28 -2.15 46.49
C HIS G 315 -30.22 -2.19 45.29
N GLY G 316 -31.21 -3.08 45.37
CA GLY G 316 -32.19 -3.22 44.31
C GLY G 316 -33.56 -3.07 44.94
N VAL G 317 -34.49 -2.38 44.26
CA VAL G 317 -35.84 -2.18 44.81
C VAL G 317 -36.73 -3.43 44.54
N TYR G 318 -37.88 -3.57 45.20
CA TYR G 318 -38.77 -4.72 44.97
C TYR G 318 -39.66 -4.42 43.73
N TYR G 319 -40.61 -5.31 43.44
CA TYR G 319 -41.50 -5.14 42.28
C TYR G 319 -42.85 -4.50 42.63
N ASP G 320 -43.30 -3.60 41.75
CA ASP G 320 -44.56 -2.86 41.90
C ASP G 320 -45.46 -3.06 40.65
N PRO G 321 -46.49 -3.93 40.74
CA PRO G 321 -47.40 -4.16 39.60
C PRO G 321 -48.23 -2.99 39.00
N SER G 322 -48.16 -1.80 39.58
CA SER G 322 -48.88 -0.63 39.07
C SER G 322 -48.00 0.36 38.28
N LYS G 323 -46.68 0.18 38.40
CA LYS G 323 -45.67 0.96 37.65
C LYS G 323 -45.13 -0.06 36.65
N ASP G 324 -44.72 0.39 35.47
CA ASP G 324 -44.18 -0.50 34.44
C ASP G 324 -42.67 -0.75 34.50
N LEU G 325 -42.25 -1.75 33.72
CA LEU G 325 -40.87 -2.25 33.67
C LEU G 325 -39.98 -1.75 32.51
N ILE G 326 -38.83 -1.16 32.85
CA ILE G 326 -37.86 -0.64 31.86
C ILE G 326 -36.53 -1.41 31.94
N ALA G 327 -35.93 -1.69 30.78
CA ALA G 327 -34.64 -2.37 30.64
C ALA G 327 -33.76 -1.53 29.73
N GLU G 328 -32.49 -1.36 30.11
CA GLU G 328 -31.54 -0.55 29.35
C GLU G 328 -30.28 -1.33 29.08
N ILE G 329 -29.74 -1.21 27.85
CA ILE G 329 -28.51 -1.90 27.42
C ILE G 329 -27.35 -0.95 27.04
N GLN G 330 -26.13 -1.37 27.38
CA GLN G 330 -24.88 -0.63 27.09
C GLN G 330 -23.90 -1.57 26.40
N LYS G 331 -23.01 -1.01 25.60
CA LYS G 331 -21.99 -1.82 24.95
C LYS G 331 -20.74 -1.70 25.84
N GLN G 332 -20.14 -2.84 26.18
CA GLN G 332 -18.92 -2.84 27.01
C GLN G 332 -17.70 -2.82 26.10
N GLY G 333 -17.22 -4.01 25.76
CA GLY G 333 -16.08 -4.15 24.86
C GLY G 333 -16.65 -4.83 23.64
N GLN G 334 -15.83 -5.62 22.94
CA GLN G 334 -16.31 -6.35 21.78
C GLN G 334 -17.02 -7.62 22.26
N GLY G 335 -18.24 -7.81 21.75
CA GLY G 335 -19.07 -8.97 22.08
C GLY G 335 -19.65 -9.00 23.49
N GLN G 336 -19.44 -7.91 24.22
CA GLN G 336 -19.89 -7.74 25.59
C GLN G 336 -20.91 -6.64 25.78
N TRP G 337 -21.98 -7.00 26.49
CA TRP G 337 -23.10 -6.11 26.77
C TRP G 337 -23.54 -6.14 28.22
N THR G 338 -24.01 -4.99 28.73
CA THR G 338 -24.56 -4.89 30.09
C THR G 338 -25.92 -4.25 30.06
N TYR G 339 -26.82 -4.84 30.84
CA TYR G 339 -28.16 -4.30 30.92
C TYR G 339 -28.57 -4.14 32.36
N GLN G 340 -29.62 -3.37 32.56
CA GLN G 340 -30.19 -3.17 33.87
C GLN G 340 -31.68 -2.92 33.78
N ILE G 341 -32.42 -3.66 34.59
CA ILE G 341 -33.86 -3.55 34.65
C ILE G 341 -34.26 -2.71 35.85
N TYR G 342 -34.94 -1.61 35.57
CA TYR G 342 -35.40 -0.67 36.58
C TYR G 342 -36.82 -0.21 36.31
N GLN G 343 -37.37 0.54 37.27
CA GLN G 343 -38.71 1.12 37.16
C GLN G 343 -38.57 2.62 37.39
N GLU G 344 -37.52 3.02 38.12
CA GLU G 344 -37.23 4.43 38.44
C GLU G 344 -35.71 4.72 38.33
N PRO G 345 -35.29 5.83 37.64
CA PRO G 345 -33.91 6.28 37.42
C PRO G 345 -32.65 5.65 38.06
N PHE G 346 -32.36 5.87 39.35
CA PHE G 346 -31.16 5.25 40.02
C PHE G 346 -31.58 3.97 40.81
N LYS G 347 -32.89 3.70 40.87
CA LYS G 347 -33.41 2.51 41.57
C LYS G 347 -33.63 1.29 40.67
N ASN G 348 -32.58 0.47 40.64
CA ASN G 348 -32.50 -0.77 39.87
C ASN G 348 -33.20 -1.90 40.56
N LEU G 349 -33.57 -2.89 39.77
CA LEU G 349 -34.22 -4.09 40.27
C LEU G 349 -33.18 -5.18 40.14
N LYS G 350 -32.68 -5.31 38.92
CA LYS G 350 -31.70 -6.31 38.55
C LYS G 350 -30.82 -5.72 37.45
N THR G 351 -29.55 -6.14 37.42
CA THR G 351 -28.62 -5.74 36.37
C THR G 351 -28.17 -7.04 35.71
N GLY G 352 -27.51 -6.92 34.55
CA GLY G 352 -27.07 -8.10 33.85
C GLY G 352 -25.94 -7.94 32.86
N LYS G 353 -25.58 -9.06 32.26
CA LYS G 353 -24.45 -9.16 31.35
C LYS G 353 -24.68 -10.19 30.22
N TYR G 354 -24.40 -9.79 28.97
CA TYR G 354 -24.53 -10.71 27.84
C TYR G 354 -23.19 -10.73 27.10
N ALA G 355 -22.51 -11.88 27.17
CA ALA G 355 -21.19 -12.03 26.56
C ALA G 355 -20.94 -13.21 25.60
N ARG G 356 -21.99 -13.93 25.25
CA ARG G 356 -21.94 -15.09 24.34
C ARG G 356 -21.52 -14.69 22.90
N MET G 357 -20.58 -15.44 22.34
CA MET G 357 -20.15 -15.20 20.96
C MET G 357 -20.69 -16.37 20.13
N ARG G 358 -21.92 -16.15 19.64
CA ARG G 358 -22.65 -17.09 18.81
C ARG G 358 -22.39 -16.75 17.34
N GLY G 359 -21.67 -17.65 16.68
CA GLY G 359 -21.30 -17.48 15.28
C GLY G 359 -19.83 -17.14 15.17
N ALA G 360 -19.27 -17.28 13.97
CA ALA G 360 -17.87 -16.96 13.74
C ALA G 360 -17.78 -15.51 13.30
N HIS G 361 -18.80 -15.07 12.54
CA HIS G 361 -18.88 -13.72 11.99
C HIS G 361 -20.21 -12.96 12.30
N THR G 362 -20.25 -12.17 13.37
CA THR G 362 -21.48 -11.40 13.73
C THR G 362 -21.25 -9.91 13.67
N ASN G 363 -22.26 -9.18 14.14
CA ASN G 363 -22.20 -7.74 14.24
C ASN G 363 -22.89 -7.30 15.53
N ASP G 364 -22.77 -6.00 15.80
CA ASP G 364 -23.33 -5.36 16.99
C ASP G 364 -24.84 -5.46 17.10
N VAL G 365 -25.52 -5.17 15.98
CA VAL G 365 -26.98 -5.22 15.87
C VAL G 365 -27.46 -6.62 16.21
N LYS G 366 -26.91 -7.61 15.51
CA LYS G 366 -27.23 -9.03 15.70
C LYS G 366 -27.04 -9.38 17.17
N GLN G 367 -25.97 -8.85 17.75
CA GLN G 367 -25.67 -9.09 19.15
C GLN G 367 -26.56 -8.37 20.15
N LEU G 368 -26.99 -7.16 19.77
CA LEU G 368 -27.87 -6.31 20.59
C LEU G 368 -29.19 -7.05 20.66
N THR G 369 -29.58 -7.59 19.51
CA THR G 369 -30.83 -8.33 19.33
C THR G 369 -30.89 -9.57 20.22
N GLU G 370 -29.83 -10.38 20.26
CA GLU G 370 -29.86 -11.58 21.12
C GLU G 370 -29.72 -11.25 22.61
N ALA G 371 -29.28 -10.02 22.87
CA ALA G 371 -29.15 -9.50 24.23
C ALA G 371 -30.57 -9.17 24.67
N VAL G 372 -31.31 -8.45 23.81
CA VAL G 372 -32.71 -8.03 24.04
C VAL G 372 -33.54 -9.26 24.35
N GLN G 373 -33.25 -10.34 23.64
CA GLN G 373 -33.95 -11.59 23.82
C GLN G 373 -33.65 -12.26 25.14
N LYS G 374 -32.38 -12.25 25.53
CA LYS G 374 -31.95 -12.89 26.79
C LYS G 374 -32.68 -12.28 28.00
N ILE G 375 -32.95 -10.97 27.91
CA ILE G 375 -33.66 -10.16 28.91
C ILE G 375 -35.13 -10.52 28.92
N THR G 376 -35.77 -10.33 27.76
CA THR G 376 -37.20 -10.62 27.54
C THR G 376 -37.58 -11.97 28.11
N THR G 377 -36.73 -12.96 27.84
CA THR G 377 -36.88 -14.33 28.32
C THR G 377 -36.83 -14.41 29.84
N GLU G 378 -35.79 -13.83 30.44
CA GLU G 378 -35.70 -13.90 31.89
C GLU G 378 -36.57 -12.92 32.65
N SER G 379 -37.16 -11.96 31.93
CA SER G 379 -38.07 -10.97 32.52
C SER G 379 -39.41 -11.60 32.70
N ILE G 380 -39.78 -12.44 31.73
CA ILE G 380 -41.05 -13.18 31.77
C ILE G 380 -40.98 -14.19 32.93
N VAL G 381 -39.77 -14.67 33.24
CA VAL G 381 -39.56 -15.61 34.33
C VAL G 381 -39.70 -14.91 35.67
N ILE G 382 -39.17 -13.68 35.81
CA ILE G 382 -39.25 -12.98 37.09
C ILE G 382 -40.56 -12.20 37.34
N TRP G 383 -40.94 -11.38 36.37
CA TRP G 383 -42.13 -10.55 36.51
C TRP G 383 -43.31 -10.93 35.63
N GLY G 384 -43.15 -11.99 34.83
CA GLY G 384 -44.23 -12.44 33.97
C GLY G 384 -44.59 -11.52 32.83
N LYS G 385 -43.69 -10.60 32.49
CA LYS G 385 -43.90 -9.66 31.40
C LYS G 385 -42.61 -9.23 30.72
N THR G 386 -42.77 -8.58 29.57
CA THR G 386 -41.65 -8.08 28.77
C THR G 386 -41.46 -6.59 29.06
N PRO G 387 -40.19 -6.12 29.18
CA PRO G 387 -40.06 -4.68 29.43
C PRO G 387 -39.98 -3.79 28.19
N LYS G 388 -39.96 -2.48 28.48
CA LYS G 388 -39.81 -1.42 27.48
C LYS G 388 -38.30 -1.23 27.52
N PHE G 389 -37.70 -1.18 26.34
CA PHE G 389 -36.26 -1.05 26.21
C PHE G 389 -35.74 0.34 25.84
N LYS G 390 -34.55 0.67 26.35
CA LYS G 390 -33.85 1.92 26.08
C LYS G 390 -32.60 1.31 25.45
N LEU G 391 -32.51 1.41 24.12
CA LEU G 391 -31.39 0.82 23.36
C LEU G 391 -30.42 1.79 22.68
N PRO G 392 -29.11 1.46 22.62
CA PRO G 392 -28.14 2.35 21.98
C PRO G 392 -28.12 2.31 20.45
N ILE G 393 -29.29 2.24 19.82
CA ILE G 393 -29.36 2.17 18.35
C ILE G 393 -30.38 3.17 17.81
N GLN G 394 -30.10 3.75 16.64
CA GLN G 394 -31.01 4.71 16.02
C GLN G 394 -32.21 3.99 15.40
N LYS G 395 -33.35 4.68 15.37
CA LYS G 395 -34.56 4.12 14.78
C LYS G 395 -34.33 3.86 13.29
N GLU G 396 -33.47 4.69 12.69
CA GLU G 396 -33.14 4.57 11.28
C GLU G 396 -32.09 3.50 10.97
N THR G 397 -31.22 3.18 11.94
CA THR G 397 -30.17 2.14 11.79
C THR G 397 -30.91 0.82 11.81
N TRP G 398 -31.79 0.69 12.80
CA TRP G 398 -32.59 -0.51 12.96
C TRP G 398 -33.49 -0.71 11.75
N GLU G 399 -34.12 0.37 11.27
CA GLU G 399 -35.01 0.27 10.11
C GLU G 399 -34.29 -0.23 8.86
N THR G 400 -33.06 0.25 8.64
CA THR G 400 -32.25 -0.16 7.48
C THR G 400 -31.85 -1.61 7.65
N TRP G 401 -31.70 -2.04 8.89
CA TRP G 401 -31.33 -3.41 9.14
C TRP G 401 -32.45 -4.40 8.85
N TRP G 402 -33.55 -4.33 9.61
CA TRP G 402 -34.64 -5.28 9.43
C TRP G 402 -35.31 -5.34 8.07
N THR G 403 -35.50 -4.19 7.43
CA THR G 403 -36.13 -4.17 6.10
C THR G 403 -35.23 -4.80 5.04
N GLU G 404 -33.92 -4.73 5.27
CA GLU G 404 -32.93 -5.28 4.35
C GLU G 404 -32.42 -6.70 4.63
N TYR G 405 -32.60 -7.19 5.87
CA TYR G 405 -32.12 -8.52 6.26
C TYR G 405 -33.04 -9.65 5.76
N TRP G 406 -32.46 -10.85 5.54
CA TRP G 406 -33.25 -12.00 5.06
C TRP G 406 -33.93 -12.83 6.13
N GLN G 407 -33.43 -12.76 7.36
CA GLN G 407 -34.08 -13.49 8.44
C GLN G 407 -35.13 -12.55 8.97
N ALA G 408 -36.10 -13.13 9.67
CA ALA G 408 -37.16 -12.39 10.29
C ALA G 408 -36.60 -11.88 11.60
N THR G 409 -36.79 -10.59 11.85
CA THR G 409 -36.30 -9.99 13.08
C THR G 409 -37.21 -8.94 13.70
N TRP G 410 -37.17 -8.91 15.02
CA TRP G 410 -37.97 -7.99 15.81
C TRP G 410 -37.48 -7.81 17.24
N ILE G 411 -37.59 -6.56 17.67
CA ILE G 411 -37.25 -6.10 19.02
C ILE G 411 -38.57 -5.45 19.51
N PRO G 412 -39.00 -5.72 20.78
CA PRO G 412 -40.24 -5.17 21.36
C PRO G 412 -40.37 -3.62 21.36
N GLU G 413 -41.16 -3.05 22.26
CA GLU G 413 -41.31 -1.59 22.33
C GLU G 413 -39.99 -1.07 22.91
N TRP G 414 -39.35 -0.17 22.16
CA TRP G 414 -38.07 0.41 22.56
C TRP G 414 -37.91 1.88 22.16
N GLU G 415 -36.98 2.57 22.84
CA GLU G 415 -36.70 3.98 22.62
C GLU G 415 -35.20 4.16 22.48
N PHE G 416 -34.80 5.12 21.65
CA PHE G 416 -33.38 5.42 21.40
C PHE G 416 -32.78 6.27 22.53
N VAL G 417 -31.72 5.73 23.16
CA VAL G 417 -30.99 6.43 24.24
C VAL G 417 -29.61 6.85 23.67
N ASN G 418 -29.28 8.15 23.72
CA ASN G 418 -28.01 8.68 23.19
C ASN G 418 -26.79 8.59 24.11
N THR G 419 -26.48 7.35 24.49
CA THR G 419 -25.37 7.07 25.38
C THR G 419 -24.26 6.28 24.63
N PRO G 420 -23.15 6.98 24.21
CA PRO G 420 -22.04 6.29 23.51
C PRO G 420 -21.41 5.14 24.36
N PRO G 421 -20.77 4.13 23.72
CA PRO G 421 -20.61 3.75 22.30
C PRO G 421 -21.85 3.18 21.59
N LEU G 422 -22.36 3.92 20.62
CA LEU G 422 -23.56 3.57 19.84
C LEU G 422 -23.41 2.37 18.91
N VAL G 423 -24.53 1.68 18.69
CA VAL G 423 -24.60 0.50 17.82
C VAL G 423 -25.02 0.96 16.41
N LYS G 424 -24.12 0.78 15.45
CA LYS G 424 -24.39 1.15 14.06
C LYS G 424 -23.82 0.18 13.03
N LEU G 425 -24.33 0.31 11.80
CA LEU G 425 -23.92 -0.48 10.65
C LEU G 425 -22.70 0.21 10.06
N TRP G 426 -21.55 -0.44 10.23
CA TRP G 426 -20.29 0.11 9.75
C TRP G 426 -20.14 0.22 8.24
N TYR G 427 -21.06 -0.43 7.53
CA TYR G 427 -21.13 -0.40 6.06
C TYR G 427 -22.45 -0.94 5.54
N GLN G 428 -22.71 -0.66 4.27
CA GLN G 428 -23.93 -1.06 3.60
C GLN G 428 -23.64 -1.18 2.10
N LEU G 429 -23.63 -2.44 1.61
CA LEU G 429 -23.38 -2.80 0.21
C LEU G 429 -24.48 -2.25 -0.68
N GLU G 430 -24.15 -1.90 -1.94
CA GLU G 430 -25.14 -1.31 -2.84
C GLU G 430 -26.18 -2.25 -3.43
N LYS G 431 -27.34 -1.67 -3.71
CA LYS G 431 -28.47 -2.37 -4.30
C LYS G 431 -28.19 -2.50 -5.80
N GLU G 432 -27.68 -1.42 -6.39
CA GLU G 432 -27.37 -1.39 -7.82
C GLU G 432 -25.87 -1.14 -8.06
N PRO G 433 -25.29 -1.70 -9.16
CA PRO G 433 -23.86 -1.50 -9.47
C PRO G 433 -23.45 -0.04 -9.73
N ILE G 434 -22.35 0.38 -9.13
CA ILE G 434 -21.85 1.77 -9.25
C ILE G 434 -21.39 2.09 -10.68
N VAL G 435 -21.95 3.15 -11.28
CA VAL G 435 -21.53 3.56 -12.63
C VAL G 435 -20.29 4.43 -12.44
N GLY G 436 -19.23 4.14 -13.20
CA GLY G 436 -17.98 4.90 -13.11
C GLY G 436 -16.98 4.39 -12.09
N ALA G 437 -17.11 3.10 -11.78
CA ALA G 437 -16.23 2.40 -10.85
C ALA G 437 -15.70 1.18 -11.56
N GLU G 438 -14.51 0.76 -11.17
CA GLU G 438 -13.86 -0.38 -11.76
C GLU G 438 -14.46 -1.71 -11.31
N THR G 439 -14.69 -2.60 -12.27
CA THR G 439 -15.27 -3.92 -12.01
C THR G 439 -14.19 -4.96 -11.80
N PHE G 440 -14.15 -5.53 -10.60
CA PHE G 440 -13.18 -6.53 -10.17
C PHE G 440 -13.75 -7.95 -10.11
N TYR G 441 -13.39 -8.80 -11.05
CA TYR G 441 -13.83 -10.20 -11.01
C TYR G 441 -12.79 -10.97 -10.22
N VAL G 442 -13.20 -11.64 -9.14
CA VAL G 442 -12.24 -12.37 -8.32
C VAL G 442 -12.57 -13.88 -8.15
N ASP G 443 -11.54 -14.71 -8.04
CA ASP G 443 -11.66 -16.18 -7.79
C ASP G 443 -10.34 -16.47 -7.07
N GLY G 444 -10.18 -17.69 -6.58
CA GLY G 444 -8.95 -18.08 -5.92
C GLY G 444 -9.05 -19.53 -5.56
N ALA G 445 -8.16 -20.36 -6.09
CA ALA G 445 -8.21 -21.79 -5.80
C ALA G 445 -7.09 -22.26 -4.88
N ALA G 446 -7.18 -23.54 -4.50
CA ALA G 446 -6.20 -24.20 -3.63
C ALA G 446 -6.21 -25.73 -3.83
N ASN G 447 -5.03 -26.35 -3.77
CA ASN G 447 -4.92 -27.80 -3.90
C ASN G 447 -5.01 -28.40 -2.49
N ARG G 448 -6.03 -29.23 -2.29
CA ARG G 448 -6.29 -29.86 -1.00
C ARG G 448 -5.28 -30.92 -0.57
N GLU G 449 -4.41 -31.32 -1.50
CA GLU G 449 -3.37 -32.31 -1.23
C GLU G 449 -2.01 -31.74 -0.89
N THR G 450 -1.69 -30.55 -1.42
CA THR G 450 -0.41 -29.90 -1.14
C THR G 450 -0.55 -28.70 -0.20
N LYS G 451 -1.80 -28.31 0.08
CA LYS G 451 -2.17 -27.17 0.93
C LYS G 451 -1.75 -25.78 0.39
N LEU G 452 -1.34 -25.73 -0.88
CA LEU G 452 -0.93 -24.47 -1.54
C LEU G 452 -2.08 -23.87 -2.35
N GLY G 453 -1.94 -22.60 -2.73
CA GLY G 453 -2.99 -21.97 -3.51
C GLY G 453 -2.68 -20.61 -4.09
N LYS G 454 -3.57 -20.18 -4.99
CA LYS G 454 -3.46 -18.90 -5.66
C LYS G 454 -4.76 -18.13 -5.48
N ALA G 455 -4.67 -16.80 -5.49
CA ALA G 455 -5.84 -15.92 -5.35
C ALA G 455 -5.60 -14.64 -6.11
N GLY G 456 -6.63 -14.20 -6.83
CA GLY G 456 -6.49 -12.98 -7.59
C GLY G 456 -7.70 -12.36 -8.24
N TYR G 457 -7.43 -11.34 -9.05
CA TYR G 457 -8.47 -10.62 -9.77
C TYR G 457 -8.05 -10.25 -11.17
N VAL G 458 -9.03 -9.72 -11.87
CA VAL G 458 -8.87 -9.20 -13.23
C VAL G 458 -9.97 -8.13 -13.27
N THR G 459 -9.70 -7.00 -13.91
CA THR G 459 -10.69 -5.92 -14.01
C THR G 459 -11.04 -5.59 -15.45
N ASN G 460 -12.03 -4.69 -15.62
CA ASN G 460 -12.48 -4.27 -16.94
C ASN G 460 -11.44 -3.39 -17.62
N LYS G 461 -10.70 -2.63 -16.83
CA LYS G 461 -9.69 -1.74 -17.37
C LYS G 461 -8.43 -2.42 -17.84
N GLY G 462 -8.17 -3.62 -17.33
CA GLY G 462 -6.99 -4.37 -17.73
C GLY G 462 -6.11 -4.77 -16.57
N ARG G 463 -6.37 -4.20 -15.39
CA ARG G 463 -5.63 -4.45 -14.14
C ARG G 463 -5.71 -5.93 -13.76
N GLN G 464 -4.61 -6.47 -13.23
CA GLN G 464 -4.56 -7.89 -12.88
C GLN G 464 -3.62 -8.12 -11.72
N LYS G 465 -3.84 -9.22 -10.98
CA LYS G 465 -2.98 -9.59 -9.85
C LYS G 465 -3.27 -10.96 -9.25
N VAL G 466 -2.26 -11.83 -9.19
CA VAL G 466 -2.44 -13.12 -8.52
C VAL G 466 -1.32 -13.19 -7.48
N VAL G 467 -1.58 -13.89 -6.37
CA VAL G 467 -0.58 -14.03 -5.30
C VAL G 467 -0.53 -15.51 -4.96
N PRO G 468 0.62 -15.97 -4.49
CA PRO G 468 0.75 -17.37 -4.07
C PRO G 468 0.46 -17.41 -2.58
N LEU G 469 -0.19 -18.50 -2.15
CA LEU G 469 -0.59 -18.72 -0.75
C LEU G 469 -0.04 -20.04 -0.14
N THR G 470 0.42 -19.94 1.11
CA THR G 470 1.06 -21.05 1.85
C THR G 470 0.25 -22.27 2.31
N ASP G 471 -0.41 -22.16 3.47
CA ASP G 471 -1.19 -23.25 4.05
C ASP G 471 -2.68 -22.97 4.04
N THR G 472 -3.17 -22.67 2.84
CA THR G 472 -4.55 -22.32 2.63
C THR G 472 -5.55 -23.45 2.35
N THR G 473 -6.82 -23.04 2.28
CA THR G 473 -7.97 -23.88 2.00
C THR G 473 -8.68 -23.20 0.82
N ASN G 474 -9.58 -23.93 0.18
CA ASN G 474 -10.31 -23.40 -0.97
C ASN G 474 -11.20 -22.22 -0.65
N GLN G 475 -11.69 -22.21 0.58
CA GLN G 475 -12.58 -21.17 1.05
C GLN G 475 -11.81 -19.91 1.40
N LYS G 476 -10.65 -20.09 2.03
CA LYS G 476 -9.79 -18.98 2.45
C LYS G 476 -9.25 -18.20 1.26
N THR G 477 -8.93 -18.91 0.18
CA THR G 477 -8.40 -18.33 -1.05
C THR G 477 -9.41 -17.41 -1.73
N GLN G 478 -10.68 -17.82 -1.69
CA GLN G 478 -11.78 -17.05 -2.27
C GLN G 478 -12.02 -15.83 -1.37
N LEU G 479 -11.64 -15.94 -0.10
CA LEU G 479 -11.78 -14.83 0.85
C LEU G 479 -10.63 -13.86 0.68
N GLN G 480 -9.47 -14.42 0.35
CA GLN G 480 -8.24 -13.67 0.12
C GLN G 480 -8.38 -12.75 -1.09
N ALA G 481 -9.01 -13.29 -2.14
CA ALA G 481 -9.25 -12.56 -3.38
C ALA G 481 -10.23 -11.38 -3.29
N ILE G 482 -11.05 -11.35 -2.23
CA ILE G 482 -11.98 -10.24 -1.99
C ILE G 482 -11.14 -9.16 -1.33
N TYR G 483 -10.25 -9.62 -0.44
CA TYR G 483 -9.36 -8.76 0.29
C TYR G 483 -8.44 -7.99 -0.66
N LEU G 484 -7.92 -8.70 -1.66
CA LEU G 484 -7.04 -8.11 -2.67
C LEU G 484 -7.78 -7.07 -3.48
N ALA G 485 -8.96 -7.45 -3.96
CA ALA G 485 -9.81 -6.59 -4.77
C ALA G 485 -10.13 -5.29 -4.05
N LEU G 486 -10.17 -5.37 -2.72
CA LEU G 486 -10.47 -4.22 -1.89
C LEU G 486 -9.26 -3.33 -1.63
N GLN G 487 -8.06 -3.93 -1.56
CA GLN G 487 -6.84 -3.17 -1.31
C GLN G 487 -6.44 -2.31 -2.50
N ASP G 488 -6.36 -2.95 -3.66
CA ASP G 488 -5.95 -2.35 -4.93
C ASP G 488 -7.05 -1.56 -5.66
N SER G 489 -8.05 -1.08 -4.92
CA SER G 489 -9.15 -0.34 -5.52
C SER G 489 -9.33 1.06 -4.99
N GLY G 490 -10.28 1.78 -5.61
CA GLY G 490 -10.60 3.14 -5.22
C GLY G 490 -11.56 3.19 -4.06
N LEU G 491 -12.22 4.34 -3.88
CA LEU G 491 -13.20 4.52 -2.81
C LEU G 491 -14.50 3.81 -3.19
N GLU G 492 -14.69 3.67 -4.52
CA GLU G 492 -15.87 3.04 -5.12
C GLU G 492 -15.46 1.82 -5.99
N VAL G 493 -15.87 0.62 -5.57
CA VAL G 493 -15.58 -0.68 -6.23
C VAL G 493 -16.80 -1.52 -6.57
N ASN G 494 -16.61 -2.43 -7.53
CA ASN G 494 -17.63 -3.39 -7.95
C ASN G 494 -16.91 -4.73 -7.96
N ILE G 495 -17.18 -5.62 -7.01
CA ILE G 495 -16.52 -6.92 -6.95
C ILE G 495 -17.46 -8.08 -7.31
N VAL G 496 -17.09 -8.90 -8.29
CA VAL G 496 -17.93 -10.03 -8.69
C VAL G 496 -17.28 -11.42 -8.52
N THR G 497 -17.84 -12.15 -7.55
CA THR G 497 -17.38 -13.47 -7.14
C THR G 497 -18.27 -14.69 -7.51
N ASP G 498 -17.70 -15.89 -7.47
CA ASP G 498 -18.40 -17.16 -7.75
C ASP G 498 -18.54 -18.01 -6.49
N SER G 499 -18.21 -17.40 -5.35
CA SER G 499 -18.28 -18.05 -4.05
C SER G 499 -19.52 -17.69 -3.27
N GLN G 500 -20.27 -18.71 -2.88
CA GLN G 500 -21.47 -18.52 -2.08
C GLN G 500 -21.01 -18.19 -0.67
N TYR G 501 -20.15 -19.07 -0.15
CA TYR G 501 -19.56 -19.00 1.20
C TYR G 501 -19.14 -17.59 1.64
N ALA G 502 -18.21 -17.03 0.88
CA ALA G 502 -17.59 -15.72 1.09
C ALA G 502 -18.58 -14.58 1.07
N LEU G 503 -19.34 -14.50 -0.02
CA LEU G 503 -20.37 -13.49 -0.24
C LEU G 503 -21.36 -13.53 0.92
N GLY G 504 -21.69 -14.76 1.31
CA GLY G 504 -22.60 -15.03 2.40
C GLY G 504 -22.14 -14.39 3.70
N ILE G 505 -20.84 -14.46 3.97
CA ILE G 505 -20.28 -13.87 5.19
C ILE G 505 -20.45 -12.35 5.15
N ILE G 506 -19.98 -11.74 4.07
CA ILE G 506 -20.04 -10.28 3.89
C ILE G 506 -21.45 -9.66 3.82
N GLN G 507 -22.43 -10.41 3.31
CA GLN G 507 -23.80 -9.89 3.17
C GLN G 507 -24.48 -9.67 4.51
N ALA G 508 -24.01 -10.46 5.48
CA ALA G 508 -24.48 -10.44 6.86
C ALA G 508 -23.83 -9.30 7.63
N GLN G 509 -23.15 -8.41 6.89
CA GLN G 509 -22.47 -7.23 7.41
C GLN G 509 -21.76 -7.45 8.75
N PRO G 510 -20.73 -8.32 8.76
CA PRO G 510 -20.06 -8.54 10.04
C PRO G 510 -19.15 -7.40 10.47
N ASP G 511 -19.03 -7.19 11.79
CA ASP G 511 -18.15 -6.17 12.30
C ASP G 511 -17.08 -6.70 13.23
N GLU G 512 -17.07 -8.01 13.38
CA GLU G 512 -16.09 -8.71 14.21
C GLU G 512 -16.10 -10.12 13.70
N SER G 513 -15.02 -10.86 13.97
CA SER G 513 -14.89 -12.21 13.49
C SER G 513 -13.78 -12.97 14.20
N GLU G 514 -13.89 -14.30 14.19
CA GLU G 514 -12.90 -15.17 14.80
C GLU G 514 -11.68 -15.34 13.87
N SER G 515 -11.91 -15.09 12.58
CA SER G 515 -10.88 -15.19 11.54
C SER G 515 -10.30 -13.81 11.22
N GLU G 516 -8.97 -13.71 11.34
CA GLU G 516 -8.21 -12.49 11.10
C GLU G 516 -8.33 -11.98 9.66
N LEU G 517 -8.46 -12.91 8.72
CA LEU G 517 -8.59 -12.58 7.30
C LEU G 517 -9.88 -11.79 7.11
N VAL G 518 -10.97 -12.34 7.65
CA VAL G 518 -12.29 -11.75 7.56
C VAL G 518 -12.31 -10.40 8.28
N ASN G 519 -11.58 -10.31 9.40
CA ASN G 519 -11.50 -9.08 10.20
C ASN G 519 -10.95 -7.92 9.40
N GLN G 520 -9.94 -8.19 8.59
CA GLN G 520 -9.35 -7.14 7.79
C GLN G 520 -10.11 -6.80 6.52
N ILE G 521 -10.95 -7.73 6.05
CA ILE G 521 -11.77 -7.49 4.87
C ILE G 521 -12.87 -6.51 5.29
N ILE G 522 -13.22 -6.58 6.58
CA ILE G 522 -14.23 -5.72 7.20
C ILE G 522 -13.60 -4.33 7.28
N GLU G 523 -12.40 -4.26 7.86
CA GLU G 523 -11.65 -3.00 8.05
C GLU G 523 -11.57 -2.22 6.75
N GLN G 524 -11.46 -2.97 5.65
CA GLN G 524 -11.37 -2.38 4.33
C GLN G 524 -12.70 -1.83 3.83
N LEU G 525 -13.77 -2.61 4.03
CA LEU G 525 -15.13 -2.24 3.62
C LEU G 525 -15.60 -0.97 4.32
N ILE G 526 -15.14 -0.78 5.57
CA ILE G 526 -15.50 0.40 6.37
C ILE G 526 -14.83 1.63 5.78
N LYS G 527 -13.60 1.44 5.28
CA LYS G 527 -12.78 2.49 4.66
C LYS G 527 -13.32 2.94 3.29
N LYS G 528 -14.19 2.12 2.68
CA LYS G 528 -14.77 2.46 1.38
C LYS G 528 -15.92 3.46 1.45
N GLU G 529 -16.39 3.88 0.28
CA GLU G 529 -17.47 4.86 0.15
C GLU G 529 -18.74 4.19 -0.37
N LYS G 530 -18.56 3.39 -1.44
CA LYS G 530 -19.61 2.62 -2.10
C LYS G 530 -18.99 1.30 -2.59
N VAL G 531 -19.56 0.15 -2.19
CA VAL G 531 -19.09 -1.18 -2.63
C VAL G 531 -20.31 -1.96 -3.15
N TYR G 532 -20.19 -2.59 -4.31
CA TYR G 532 -21.27 -3.42 -4.82
C TYR G 532 -20.72 -4.82 -5.01
N LEU G 533 -21.27 -5.78 -4.29
CA LEU G 533 -20.81 -7.15 -4.42
C LEU G 533 -21.87 -7.98 -5.14
N ALA G 534 -21.44 -8.86 -6.05
CA ALA G 534 -22.36 -9.71 -6.81
C ALA G 534 -21.86 -11.12 -7.03
N TRP G 535 -22.80 -12.01 -7.37
CA TRP G 535 -22.51 -13.41 -7.59
C TRP G 535 -22.80 -13.96 -8.98
N VAL G 536 -22.00 -14.94 -9.37
CA VAL G 536 -22.10 -15.62 -10.67
C VAL G 536 -21.80 -17.13 -10.56
N PRO G 537 -22.47 -17.96 -11.39
CA PRO G 537 -22.28 -19.42 -11.42
C PRO G 537 -20.93 -19.83 -11.96
N ALA G 538 -20.18 -20.57 -11.13
CA ALA G 538 -18.82 -21.03 -11.43
C ALA G 538 -18.38 -21.47 -12.85
N HIS G 539 -18.52 -22.74 -13.23
CA HIS G 539 -18.04 -23.16 -14.55
C HIS G 539 -18.88 -22.93 -15.79
N LYS G 540 -19.48 -21.75 -15.83
CA LYS G 540 -20.27 -21.34 -16.99
C LYS G 540 -19.30 -20.46 -17.79
N GLY G 541 -19.77 -19.93 -18.91
CA GLY G 541 -18.91 -19.08 -19.72
C GLY G 541 -18.95 -17.58 -19.46
N ILE G 542 -19.06 -17.20 -18.18
CA ILE G 542 -19.12 -15.78 -17.78
C ILE G 542 -17.83 -15.01 -17.96
N GLY G 543 -17.88 -14.08 -18.92
CA GLY G 543 -16.75 -13.21 -19.25
C GLY G 543 -16.37 -12.44 -18.01
N GLY G 544 -15.15 -12.70 -17.57
CA GLY G 544 -14.67 -12.04 -16.39
C GLY G 544 -14.33 -13.05 -15.34
N ASN G 545 -15.28 -13.93 -15.02
CA ASN G 545 -15.06 -14.98 -14.02
C ASN G 545 -14.20 -16.04 -14.67
N GLU G 546 -14.61 -16.45 -15.88
CA GLU G 546 -13.92 -17.51 -16.64
C GLU G 546 -12.41 -17.32 -16.68
N GLN G 547 -12.01 -16.06 -16.76
CA GLN G 547 -10.62 -15.62 -16.86
C GLN G 547 -9.76 -15.69 -15.58
N VAL G 548 -10.35 -15.37 -14.42
CA VAL G 548 -9.62 -15.42 -13.14
C VAL G 548 -9.51 -16.86 -12.65
N ASP G 549 -10.52 -17.67 -13.02
CA ASP G 549 -10.63 -19.09 -12.68
C ASP G 549 -9.44 -19.79 -13.33
N LYS G 550 -9.14 -19.38 -14.58
CA LYS G 550 -8.04 -19.92 -15.40
C LYS G 550 -6.68 -19.53 -14.85
N LEU G 551 -6.58 -18.27 -14.45
CA LEU G 551 -5.35 -17.71 -13.89
C LEU G 551 -4.94 -18.34 -12.60
N VAL G 552 -5.91 -18.49 -11.69
CA VAL G 552 -5.66 -19.06 -10.38
C VAL G 552 -5.60 -20.58 -10.29
N SER G 553 -5.55 -21.24 -11.45
CA SER G 553 -5.43 -22.71 -11.50
C SER G 553 -4.06 -23.19 -12.04
N ALA G 554 -3.44 -24.09 -11.25
CA ALA G 554 -2.15 -24.78 -11.45
C ALA G 554 -1.83 -25.41 -10.09
N SER H 3 -65.93 -39.41 31.12
CA SER H 3 -67.10 -40.10 31.73
C SER H 3 -67.25 -41.60 31.27
N PRO H 4 -67.27 -42.58 32.22
CA PRO H 4 -67.38 -44.05 31.94
C PRO H 4 -68.34 -44.78 30.96
N ILE H 5 -67.71 -45.56 30.07
CA ILE H 5 -68.31 -46.45 29.05
C ILE H 5 -67.21 -47.54 28.81
N GLU H 6 -66.63 -47.59 27.60
CA GLU H 6 -65.57 -48.54 27.19
C GLU H 6 -64.49 -47.72 26.47
N THR H 7 -63.28 -47.64 27.05
CA THR H 7 -62.17 -46.89 26.44
C THR H 7 -61.42 -47.76 25.44
N VAL H 8 -60.72 -47.14 24.50
CA VAL H 8 -59.97 -47.93 23.52
C VAL H 8 -58.51 -48.17 23.91
N PRO H 9 -58.02 -49.44 23.81
CA PRO H 9 -56.61 -49.68 24.15
C PRO H 9 -55.69 -49.03 23.12
N VAL H 10 -54.92 -48.08 23.61
CA VAL H 10 -53.97 -47.30 22.83
C VAL H 10 -52.53 -47.69 23.14
N LYS H 11 -51.83 -48.12 22.10
CA LYS H 11 -50.45 -48.57 22.21
C LYS H 11 -49.45 -47.51 21.80
N LEU H 12 -48.19 -47.80 22.12
CA LEU H 12 -47.05 -46.96 21.77
C LEU H 12 -46.21 -48.03 21.04
N LYS H 13 -45.50 -47.64 19.98
CA LYS H 13 -44.66 -48.56 19.21
C LYS H 13 -43.47 -49.10 20.01
N PRO H 14 -43.37 -50.44 20.24
CA PRO H 14 -42.22 -50.98 21.01
C PRO H 14 -40.85 -50.64 20.39
N GLY H 15 -40.23 -49.59 20.95
CA GLY H 15 -38.93 -49.09 20.52
C GLY H 15 -38.83 -47.59 20.79
N MET H 16 -39.99 -46.97 21.04
CA MET H 16 -40.17 -45.54 21.33
C MET H 16 -40.70 -45.32 22.76
N ASP H 17 -40.17 -44.29 23.42
CA ASP H 17 -40.58 -43.93 24.79
C ASP H 17 -41.45 -42.67 24.72
N GLY H 18 -42.30 -42.49 25.74
CA GLY H 18 -43.19 -41.33 25.80
C GLY H 18 -42.49 -39.97 25.86
N PRO H 19 -43.22 -38.85 25.65
CA PRO H 19 -42.66 -37.49 25.67
C PRO H 19 -42.09 -37.03 27.00
N LYS H 20 -40.93 -36.38 26.95
CA LYS H 20 -40.25 -35.85 28.15
C LYS H 20 -39.73 -34.45 27.81
N VAL H 21 -40.65 -33.52 27.57
CA VAL H 21 -40.30 -32.14 27.20
C VAL H 21 -40.43 -31.11 28.33
N LYS H 22 -39.44 -30.22 28.44
CA LYS H 22 -39.40 -29.17 29.47
C LYS H 22 -40.40 -28.07 29.22
N GLN H 23 -41.08 -27.64 30.27
CA GLN H 23 -42.06 -26.57 30.16
C GLN H 23 -41.34 -25.23 30.09
N TRP H 24 -41.57 -24.54 28.98
CA TRP H 24 -40.97 -23.23 28.75
C TRP H 24 -41.76 -22.16 29.54
N PRO H 25 -41.16 -20.97 29.81
CA PRO H 25 -41.80 -19.89 30.56
C PRO H 25 -43.04 -19.28 29.91
N LEU H 26 -44.00 -18.90 30.75
CA LEU H 26 -45.27 -18.30 30.31
C LEU H 26 -45.50 -16.97 31.01
N THR H 27 -46.22 -16.07 30.32
CA THR H 27 -46.52 -14.74 30.87
C THR H 27 -47.62 -14.85 31.92
N GLU H 28 -47.64 -13.89 32.85
CA GLU H 28 -48.61 -13.83 33.95
C GLU H 28 -50.06 -13.89 33.48
N GLU H 29 -50.35 -13.10 32.44
CA GLU H 29 -51.68 -13.03 31.88
C GLU H 29 -52.18 -14.39 31.40
N LYS H 30 -51.24 -15.26 31.01
CA LYS H 30 -51.64 -16.58 30.56
C LYS H 30 -51.40 -17.73 31.52
N ILE H 31 -50.70 -17.48 32.63
CA ILE H 31 -50.51 -18.53 33.63
C ILE H 31 -51.81 -18.52 34.41
N LYS H 32 -52.32 -17.31 34.68
CA LYS H 32 -53.58 -17.13 35.41
C LYS H 32 -54.71 -17.80 34.67
N ALA H 33 -54.68 -17.66 33.34
CA ALA H 33 -55.66 -18.25 32.44
C ALA H 33 -55.60 -19.78 32.52
N LEU H 34 -54.39 -20.32 32.50
CA LEU H 34 -54.20 -21.77 32.57
C LEU H 34 -54.61 -22.35 33.91
N VAL H 35 -54.32 -21.60 34.99
CA VAL H 35 -54.64 -22.04 36.37
C VAL H 35 -56.14 -22.18 36.55
N GLU H 36 -56.88 -21.21 36.02
CA GLU H 36 -58.34 -21.16 36.08
C GLU H 36 -58.96 -22.31 35.29
N ILE H 37 -58.49 -22.48 34.04
CA ILE H 37 -58.96 -23.54 33.13
C ILE H 37 -58.63 -24.91 33.71
N CYS H 38 -57.48 -25.01 34.38
CA CYS H 38 -57.05 -26.27 34.98
C CYS H 38 -57.81 -26.60 36.25
N THR H 39 -58.10 -25.58 37.06
CA THR H 39 -58.86 -25.76 38.31
C THR H 39 -60.30 -26.13 37.97
N GLU H 40 -60.80 -25.59 36.84
CA GLU H 40 -62.15 -25.90 36.35
C GLU H 40 -62.18 -27.34 35.87
N MET H 41 -61.26 -27.65 34.96
CA MET H 41 -61.12 -28.97 34.36
C MET H 41 -60.86 -30.11 35.32
N GLU H 42 -60.37 -29.77 36.52
CA GLU H 42 -60.10 -30.79 37.52
C GLU H 42 -61.38 -31.11 38.29
N LYS H 43 -62.13 -30.06 38.64
CA LYS H 43 -63.40 -30.14 39.39
C LYS H 43 -64.42 -30.91 38.55
N GLU H 44 -64.32 -30.75 37.22
CA GLU H 44 -65.18 -31.44 36.26
C GLU H 44 -64.71 -32.89 36.11
N GLY H 45 -63.44 -33.16 36.43
CA GLY H 45 -62.90 -34.52 36.34
C GLY H 45 -62.22 -34.92 35.05
N LYS H 46 -61.91 -33.92 34.23
CA LYS H 46 -61.24 -34.10 32.92
C LYS H 46 -59.74 -34.35 33.08
N ILE H 47 -59.14 -33.66 34.05
CA ILE H 47 -57.71 -33.80 34.38
C ILE H 47 -57.54 -34.11 35.87
N SER H 48 -56.41 -34.71 36.21
CA SER H 48 -56.10 -35.06 37.59
C SER H 48 -54.70 -34.65 37.97
N LYS H 49 -54.50 -34.37 39.26
CA LYS H 49 -53.18 -34.01 39.78
C LYS H 49 -52.33 -35.25 39.95
N ILE H 50 -51.08 -35.17 39.48
CA ILE H 50 -50.13 -36.28 39.60
C ILE H 50 -48.83 -35.81 40.21
N GLY H 51 -48.04 -36.78 40.69
CA GLY H 51 -46.74 -36.48 41.29
C GLY H 51 -45.57 -36.62 40.33
N PRO H 52 -44.31 -36.46 40.81
CA PRO H 52 -43.11 -36.56 39.97
C PRO H 52 -42.68 -37.98 39.54
N GLU H 53 -43.42 -39.01 39.97
CA GLU H 53 -43.11 -40.41 39.60
C GLU H 53 -43.54 -40.74 38.17
N ASN H 54 -44.21 -39.76 37.54
CA ASN H 54 -44.65 -39.80 36.15
C ASN H 54 -43.46 -39.05 35.50
N PRO H 55 -42.61 -39.78 34.75
CA PRO H 55 -41.44 -39.17 34.10
C PRO H 55 -41.67 -38.29 32.88
N TYR H 56 -42.91 -38.28 32.40
CA TYR H 56 -43.28 -37.55 31.21
C TYR H 56 -43.79 -36.14 31.38
N ASN H 57 -43.65 -35.38 30.30
CA ASN H 57 -44.15 -34.01 30.22
C ASN H 57 -44.34 -33.63 28.79
N THR H 58 -45.21 -32.65 28.62
CA THR H 58 -45.57 -32.07 27.35
C THR H 58 -45.99 -30.64 27.72
N PRO H 59 -45.40 -29.63 27.07
CA PRO H 59 -45.73 -28.22 27.38
C PRO H 59 -47.16 -27.75 27.15
N VAL H 60 -47.61 -26.80 27.97
CA VAL H 60 -48.93 -26.21 27.82
C VAL H 60 -48.81 -24.74 27.76
N PHE H 61 -49.81 -24.10 27.20
CA PHE H 61 -49.90 -22.65 27.10
C PHE H 61 -51.31 -22.23 26.78
N ALA H 62 -51.48 -20.98 26.36
CA ALA H 62 -52.79 -20.48 26.02
C ALA H 62 -52.68 -19.56 24.85
N ILE H 63 -53.76 -19.53 24.09
CA ILE H 63 -53.87 -18.67 22.92
C ILE H 63 -55.19 -17.95 23.04
N LYS H 64 -55.39 -16.95 22.19
CA LYS H 64 -56.60 -16.16 22.16
C LYS H 64 -57.04 -16.14 20.69
N LYS H 65 -58.10 -16.90 20.40
CA LYS H 65 -58.65 -17.02 19.05
C LYS H 65 -59.32 -15.74 18.51
N LYS H 66 -59.41 -15.62 17.18
CA LYS H 66 -60.06 -14.51 16.48
C LYS H 66 -61.57 -14.68 16.78
N ASP H 67 -62.25 -13.56 17.11
CA ASP H 67 -63.68 -13.50 17.48
C ASP H 67 -63.92 -14.18 18.87
N SER H 68 -62.93 -14.05 19.76
CA SER H 68 -62.97 -14.59 21.13
C SER H 68 -62.12 -13.73 22.06
N THR H 69 -62.62 -13.52 23.28
CA THR H 69 -61.89 -12.77 24.32
C THR H 69 -61.54 -13.79 25.41
N LYS H 70 -62.01 -15.02 25.23
CA LYS H 70 -61.74 -16.11 26.17
C LYS H 70 -60.50 -16.89 25.76
N TRP H 71 -59.65 -17.19 26.75
CA TRP H 71 -58.41 -17.94 26.53
C TRP H 71 -58.72 -19.43 26.30
N ARG H 72 -57.85 -20.07 25.53
CA ARG H 72 -57.97 -21.47 25.15
C ARG H 72 -56.71 -22.24 25.57
N LYS H 73 -56.88 -23.33 26.31
CA LYS H 73 -55.76 -24.12 26.75
C LYS H 73 -55.17 -25.04 25.67
N LEU H 74 -54.00 -24.63 25.17
CA LEU H 74 -53.31 -25.36 24.13
C LEU H 74 -52.14 -26.20 24.65
N VAL H 75 -52.06 -27.45 24.23
CA VAL H 75 -50.97 -28.30 24.66
C VAL H 75 -50.11 -28.69 23.45
N ASP H 76 -48.79 -28.59 23.56
CA ASP H 76 -47.91 -28.95 22.43
C ASP H 76 -47.61 -30.45 22.31
N PHE H 77 -48.61 -31.17 21.87
CA PHE H 77 -48.55 -32.61 21.69
C PHE H 77 -47.75 -33.17 20.54
N ARG H 78 -47.11 -32.28 19.78
CA ARG H 78 -46.31 -32.62 18.61
C ARG H 78 -45.50 -33.89 18.70
N GLU H 79 -44.95 -34.07 19.89
CA GLU H 79 -44.11 -35.21 20.24
C GLU H 79 -44.86 -36.51 20.43
N LEU H 80 -45.95 -36.46 21.20
CA LEU H 80 -46.78 -37.63 21.47
C LEU H 80 -47.41 -38.15 20.18
N ASN H 81 -47.67 -37.23 19.24
CA ASN H 81 -48.23 -37.56 17.95
C ASN H 81 -47.24 -38.38 17.14
N LYS H 82 -45.99 -37.96 17.13
CA LYS H 82 -44.92 -38.68 16.42
C LYS H 82 -44.77 -40.06 17.02
N ARG H 83 -45.01 -40.11 18.34
CA ARG H 83 -44.87 -41.34 19.10
C ARG H 83 -46.06 -42.31 19.09
N THR H 84 -47.18 -41.86 18.56
CA THR H 84 -48.37 -42.71 18.46
C THR H 84 -48.94 -42.77 17.05
N GLN H 85 -48.11 -42.47 16.04
CA GLN H 85 -48.56 -42.46 14.65
C GLN H 85 -49.09 -43.74 14.02
N ASP H 86 -48.77 -44.89 14.62
CA ASP H 86 -49.26 -46.18 14.12
C ASP H 86 -50.74 -46.23 14.48
N PHE H 87 -51.12 -45.58 15.58
CA PHE H 87 -52.52 -45.56 15.97
C PHE H 87 -53.30 -44.67 15.00
N TRP H 88 -52.95 -43.38 14.97
CA TRP H 88 -53.64 -42.39 14.14
C TRP H 88 -53.54 -42.36 12.61
N GLU H 89 -52.84 -43.31 11.99
CA GLU H 89 -52.76 -43.30 10.53
C GLU H 89 -53.11 -44.63 9.88
N VAL H 90 -52.93 -45.71 10.64
CA VAL H 90 -53.14 -47.10 10.18
C VAL H 90 -54.45 -47.86 10.47
N GLN H 91 -54.65 -48.27 11.73
CA GLN H 91 -55.81 -49.06 12.18
C GLN H 91 -57.14 -48.34 11.99
N LEU H 92 -57.14 -47.08 12.44
CA LEU H 92 -58.29 -46.19 12.40
C LEU H 92 -57.85 -44.82 11.77
N GLY H 93 -57.97 -44.71 10.45
CA GLY H 93 -57.63 -43.47 9.72
C GLY H 93 -58.80 -42.53 9.45
N ILE H 94 -58.57 -41.32 8.91
CA ILE H 94 -59.63 -40.35 8.60
C ILE H 94 -59.52 -39.96 7.08
N PRO H 95 -60.47 -40.42 6.21
CA PRO H 95 -60.40 -40.10 4.75
C PRO H 95 -60.35 -38.63 4.35
N HIS H 96 -59.45 -38.29 3.42
CA HIS H 96 -59.31 -36.93 2.92
C HIS H 96 -60.01 -36.77 1.57
N PRO H 97 -60.95 -35.79 1.47
CA PRO H 97 -61.70 -35.51 0.25
C PRO H 97 -60.95 -34.49 -0.62
N ALA H 98 -60.82 -34.82 -1.91
CA ALA H 98 -60.14 -33.92 -2.83
C ALA H 98 -61.05 -32.80 -3.29
N GLY H 99 -62.28 -32.83 -2.78
CA GLY H 99 -63.29 -31.84 -3.11
C GLY H 99 -63.14 -30.47 -2.48
N LEU H 100 -62.84 -30.37 -1.18
CA LEU H 100 -62.76 -29.03 -0.56
C LEU H 100 -61.69 -28.09 -1.08
N LYS H 101 -60.80 -28.64 -1.92
CA LYS H 101 -59.75 -27.88 -2.59
C LYS H 101 -60.50 -27.06 -3.66
N LYS H 102 -61.41 -27.74 -4.36
CA LYS H 102 -62.23 -27.17 -5.44
C LYS H 102 -63.38 -26.26 -4.97
N LYS H 103 -63.53 -26.08 -3.65
CA LYS H 103 -64.59 -25.25 -3.09
C LYS H 103 -64.41 -23.75 -3.17
N LYS H 104 -65.47 -23.00 -2.91
CA LYS H 104 -65.42 -21.53 -2.93
C LYS H 104 -65.08 -20.96 -1.57
N SER H 105 -65.75 -21.45 -0.53
CA SER H 105 -65.53 -21.01 0.84
C SER H 105 -65.44 -22.21 1.76
N VAL H 106 -64.54 -22.13 2.75
CA VAL H 106 -64.38 -23.20 3.73
C VAL H 106 -64.28 -22.55 5.10
N THR H 107 -65.18 -22.95 6.01
CA THR H 107 -65.15 -22.41 7.37
C THR H 107 -64.53 -23.48 8.26
N VAL H 108 -63.75 -23.05 9.24
CA VAL H 108 -63.14 -23.97 10.19
C VAL H 108 -63.92 -23.85 11.48
N LEU H 109 -64.20 -24.97 12.15
CA LEU H 109 -64.95 -24.95 13.40
C LEU H 109 -64.17 -25.64 14.48
N ASP H 110 -64.12 -25.05 15.68
CA ASP H 110 -63.37 -25.70 16.75
C ASP H 110 -64.25 -26.67 17.57
N VAL H 111 -64.42 -27.88 17.03
CA VAL H 111 -65.23 -28.91 17.69
C VAL H 111 -64.47 -29.78 18.67
N GLY H 112 -63.31 -29.28 19.10
CA GLY H 112 -62.48 -30.02 20.03
C GLY H 112 -63.09 -30.33 21.38
N ASP H 113 -64.09 -29.51 21.77
CA ASP H 113 -64.83 -29.61 23.05
C ASP H 113 -65.46 -31.00 23.27
N ALA H 114 -65.82 -31.63 22.15
CA ALA H 114 -66.47 -32.93 22.12
C ALA H 114 -65.67 -34.13 22.65
N TYR H 115 -64.34 -33.99 22.70
CA TYR H 115 -63.48 -35.07 23.19
C TYR H 115 -63.54 -35.31 24.69
N PHE H 116 -63.90 -34.27 25.43
CA PHE H 116 -63.95 -34.34 26.88
C PHE H 116 -65.08 -35.17 27.49
N SER H 117 -65.87 -35.75 26.61
CA SER H 117 -66.99 -36.59 27.01
C SER H 117 -66.51 -38.01 26.97
N VAL H 118 -65.51 -38.25 26.16
CA VAL H 118 -64.96 -39.58 26.00
C VAL H 118 -63.75 -39.84 26.89
N PRO H 119 -63.77 -40.98 27.64
CA PRO H 119 -62.65 -41.33 28.51
C PRO H 119 -61.45 -42.00 27.81
N LEU H 120 -60.26 -41.68 28.32
CA LEU H 120 -58.98 -42.16 27.83
C LEU H 120 -58.49 -43.37 28.63
N ASP H 121 -57.87 -44.33 27.93
CA ASP H 121 -57.30 -45.57 28.49
C ASP H 121 -56.33 -45.25 29.65
N GLU H 122 -56.47 -45.95 30.77
CA GLU H 122 -55.63 -45.76 31.97
C GLU H 122 -54.14 -45.85 31.68
N ASP H 123 -53.77 -46.86 30.91
CA ASP H 123 -52.38 -47.10 30.56
C ASP H 123 -51.75 -46.06 29.65
N PHE H 124 -52.53 -45.05 29.28
CA PHE H 124 -52.07 -43.98 28.41
C PHE H 124 -52.15 -42.59 29.01
N ARG H 125 -52.99 -42.44 30.03
CA ARG H 125 -53.18 -41.15 30.70
C ARG H 125 -51.88 -40.52 31.18
N LYS H 126 -50.91 -41.40 31.50
CA LYS H 126 -49.57 -41.04 31.96
C LYS H 126 -48.76 -40.24 30.92
N TYR H 127 -48.96 -40.59 29.65
CA TYR H 127 -48.26 -39.95 28.51
C TYR H 127 -48.68 -38.53 28.23
N THR H 128 -49.87 -38.18 28.73
CA THR H 128 -50.47 -36.88 28.54
C THR H 128 -50.24 -35.90 29.71
N ALA H 129 -49.14 -36.08 30.44
CA ALA H 129 -48.82 -35.21 31.58
C ALA H 129 -48.24 -33.87 31.17
N PHE H 130 -48.57 -32.83 31.93
CA PHE H 130 -48.08 -31.46 31.68
C PHE H 130 -47.83 -30.72 33.00
N THR H 131 -47.28 -29.51 32.93
CA THR H 131 -46.97 -28.75 34.14
C THR H 131 -47.13 -27.23 34.01
N ILE H 132 -47.91 -26.62 34.91
CA ILE H 132 -48.09 -25.15 34.91
C ILE H 132 -46.94 -24.54 35.72
N PRO H 133 -46.25 -23.53 35.16
CA PRO H 133 -45.14 -22.89 35.88
C PRO H 133 -45.71 -21.85 36.86
N SER H 134 -44.83 -21.20 37.63
CA SER H 134 -45.26 -20.16 38.57
C SER H 134 -44.39 -18.92 38.36
N ILE H 135 -45.03 -17.74 38.35
CA ILE H 135 -44.36 -16.43 38.15
C ILE H 135 -43.32 -16.26 39.26
N ASN H 136 -42.07 -16.11 38.83
CA ASN H 136 -40.88 -15.99 39.69
C ASN H 136 -40.58 -17.22 40.55
N ASN H 137 -41.03 -18.39 40.07
CA ASN H 137 -40.80 -19.66 40.75
C ASN H 137 -41.14 -19.72 42.24
N GLU H 138 -42.29 -19.15 42.60
CA GLU H 138 -42.78 -19.09 43.98
C GLU H 138 -42.90 -20.45 44.60
N THR H 139 -43.47 -21.32 43.78
CA THR H 139 -43.78 -22.70 44.09
C THR H 139 -43.27 -23.57 42.95
N PRO H 140 -43.12 -24.90 43.19
CA PRO H 140 -42.67 -25.71 42.05
C PRO H 140 -43.89 -25.79 41.09
N GLY H 141 -43.69 -26.33 39.90
CA GLY H 141 -44.77 -26.44 38.94
C GLY H 141 -45.85 -27.44 39.35
N ILE H 142 -47.09 -27.17 38.93
CA ILE H 142 -48.19 -28.05 39.28
C ILE H 142 -48.47 -29.00 38.10
N ARG H 143 -48.16 -30.28 38.33
CA ARG H 143 -48.33 -31.35 37.33
C ARG H 143 -49.73 -31.94 37.28
N TYR H 144 -50.23 -32.18 36.05
CA TYR H 144 -51.55 -32.77 35.82
C TYR H 144 -51.51 -33.76 34.65
N GLN H 145 -52.59 -34.49 34.46
CA GLN H 145 -52.72 -35.42 33.33
C GLN H 145 -54.16 -35.59 32.94
N TYR H 146 -54.37 -35.92 31.68
CA TYR H 146 -55.71 -36.12 31.15
C TYR H 146 -56.35 -37.43 31.51
N ASN H 147 -57.66 -37.38 31.68
CA ASN H 147 -58.48 -38.54 32.02
C ASN H 147 -59.40 -38.84 30.86
N VAL H 148 -59.70 -37.77 30.13
CA VAL H 148 -60.54 -37.78 28.95
C VAL H 148 -59.61 -37.67 27.73
N LEU H 149 -60.16 -37.66 26.51
CA LEU H 149 -59.34 -37.50 25.29
C LEU H 149 -58.78 -36.10 25.29
N PRO H 150 -57.50 -35.94 24.95
CA PRO H 150 -56.95 -34.59 24.96
C PRO H 150 -57.09 -33.78 23.67
N GLN H 151 -57.18 -32.46 23.79
CA GLN H 151 -57.28 -31.58 22.62
C GLN H 151 -55.88 -31.20 22.14
N GLY H 152 -55.48 -31.80 21.03
CA GLY H 152 -54.17 -31.52 20.49
C GLY H 152 -53.52 -32.81 20.08
N TRP H 153 -53.97 -33.90 20.70
CA TRP H 153 -53.48 -35.22 20.37
C TRP H 153 -54.17 -35.67 19.10
N LYS H 154 -53.41 -36.26 18.18
CA LYS H 154 -53.93 -36.73 16.91
C LYS H 154 -54.72 -38.03 16.98
N GLY H 155 -54.64 -38.73 18.10
CA GLY H 155 -55.39 -39.97 18.26
C GLY H 155 -56.80 -39.70 18.76
N SER H 156 -57.05 -38.48 19.22
CA SER H 156 -58.37 -38.10 19.69
C SER H 156 -59.43 -38.11 18.60
N PRO H 157 -59.20 -37.47 17.40
CA PRO H 157 -60.22 -37.48 16.33
C PRO H 157 -60.42 -38.85 15.75
N ALA H 158 -59.37 -39.65 15.84
CA ALA H 158 -59.37 -41.01 15.33
C ALA H 158 -60.36 -41.88 16.11
N ILE H 159 -60.39 -41.69 17.42
CA ILE H 159 -61.28 -42.44 18.30
C ILE H 159 -62.68 -41.87 18.20
N PHE H 160 -62.76 -40.56 18.07
CA PHE H 160 -64.05 -39.91 17.98
C PHE H 160 -64.76 -40.03 16.62
N GLN H 161 -64.07 -40.60 15.63
CA GLN H 161 -64.62 -40.81 14.28
C GLN H 161 -65.98 -41.48 14.28
N SER H 162 -66.06 -42.51 15.13
CA SER H 162 -67.24 -43.35 15.35
C SER H 162 -68.44 -42.47 15.62
N SER H 163 -68.31 -41.66 16.66
CA SER H 163 -69.37 -40.76 17.09
C SER H 163 -69.52 -39.53 16.20
N MET H 164 -68.41 -39.05 15.63
CA MET H 164 -68.44 -37.86 14.79
C MET H 164 -69.21 -38.07 13.49
N THR H 165 -69.04 -39.23 12.86
CA THR H 165 -69.76 -39.54 11.62
C THR H 165 -71.27 -39.70 11.82
N LYS H 166 -71.68 -40.20 12.99
CA LYS H 166 -73.10 -40.36 13.37
C LYS H 166 -73.80 -39.01 13.49
N ILE H 167 -73.14 -38.09 14.19
CA ILE H 167 -73.60 -36.73 14.44
C ILE H 167 -73.73 -35.99 13.13
N LEU H 168 -72.75 -36.21 12.26
CA LEU H 168 -72.74 -35.56 10.97
C LEU H 168 -73.61 -36.13 9.85
N GLU H 169 -73.96 -37.42 9.92
CA GLU H 169 -74.79 -38.04 8.87
C GLU H 169 -76.13 -37.41 8.49
N PRO H 170 -76.98 -36.98 9.47
CA PRO H 170 -78.27 -36.35 9.16
C PRO H 170 -78.11 -35.00 8.47
N PHE H 171 -76.98 -34.34 8.70
CA PHE H 171 -76.72 -33.04 8.09
C PHE H 171 -76.24 -33.28 6.64
N ARG H 172 -75.42 -34.33 6.47
CA ARG H 172 -74.89 -34.71 5.16
C ARG H 172 -75.98 -35.29 4.27
N LYS H 173 -76.95 -36.01 4.87
CA LYS H 173 -78.07 -36.62 4.13
C LYS H 173 -78.91 -35.54 3.47
N GLN H 174 -78.99 -34.38 4.10
CA GLN H 174 -79.76 -33.31 3.51
C GLN H 174 -78.96 -32.15 2.93
N ASN H 175 -77.63 -32.34 2.88
CA ASN H 175 -76.70 -31.36 2.30
C ASN H 175 -75.58 -32.26 1.74
N PRO H 176 -75.84 -32.98 0.61
CA PRO H 176 -74.83 -33.87 0.01
C PRO H 176 -73.76 -33.11 -0.77
N ASP H 177 -74.10 -31.87 -1.07
CA ASP H 177 -73.24 -30.94 -1.79
C ASP H 177 -72.15 -30.30 -0.90
N ILE H 178 -72.37 -30.33 0.41
CA ILE H 178 -71.42 -29.77 1.39
C ILE H 178 -70.45 -30.80 1.93
N VAL H 179 -69.17 -30.40 1.94
CA VAL H 179 -68.07 -31.24 2.42
C VAL H 179 -67.55 -30.88 3.79
N ILE H 180 -67.44 -31.92 4.63
CA ILE H 180 -66.94 -31.79 5.97
C ILE H 180 -65.75 -32.74 6.19
N TYR H 181 -64.58 -32.15 6.49
CA TYR H 181 -63.34 -32.88 6.77
C TYR H 181 -62.95 -32.56 8.22
N GLN H 182 -62.43 -33.54 8.95
CA GLN H 182 -61.99 -33.33 10.32
C GLN H 182 -60.46 -33.49 10.47
N TYR H 183 -59.81 -32.41 10.91
CA TYR H 183 -58.36 -32.41 11.16
C TYR H 183 -58.18 -31.94 12.60
N MET H 184 -57.83 -32.87 13.48
CA MET H 184 -57.64 -32.58 14.90
C MET H 184 -58.83 -31.92 15.59
N ASP H 185 -58.61 -30.80 16.29
CA ASP H 185 -59.68 -30.10 17.00
C ASP H 185 -60.63 -29.36 16.07
N ASP H 186 -60.26 -29.30 14.80
CA ASP H 186 -61.05 -28.56 13.84
C ASP H 186 -61.92 -29.33 12.87
N LEU H 187 -62.90 -28.62 12.31
CA LEU H 187 -63.83 -29.19 11.36
C LEU H 187 -63.92 -28.20 10.19
N TYR H 188 -63.40 -28.64 9.03
CA TYR H 188 -63.39 -27.84 7.80
C TYR H 188 -64.68 -28.12 7.05
N VAL H 189 -65.47 -27.05 6.85
CA VAL H 189 -66.76 -27.15 6.19
C VAL H 189 -66.82 -26.25 4.96
N GLY H 190 -66.83 -26.87 3.78
CA GLY H 190 -66.88 -26.13 2.53
C GLY H 190 -68.11 -26.28 1.65
N SER H 191 -68.42 -25.21 0.89
CA SER H 191 -69.58 -25.15 -0.02
C SER H 191 -69.39 -24.28 -1.28
N ASP H 192 -70.08 -24.65 -2.36
CA ASP H 192 -70.03 -23.88 -3.61
C ASP H 192 -71.17 -22.86 -3.63
N LEU H 193 -71.67 -22.54 -2.43
CA LEU H 193 -72.76 -21.60 -2.21
C LEU H 193 -72.32 -20.15 -2.15
N GLU H 194 -73.31 -19.27 -2.07
CA GLU H 194 -73.14 -17.82 -1.98
C GLU H 194 -72.53 -17.48 -0.63
N ILE H 195 -71.76 -16.39 -0.58
CA ILE H 195 -71.08 -15.91 0.63
C ILE H 195 -72.03 -15.80 1.86
N GLY H 196 -73.26 -15.33 1.62
CA GLY H 196 -74.26 -15.16 2.66
C GLY H 196 -74.95 -16.45 3.09
N GLN H 197 -75.28 -17.31 2.11
CA GLN H 197 -75.94 -18.61 2.32
C GLN H 197 -74.99 -19.62 2.99
N HIS H 198 -73.68 -19.44 2.76
CA HIS H 198 -72.63 -20.29 3.34
C HIS H 198 -72.72 -20.02 4.83
N ARG H 199 -72.57 -18.76 5.19
CA ARG H 199 -72.62 -18.32 6.58
C ARG H 199 -73.77 -18.88 7.41
N THR H 200 -74.96 -18.97 6.81
CA THR H 200 -76.13 -19.52 7.50
C THR H 200 -76.15 -21.05 7.58
N LYS H 201 -75.61 -21.75 6.57
CA LYS H 201 -75.56 -23.24 6.63
C LYS H 201 -74.59 -23.65 7.73
N ILE H 202 -73.58 -22.79 7.93
CA ILE H 202 -72.59 -23.00 8.98
C ILE H 202 -73.34 -22.81 10.28
N GLU H 203 -74.19 -21.79 10.33
CA GLU H 203 -74.98 -21.50 11.52
C GLU H 203 -75.88 -22.67 11.87
N GLU H 204 -76.43 -23.32 10.84
CA GLU H 204 -77.30 -24.49 11.02
C GLU H 204 -76.46 -25.64 11.52
N LEU H 205 -75.23 -25.78 11.00
CA LEU H 205 -74.31 -26.84 11.41
C LEU H 205 -73.93 -26.71 12.86
N ARG H 206 -73.73 -25.47 13.31
CA ARG H 206 -73.37 -25.18 14.69
C ARG H 206 -74.48 -25.65 15.58
N GLN H 207 -75.70 -25.33 15.15
CA GLN H 207 -76.91 -25.68 15.87
C GLN H 207 -77.09 -27.16 15.95
N HIS H 208 -76.85 -27.85 14.83
CA HIS H 208 -76.95 -29.30 14.69
C HIS H 208 -76.04 -30.02 15.69
N LEU H 209 -74.82 -29.50 15.85
CA LEU H 209 -73.85 -30.08 16.77
C LEU H 209 -74.19 -29.76 18.21
N LEU H 210 -74.54 -28.49 18.46
CA LEU H 210 -74.93 -27.98 19.80
C LEU H 210 -76.15 -28.73 20.28
N ARG H 211 -76.86 -29.26 19.29
CA ARG H 211 -78.05 -30.04 19.45
C ARG H 211 -77.59 -31.46 19.85
N TRP H 212 -76.56 -32.02 19.19
CA TRP H 212 -76.06 -33.37 19.53
C TRP H 212 -75.17 -33.44 20.75
N GLY H 213 -75.02 -32.29 21.40
CA GLY H 213 -74.23 -32.19 22.61
C GLY H 213 -72.86 -31.57 22.44
N LEU H 214 -72.53 -31.12 21.22
CA LEU H 214 -71.22 -30.52 20.98
C LEU H 214 -71.22 -29.01 20.76
N THR H 215 -70.51 -28.30 21.64
CA THR H 215 -70.39 -26.84 21.57
C THR H 215 -69.28 -26.44 20.60
N THR H 216 -69.50 -25.29 19.99
CA THR H 216 -68.58 -24.68 19.04
C THR H 216 -68.63 -23.21 19.44
N PRO H 217 -67.70 -22.74 20.30
CA PRO H 217 -67.71 -21.33 20.75
C PRO H 217 -67.34 -20.21 19.78
N GLY H 231 -64.29 -10.85 5.97
CA GLY H 231 -64.63 -12.30 5.94
C GLY H 231 -63.59 -13.21 6.57
N TYR H 232 -64.04 -14.09 7.47
CA TYR H 232 -63.21 -15.06 8.20
C TYR H 232 -62.74 -16.28 7.37
N GLU H 233 -63.72 -16.98 6.81
CA GLU H 233 -63.59 -18.20 6.01
C GLU H 233 -62.66 -18.20 4.79
N LEU H 234 -61.98 -19.33 4.62
CA LEU H 234 -61.01 -19.54 3.54
C LEU H 234 -61.58 -19.75 2.16
N HIS H 235 -60.92 -19.16 1.15
CA HIS H 235 -61.37 -19.31 -0.24
C HIS H 235 -60.30 -20.03 -1.06
N PRO H 236 -60.39 -21.37 -1.15
CA PRO H 236 -59.44 -22.21 -1.89
C PRO H 236 -58.97 -21.73 -3.25
N ASP H 237 -59.89 -21.54 -4.19
CA ASP H 237 -59.53 -21.11 -5.52
C ASP H 237 -59.03 -19.68 -5.68
N LYS H 238 -59.01 -18.96 -4.55
CA LYS H 238 -58.52 -17.60 -4.52
C LYS H 238 -57.03 -17.56 -4.08
N TRP H 239 -56.37 -18.71 -4.01
CA TRP H 239 -54.95 -18.78 -3.64
C TRP H 239 -54.07 -18.81 -4.91
N THR H 240 -54.18 -19.92 -5.66
CA THR H 240 -53.46 -20.21 -6.91
C THR H 240 -51.92 -20.00 -6.98
N VAL H 241 -51.26 -20.98 -7.59
CA VAL H 241 -49.80 -21.06 -7.78
C VAL H 241 -49.25 -19.86 -8.54
N GLN H 242 -48.40 -19.08 -7.89
CA GLN H 242 -47.79 -17.94 -8.56
C GLN H 242 -46.43 -18.44 -9.15
N PRO H 243 -46.15 -18.18 -10.47
CA PRO H 243 -44.91 -18.62 -11.14
C PRO H 243 -43.58 -17.92 -10.83
N ILE H 244 -42.50 -18.48 -11.37
CA ILE H 244 -41.16 -17.90 -11.26
C ILE H 244 -41.20 -17.00 -12.47
N VAL H 245 -40.71 -15.78 -12.34
CA VAL H 245 -40.73 -14.89 -13.48
C VAL H 245 -39.45 -14.08 -13.63
N LEU H 246 -39.06 -13.88 -14.89
CA LEU H 246 -37.87 -13.14 -15.27
C LEU H 246 -38.28 -11.70 -15.61
N PRO H 247 -37.44 -10.70 -15.26
CA PRO H 247 -37.77 -9.30 -15.55
C PRO H 247 -37.82 -8.96 -17.05
N GLU H 248 -38.52 -7.89 -17.39
CA GLU H 248 -38.61 -7.44 -18.78
C GLU H 248 -37.99 -6.05 -18.90
N LYS H 249 -36.71 -6.03 -19.27
CA LYS H 249 -35.95 -4.78 -19.45
C LYS H 249 -36.00 -4.32 -20.91
N ASP H 250 -35.92 -3.00 -21.11
CA ASP H 250 -35.91 -2.39 -22.45
C ASP H 250 -34.51 -2.59 -23.02
N SER H 251 -33.51 -2.28 -22.19
CA SER H 251 -32.10 -2.45 -22.54
C SER H 251 -31.48 -3.23 -21.37
N TRP H 252 -30.59 -4.16 -21.68
CA TRP H 252 -29.91 -5.01 -20.69
C TRP H 252 -28.44 -4.67 -20.44
N THR H 253 -28.02 -4.64 -19.18
CA THR H 253 -26.62 -4.36 -18.83
C THR H 253 -25.91 -5.69 -18.56
N VAL H 254 -24.59 -5.63 -18.35
CA VAL H 254 -23.73 -6.79 -18.07
C VAL H 254 -24.19 -7.48 -16.79
N ASN H 255 -24.42 -6.65 -15.78
CA ASN H 255 -24.88 -7.07 -14.47
C ASN H 255 -26.25 -7.75 -14.56
N ASP H 256 -27.15 -7.13 -15.33
CA ASP H 256 -28.51 -7.64 -15.55
C ASP H 256 -28.45 -9.07 -16.10
N ILE H 257 -27.59 -9.26 -17.12
CA ILE H 257 -27.41 -10.57 -17.77
C ILE H 257 -26.85 -11.58 -16.78
N GLN H 258 -25.92 -11.16 -15.93
CA GLN H 258 -25.33 -12.07 -14.95
C GLN H 258 -26.31 -12.54 -13.90
N LYS H 259 -27.14 -11.60 -13.41
CA LYS H 259 -28.15 -11.89 -12.41
C LYS H 259 -29.18 -12.81 -13.04
N LEU H 260 -29.45 -12.56 -14.31
CA LEU H 260 -30.40 -13.34 -15.08
C LEU H 260 -29.90 -14.77 -15.27
N VAL H 261 -28.61 -14.89 -15.58
CA VAL H 261 -27.97 -16.19 -15.79
C VAL H 261 -27.96 -16.98 -14.50
N GLY H 262 -27.83 -16.28 -13.38
CA GLY H 262 -27.84 -16.91 -12.08
C GLY H 262 -29.17 -17.57 -11.80
N LYS H 263 -30.25 -16.79 -11.96
CA LYS H 263 -31.66 -17.20 -11.75
C LYS H 263 -31.94 -18.45 -12.54
N LEU H 264 -31.59 -18.37 -13.82
CA LEU H 264 -31.76 -19.46 -14.77
C LEU H 264 -30.99 -20.70 -14.37
N ASN H 265 -29.75 -20.53 -13.89
CA ASN H 265 -28.93 -21.68 -13.48
C ASN H 265 -29.53 -22.47 -12.32
N TRP H 266 -30.17 -21.77 -11.38
CA TRP H 266 -30.78 -22.48 -10.26
C TRP H 266 -32.12 -23.06 -10.69
N ALA H 267 -32.82 -22.32 -11.54
CA ALA H 267 -34.12 -22.72 -12.07
C ALA H 267 -34.02 -23.98 -12.88
N SER H 268 -32.85 -24.23 -13.47
CA SER H 268 -32.59 -25.42 -14.29
C SER H 268 -32.60 -26.71 -13.47
N GLN H 269 -32.53 -26.56 -12.15
CA GLN H 269 -32.56 -27.69 -11.25
C GLN H 269 -33.99 -28.16 -11.09
N ILE H 270 -34.93 -27.29 -11.43
CA ILE H 270 -36.37 -27.58 -11.37
C ILE H 270 -36.80 -28.03 -12.76
N TYR H 271 -36.65 -27.14 -13.75
CA TYR H 271 -37.00 -27.41 -15.14
C TYR H 271 -35.67 -27.67 -15.87
N PRO H 272 -35.33 -28.95 -16.17
CA PRO H 272 -34.05 -29.27 -16.85
C PRO H 272 -33.87 -28.79 -18.30
N GLY H 273 -34.96 -28.35 -18.93
CA GLY H 273 -34.90 -27.87 -20.30
C GLY H 273 -34.39 -26.46 -20.52
N ILE H 274 -34.17 -25.72 -19.44
CA ILE H 274 -33.67 -24.34 -19.54
C ILE H 274 -32.19 -24.29 -19.92
N LYS H 275 -31.93 -23.61 -21.03
CA LYS H 275 -30.59 -23.43 -21.56
C LYS H 275 -30.15 -22.02 -21.24
N VAL H 276 -28.84 -21.84 -21.03
CA VAL H 276 -28.29 -20.54 -20.71
C VAL H 276 -27.19 -20.11 -21.68
N ARG H 277 -26.67 -21.07 -22.46
CA ARG H 277 -25.59 -20.87 -23.44
C ARG H 277 -25.43 -19.51 -24.14
N GLN H 278 -26.46 -19.12 -24.91
CA GLN H 278 -26.43 -17.86 -25.65
C GLN H 278 -26.43 -16.57 -24.80
N LEU H 279 -26.84 -16.67 -23.53
CA LEU H 279 -26.82 -15.51 -22.64
C LEU H 279 -25.41 -15.28 -22.11
N CYS H 280 -24.67 -16.39 -22.01
CA CYS H 280 -23.28 -16.41 -21.57
C CYS H 280 -22.38 -16.00 -22.72
N LYS H 281 -22.87 -16.19 -23.95
CA LYS H 281 -22.13 -15.84 -25.17
C LYS H 281 -22.11 -14.31 -25.30
N LEU H 282 -23.10 -13.64 -24.70
CA LEU H 282 -23.18 -12.18 -24.69
C LEU H 282 -22.16 -11.62 -23.70
N LEU H 283 -21.77 -12.47 -22.76
CA LEU H 283 -20.79 -12.15 -21.72
C LEU H 283 -19.46 -12.85 -22.04
N ARG H 284 -18.73 -12.28 -22.99
CA ARG H 284 -17.44 -12.81 -23.40
C ARG H 284 -16.42 -11.70 -23.21
N GLY H 285 -15.43 -11.96 -22.36
CA GLY H 285 -14.41 -10.97 -22.05
C GLY H 285 -14.86 -10.22 -20.80
N THR H 286 -13.91 -9.66 -20.06
CA THR H 286 -14.17 -8.93 -18.80
C THR H 286 -14.75 -7.51 -19.03
N LYS H 287 -16.09 -7.43 -18.99
CA LYS H 287 -16.80 -6.15 -19.22
C LYS H 287 -17.10 -5.43 -17.90
N ALA H 288 -17.34 -4.12 -17.96
CA ALA H 288 -17.71 -3.35 -16.75
C ALA H 288 -19.17 -3.67 -16.49
N LEU H 289 -19.54 -3.82 -15.23
CA LEU H 289 -20.91 -4.16 -14.83
C LEU H 289 -22.09 -3.30 -15.33
N THR H 290 -21.84 -2.02 -15.59
CA THR H 290 -22.88 -1.09 -16.06
C THR H 290 -22.85 -0.77 -17.56
N GLU H 291 -22.09 -1.57 -18.32
CA GLU H 291 -21.98 -1.39 -19.77
C GLU H 291 -23.20 -2.07 -20.42
N VAL H 292 -23.91 -1.32 -21.26
CA VAL H 292 -25.13 -1.78 -21.93
C VAL H 292 -24.88 -2.78 -23.08
N ILE H 293 -25.28 -4.05 -22.92
CA ILE H 293 -25.13 -5.04 -24.01
C ILE H 293 -26.45 -5.33 -24.72
N PRO H 294 -26.55 -5.01 -26.02
CA PRO H 294 -27.81 -5.30 -26.71
C PRO H 294 -27.85 -6.82 -26.99
N LEU H 295 -29.07 -7.34 -27.09
CA LEU H 295 -29.32 -8.76 -27.31
C LEU H 295 -29.22 -9.27 -28.75
N THR H 296 -28.63 -10.47 -28.91
CA THR H 296 -28.49 -11.10 -30.22
C THR H 296 -29.77 -11.84 -30.60
N GLU H 297 -29.86 -12.23 -31.87
CA GLU H 297 -31.00 -12.94 -32.44
C GLU H 297 -31.31 -14.24 -31.66
N GLU H 298 -30.28 -15.04 -31.41
CA GLU H 298 -30.45 -16.31 -30.69
C GLU H 298 -30.59 -16.14 -29.18
N ALA H 299 -30.01 -15.05 -28.65
CA ALA H 299 -30.09 -14.74 -27.23
C ALA H 299 -31.54 -14.35 -26.89
N GLU H 300 -32.15 -13.60 -27.82
CA GLU H 300 -33.55 -13.15 -27.71
C GLU H 300 -34.53 -14.31 -27.78
N LEU H 301 -34.18 -15.33 -28.58
CA LEU H 301 -35.00 -16.52 -28.76
C LEU H 301 -34.94 -17.38 -27.49
N GLU H 302 -33.75 -17.48 -26.89
CA GLU H 302 -33.53 -18.26 -25.65
C GLU H 302 -34.17 -17.60 -24.43
N LEU H 303 -34.27 -16.27 -24.46
CA LEU H 303 -34.87 -15.48 -23.38
C LEU H 303 -36.34 -15.89 -23.31
N ALA H 304 -37.09 -15.57 -24.36
CA ALA H 304 -38.51 -15.85 -24.45
C ALA H 304 -38.85 -17.34 -24.38
N GLU H 305 -37.94 -18.19 -24.85
CA GLU H 305 -38.15 -19.64 -24.83
C GLU H 305 -38.01 -20.19 -23.42
N ASN H 306 -37.13 -19.56 -22.63
CA ASN H 306 -36.91 -19.95 -21.22
C ASN H 306 -38.13 -19.50 -20.41
N ARG H 307 -38.65 -18.32 -20.75
CA ARG H 307 -39.83 -17.70 -20.10
C ARG H 307 -41.06 -18.56 -20.32
N GLU H 308 -41.06 -19.26 -21.46
CA GLU H 308 -42.11 -20.17 -21.88
C GLU H 308 -42.16 -21.40 -20.98
N ILE H 309 -40.99 -21.89 -20.58
CA ILE H 309 -40.88 -23.07 -19.71
C ILE H 309 -41.27 -22.71 -18.26
N LEU H 310 -41.16 -21.41 -17.92
CA LEU H 310 -41.52 -20.93 -16.60
C LEU H 310 -43.01 -20.52 -16.53
N LYS H 311 -43.68 -20.55 -17.68
CA LYS H 311 -45.10 -20.25 -17.82
C LYS H 311 -45.94 -21.50 -17.54
N GLU H 312 -45.43 -22.66 -17.97
CA GLU H 312 -46.09 -23.96 -17.75
C GLU H 312 -45.32 -24.65 -16.61
N PRO H 313 -45.99 -24.89 -15.45
CA PRO H 313 -45.39 -25.54 -14.28
C PRO H 313 -44.83 -26.94 -14.47
N VAL H 314 -43.96 -27.33 -13.54
CA VAL H 314 -43.28 -28.63 -13.53
C VAL H 314 -44.22 -29.84 -13.47
N HIS H 315 -44.06 -30.71 -14.47
CA HIS H 315 -44.84 -31.95 -14.61
C HIS H 315 -44.18 -33.06 -13.81
N GLY H 316 -45.00 -33.96 -13.27
CA GLY H 316 -44.48 -35.08 -12.50
C GLY H 316 -44.44 -34.76 -11.03
N VAL H 317 -45.51 -34.11 -10.60
CA VAL H 317 -45.63 -33.74 -9.21
C VAL H 317 -46.82 -34.44 -8.60
N TYR H 318 -46.51 -35.58 -7.99
CA TYR H 318 -47.50 -36.44 -7.35
C TYR H 318 -47.25 -36.54 -5.87
N TYR H 319 -48.32 -36.35 -5.12
CA TYR H 319 -48.30 -36.42 -3.67
C TYR H 319 -48.10 -37.89 -3.28
N ASP H 320 -47.36 -38.13 -2.22
CA ASP H 320 -47.10 -39.48 -1.77
C ASP H 320 -47.45 -39.49 -0.29
N PRO H 321 -48.69 -39.93 0.07
CA PRO H 321 -49.25 -40.02 1.44
C PRO H 321 -48.44 -40.63 2.60
N SER H 322 -47.32 -41.28 2.27
CA SER H 322 -46.43 -41.88 3.25
C SER H 322 -45.27 -40.91 3.58
N LYS H 323 -44.79 -40.20 2.54
CA LYS H 323 -43.69 -39.22 2.67
C LYS H 323 -44.15 -37.89 3.28
N ASP H 324 -43.24 -37.23 3.99
CA ASP H 324 -43.52 -35.94 4.65
C ASP H 324 -43.61 -34.72 3.74
N LEU H 325 -44.46 -33.78 4.13
CA LEU H 325 -44.67 -32.53 3.39
C LEU H 325 -43.65 -31.54 3.94
N ILE H 326 -42.92 -30.87 3.07
CA ILE H 326 -41.90 -29.90 3.49
C ILE H 326 -42.18 -28.52 2.93
N ALA H 327 -41.95 -27.49 3.73
CA ALA H 327 -42.20 -26.14 3.29
C ALA H 327 -41.14 -25.15 3.67
N GLU H 328 -40.70 -24.39 2.67
CA GLU H 328 -39.69 -23.35 2.87
C GLU H 328 -40.36 -22.03 2.60
N ILE H 329 -40.11 -21.09 3.51
CA ILE H 329 -40.64 -19.74 3.41
C ILE H 329 -39.43 -18.81 3.18
N GLN H 330 -39.68 -17.73 2.45
CA GLN H 330 -38.68 -16.70 2.14
C GLN H 330 -39.24 -15.34 2.50
N LYS H 331 -38.47 -14.55 3.26
CA LYS H 331 -38.90 -13.20 3.61
C LYS H 331 -38.51 -12.34 2.45
N GLN H 332 -39.48 -11.71 1.81
CA GLN H 332 -39.19 -10.86 0.68
C GLN H 332 -39.09 -9.38 1.02
N GLY H 333 -39.49 -9.05 2.24
CA GLY H 333 -39.48 -7.67 2.69
C GLY H 333 -40.68 -6.89 2.21
N GLN H 334 -40.94 -5.76 2.90
CA GLN H 334 -42.09 -4.86 2.64
C GLN H 334 -43.41 -5.62 2.87
N GLY H 335 -43.38 -6.62 3.76
CA GLY H 335 -44.56 -7.42 4.08
C GLY H 335 -44.87 -8.63 3.20
N GLN H 336 -44.04 -8.86 2.17
CA GLN H 336 -44.20 -9.99 1.25
C GLN H 336 -43.39 -11.20 1.71
N TRP H 337 -43.98 -12.39 1.60
CA TRP H 337 -43.34 -13.65 2.02
C TRP H 337 -43.68 -14.78 1.08
N THR H 338 -42.70 -15.44 0.48
CA THR H 338 -43.03 -16.55 -0.42
C THR H 338 -42.82 -17.94 0.16
N TYR H 339 -43.63 -18.89 -0.31
CA TYR H 339 -43.52 -20.26 0.15
C TYR H 339 -43.56 -21.27 -0.97
N GLN H 340 -43.00 -22.43 -0.66
CA GLN H 340 -42.93 -23.57 -1.55
C GLN H 340 -43.10 -24.80 -0.71
N ILE H 341 -43.91 -25.73 -1.22
CA ILE H 341 -44.17 -27.00 -0.56
C ILE H 341 -43.79 -28.09 -1.54
N TYR H 342 -42.97 -29.03 -1.09
CA TYR H 342 -42.48 -30.13 -1.92
C TYR H 342 -42.32 -31.39 -1.06
N GLN H 343 -41.92 -32.49 -1.67
CA GLN H 343 -41.67 -33.72 -0.90
C GLN H 343 -40.26 -34.22 -1.13
N GLU H 344 -39.80 -34.12 -2.37
CA GLU H 344 -38.44 -34.46 -2.79
C GLU H 344 -38.07 -33.13 -3.48
N PRO H 345 -36.88 -32.53 -3.16
CA PRO H 345 -36.36 -31.25 -3.70
C PRO H 345 -36.52 -30.94 -5.18
N PHE H 346 -36.76 -29.66 -5.50
CA PHE H 346 -36.98 -29.11 -6.86
C PHE H 346 -38.30 -29.54 -7.53
N LYS H 347 -38.96 -30.52 -6.92
CA LYS H 347 -40.24 -31.06 -7.36
C LYS H 347 -41.33 -30.54 -6.44
N ASN H 348 -41.77 -29.31 -6.72
CA ASN H 348 -42.80 -28.59 -5.97
C ASN H 348 -44.25 -28.93 -6.25
N LEU H 349 -45.01 -29.16 -5.18
CA LEU H 349 -46.45 -29.47 -5.25
C LEU H 349 -47.28 -28.21 -5.33
N LYS H 350 -46.80 -27.18 -4.67
CA LYS H 350 -47.46 -25.88 -4.62
C LYS H 350 -46.44 -24.85 -4.23
N THR H 351 -46.59 -23.66 -4.80
CA THR H 351 -45.74 -22.50 -4.54
C THR H 351 -46.70 -21.33 -4.29
N GLY H 352 -46.22 -20.24 -3.70
CA GLY H 352 -47.11 -19.10 -3.47
C GLY H 352 -46.61 -17.90 -2.66
N LYS H 353 -47.36 -16.81 -2.72
CA LYS H 353 -47.07 -15.54 -2.02
C LYS H 353 -47.84 -15.43 -0.71
N TYR H 354 -47.55 -14.37 0.02
CA TYR H 354 -48.23 -14.10 1.28
C TYR H 354 -48.11 -12.59 1.50
N ALA H 355 -49.21 -11.89 1.27
CA ALA H 355 -49.29 -10.45 1.41
C ALA H 355 -49.61 -9.99 2.83
N ARG H 356 -49.29 -8.72 3.10
CA ARG H 356 -49.52 -8.06 4.40
C ARG H 356 -51.02 -7.83 4.59
N MET H 357 -51.54 -8.28 5.73
CA MET H 357 -52.97 -8.12 6.07
C MET H 357 -53.20 -6.65 6.47
N ARG H 358 -54.36 -6.09 6.09
CA ARG H 358 -54.73 -4.70 6.38
C ARG H 358 -55.12 -4.44 7.85
N GLY H 359 -54.45 -3.48 8.50
CA GLY H 359 -54.76 -3.16 9.90
C GLY H 359 -53.85 -3.62 11.03
N ALA H 360 -52.99 -4.61 10.75
CA ALA H 360 -52.04 -5.16 11.73
C ALA H 360 -50.69 -4.42 11.67
N HIS H 361 -50.02 -4.27 12.82
CA HIS H 361 -48.70 -3.59 12.88
C HIS H 361 -47.52 -4.47 12.42
N THR H 362 -46.56 -3.86 11.71
CA THR H 362 -45.38 -4.58 11.17
C THR H 362 -44.40 -5.11 12.20
N ASN H 363 -44.40 -6.44 12.26
CA ASN H 363 -43.59 -7.23 13.14
C ASN H 363 -43.32 -8.47 12.30
N ASP H 364 -42.05 -8.69 11.97
CA ASP H 364 -41.60 -9.80 11.13
C ASP H 364 -41.94 -11.20 11.64
N VAL H 365 -42.21 -11.29 12.94
CA VAL H 365 -42.46 -12.56 13.58
C VAL H 365 -43.93 -12.87 13.55
N LYS H 366 -44.74 -11.82 13.69
CA LYS H 366 -46.18 -11.89 13.62
C LYS H 366 -46.48 -12.37 12.21
N GLN H 367 -45.76 -11.78 11.26
CA GLN H 367 -45.89 -12.11 9.85
C GLN H 367 -45.43 -13.50 9.51
N LEU H 368 -44.36 -13.96 10.19
CA LEU H 368 -43.85 -15.30 9.98
C LEU H 368 -44.86 -16.29 10.52
N THR H 369 -45.28 -16.11 11.78
CA THR H 369 -46.24 -17.01 12.42
C THR H 369 -47.56 -17.06 11.67
N GLU H 370 -48.00 -15.89 11.17
CA GLU H 370 -49.23 -15.78 10.40
C GLU H 370 -49.06 -16.58 9.13
N ALA H 371 -47.93 -16.37 8.44
CA ALA H 371 -47.62 -17.05 7.20
C ALA H 371 -47.64 -18.55 7.41
N VAL H 372 -47.00 -18.99 8.49
CA VAL H 372 -46.94 -20.41 8.85
C VAL H 372 -48.34 -21.00 8.93
N GLN H 373 -49.19 -20.39 9.75
CA GLN H 373 -50.57 -20.82 9.93
C GLN H 373 -51.38 -20.91 8.65
N LYS H 374 -51.21 -19.93 7.74
CA LYS H 374 -51.93 -19.89 6.45
C LYS H 374 -51.57 -21.08 5.59
N ILE H 375 -50.26 -21.26 5.41
CA ILE H 375 -49.68 -22.34 4.61
C ILE H 375 -50.05 -23.70 5.16
N THR H 376 -50.18 -23.80 6.48
CA THR H 376 -50.55 -25.06 7.11
C THR H 376 -52.00 -25.36 6.84
N THR H 377 -52.83 -24.33 6.92
CA THR H 377 -54.26 -24.49 6.70
C THR H 377 -54.48 -24.95 5.27
N GLU H 378 -53.72 -24.35 4.34
CA GLU H 378 -53.79 -24.71 2.93
C GLU H 378 -53.39 -26.16 2.74
N SER H 379 -52.35 -26.55 3.47
CA SER H 379 -51.82 -27.89 3.42
C SER H 379 -52.78 -28.95 3.97
N ILE H 380 -53.59 -28.54 4.94
CA ILE H 380 -54.58 -29.43 5.54
C ILE H 380 -55.68 -29.59 4.50
N VAL H 381 -56.19 -28.45 4.03
CA VAL H 381 -57.26 -28.39 3.04
C VAL H 381 -56.88 -29.12 1.76
N ILE H 382 -55.63 -29.00 1.35
CA ILE H 382 -55.22 -29.64 0.13
C ILE H 382 -54.79 -31.10 0.27
N TRP H 383 -54.02 -31.40 1.30
CA TRP H 383 -53.51 -32.75 1.50
C TRP H 383 -53.97 -33.51 2.72
N GLY H 384 -54.44 -32.77 3.74
CA GLY H 384 -54.91 -33.40 4.96
C GLY H 384 -53.82 -33.74 5.94
N LYS H 385 -52.67 -33.07 5.78
CA LYS H 385 -51.50 -33.25 6.64
C LYS H 385 -50.84 -31.88 6.79
N THR H 386 -49.96 -31.77 7.77
CA THR H 386 -49.24 -30.53 8.03
C THR H 386 -47.78 -30.59 7.58
N PRO H 387 -47.23 -29.45 7.10
CA PRO H 387 -45.84 -29.63 6.70
C PRO H 387 -44.83 -29.32 7.78
N LYS H 388 -43.60 -29.79 7.52
CA LYS H 388 -42.44 -29.57 8.37
C LYS H 388 -41.89 -28.29 7.75
N PHE H 389 -41.71 -27.26 8.57
CA PHE H 389 -41.25 -25.98 8.07
C PHE H 389 -39.78 -25.65 8.23
N LYS H 390 -39.19 -25.16 7.14
CA LYS H 390 -37.80 -24.72 7.14
C LYS H 390 -37.96 -23.22 7.28
N LEU H 391 -37.86 -22.76 8.53
CA LEU H 391 -38.05 -21.35 8.87
C LEU H 391 -36.90 -20.38 8.71
N PRO H 392 -37.13 -19.23 8.02
CA PRO H 392 -36.06 -18.23 7.84
C PRO H 392 -35.92 -17.32 9.09
N ILE H 393 -35.57 -17.93 10.22
CA ILE H 393 -35.38 -17.20 11.47
C ILE H 393 -34.44 -17.99 12.37
N GLN H 394 -33.74 -17.28 13.27
CA GLN H 394 -32.83 -17.93 14.20
C GLN H 394 -33.70 -18.54 15.28
N LYS H 395 -33.27 -19.70 15.76
CA LYS H 395 -33.98 -20.47 16.77
C LYS H 395 -34.50 -19.70 17.99
N GLU H 396 -33.59 -19.06 18.71
CA GLU H 396 -33.92 -18.29 19.90
C GLU H 396 -34.97 -17.20 19.67
N THR H 397 -34.82 -16.46 18.56
CA THR H 397 -35.73 -15.36 18.18
C THR H 397 -37.18 -15.82 18.08
N TRP H 398 -37.38 -17.01 17.53
CA TRP H 398 -38.70 -17.62 17.36
C TRP H 398 -39.23 -18.18 18.68
N GLU H 399 -38.42 -19.03 19.33
CA GLU H 399 -38.81 -19.68 20.60
C GLU H 399 -39.28 -18.70 21.68
N THR H 400 -38.84 -17.44 21.51
CA THR H 400 -39.11 -16.29 22.38
C THR H 400 -40.47 -15.61 22.10
N TRP H 401 -40.85 -15.44 20.84
CA TRP H 401 -42.11 -14.75 20.57
C TRP H 401 -43.20 -15.40 19.77
N TRP H 402 -43.06 -16.66 19.36
CA TRP H 402 -44.10 -17.26 18.53
C TRP H 402 -45.49 -17.44 19.16
N THR H 403 -45.51 -17.76 20.46
CA THR H 403 -46.77 -17.97 21.18
C THR H 403 -47.59 -16.70 21.41
N GLU H 404 -47.04 -15.56 21.03
CA GLU H 404 -47.75 -14.29 21.18
C GLU H 404 -48.69 -14.07 20.03
N TYR H 405 -48.38 -14.72 18.91
CA TYR H 405 -49.16 -14.56 17.69
C TYR H 405 -49.90 -15.79 17.24
N TRP H 406 -49.75 -16.90 17.98
CA TRP H 406 -50.40 -18.17 17.63
C TRP H 406 -51.88 -18.15 17.95
N GLN H 407 -52.67 -18.58 16.98
CA GLN H 407 -54.13 -18.63 17.06
C GLN H 407 -54.70 -19.96 16.53
N ALA H 408 -53.85 -20.96 16.27
CA ALA H 408 -54.32 -22.25 15.77
C ALA H 408 -54.44 -23.29 16.89
N THR H 409 -55.18 -24.37 16.64
CA THR H 409 -55.32 -25.40 17.66
C THR H 409 -54.28 -26.51 17.50
N TRP H 410 -53.55 -26.47 16.38
CA TRP H 410 -52.50 -27.43 16.06
C TRP H 410 -51.18 -26.67 15.99
N ILE H 411 -50.08 -27.40 16.09
CA ILE H 411 -48.76 -26.77 15.99
C ILE H 411 -47.95 -27.73 15.11
N PRO H 412 -47.43 -27.24 13.95
CA PRO H 412 -46.63 -28.04 13.01
C PRO H 412 -45.16 -28.17 13.38
N GLU H 413 -44.47 -29.05 12.68
CA GLU H 413 -43.05 -29.26 12.90
C GLU H 413 -42.24 -28.19 12.21
N TRP H 414 -41.17 -27.76 12.86
CA TRP H 414 -40.30 -26.76 12.28
C TRP H 414 -38.85 -26.93 12.64
N GLU H 415 -38.02 -26.39 11.77
CA GLU H 415 -36.58 -26.35 11.92
C GLU H 415 -36.23 -24.97 11.37
N PHE H 416 -35.03 -24.52 11.70
CA PHE H 416 -34.56 -23.19 11.31
C PHE H 416 -33.43 -23.23 10.34
N VAL H 417 -33.41 -22.25 9.46
CA VAL H 417 -32.40 -22.25 8.45
C VAL H 417 -31.92 -20.84 8.14
N ASN H 418 -30.61 -20.75 7.97
CA ASN H 418 -30.00 -19.51 7.58
C ASN H 418 -29.34 -19.78 6.24
N THR H 419 -29.86 -19.12 5.22
CA THR H 419 -29.37 -19.25 3.86
C THR H 419 -29.64 -17.90 3.18
N PRO H 420 -28.58 -17.17 2.82
CA PRO H 420 -28.72 -15.87 2.14
C PRO H 420 -29.26 -15.94 0.69
N PRO H 421 -29.96 -14.87 0.22
CA PRO H 421 -30.51 -14.81 -1.14
C PRO H 421 -29.41 -14.51 -2.15
N LEU H 422 -28.89 -15.56 -2.80
CA LEU H 422 -27.83 -15.35 -3.77
C LEU H 422 -28.40 -14.75 -5.04
N VAL H 423 -29.48 -15.34 -5.54
CA VAL H 423 -30.12 -14.83 -6.76
C VAL H 423 -31.50 -14.25 -6.48
N LYS H 424 -31.50 -13.15 -5.71
CA LYS H 424 -32.68 -12.37 -5.23
C LYS H 424 -34.00 -13.13 -5.27
N LEU H 425 -33.87 -14.42 -4.90
CA LEU H 425 -34.90 -15.45 -4.87
C LEU H 425 -35.84 -15.52 -6.07
N TRP H 426 -35.68 -16.56 -6.89
CA TRP H 426 -36.46 -16.94 -8.12
C TRP H 426 -37.89 -16.43 -8.09
N TYR H 427 -38.40 -16.48 -6.86
CA TYR H 427 -39.75 -16.14 -6.45
C TYR H 427 -40.22 -14.68 -6.33
N GLN H 428 -39.29 -13.71 -6.33
CA GLN H 428 -39.61 -12.26 -6.23
C GLN H 428 -40.08 -11.60 -7.56
N LEU H 429 -39.51 -10.44 -7.92
CA LEU H 429 -39.87 -9.68 -9.12
C LEU H 429 -38.81 -9.82 -10.24
MG MG I . 39.24 56.54 -17.50
MG MG J . 39.05 53.17 -16.34
MG MG K . 8.52 -5.79 -24.58
MG MG L . 6.09 -5.20 -25.63
PA TTP M . 36.08 55.22 -18.34
O1A TTP M . 37.51 55.23 -17.93
O2A TTP M . 35.05 54.74 -17.38
O3A TTP M . 35.78 56.57 -19.30
PB TTP M . 36.93 57.40 -20.14
O1B TTP M . 36.68 57.70 -21.58
O2B TTP M . 38.26 56.94 -19.70
O3B TTP M . 36.87 58.76 -19.49
PG TTP M . 36.98 59.27 -17.99
O1G TTP M . 38.21 58.71 -17.39
O2G TTP M . 36.93 60.71 -18.34
O3G TTP M . 35.61 58.47 -17.15
O5' TTP M . 36.03 54.31 -19.64
C5' TTP M . 37.23 53.95 -20.31
C4' TTP M . 36.93 53.47 -21.70
O4' TTP M . 36.03 52.34 -21.59
C3' TTP M . 36.17 54.46 -22.56
O3' TTP M . 37.11 55.28 -23.26
C2' TTP M . 35.46 53.56 -23.55
C1' TTP M . 35.19 52.31 -22.73
N1 TTP M . 33.82 52.23 -22.27
C2 TTP M . 32.82 52.29 -23.20
O2 TTP M . 33.02 52.28 -24.40
N3 TTP M . 31.56 52.32 -22.67
C4 TTP M . 31.22 52.29 -21.33
O4 TTP M . 30.04 52.38 -21.00
C5 TTP M . 32.33 52.15 -20.42
C5M TTP M . 32.05 52.00 -18.96
C6 TTP M . 33.55 52.14 -20.92
MG MG N . -33.76 -27.17 57.05
MG MG O . -32.84 -25.58 54.77
PA TTP P . -31.22 -28.06 55.15
O1A TTP P . -32.36 -27.48 55.87
O2A TTP P . -29.91 -27.35 55.19
O3A TTP P . -31.20 -29.68 55.62
PB TTP P . -32.35 -30.39 56.63
O1B TTP P . -32.40 -31.88 56.63
O2B TTP P . -33.59 -29.63 56.31
O3B TTP P . -31.81 -29.85 58.13
PG TTP P . -31.53 -28.42 59.04
O1G TTP P . -32.54 -27.34 58.92
O2G TTP P . -31.22 -28.99 60.38
O3G TTP P . -30.18 -27.72 58.46
O5' TTP P . -31.68 -28.15 53.63
C5' TTP P . -33.01 -28.50 53.30
C4' TTP P . -33.01 -29.69 52.39
O4' TTP P . -32.08 -29.41 51.32
C3' TTP P . -32.52 -30.97 53.04
O3' TTP P . -33.64 -31.66 53.57
C2' TTP P . -31.89 -31.73 51.88
C1' TTP P . -31.44 -30.61 50.94
N1 TTP P . -30.00 -30.35 50.83
C2 TTP P . -29.20 -31.37 50.38
O2 TTP P . -29.64 -32.50 50.18
N3 TTP P . -27.89 -31.05 50.17
C4 TTP P . -27.29 -29.81 50.41
O4 TTP P . -26.11 -29.66 50.15
C5 TTP P . -28.18 -28.79 50.95
C5M TTP P . -27.63 -27.44 51.31
C6 TTP P . -29.47 -29.11 51.14
#